data_7LHQ
#
_entry.id   7LHQ
#
_entity_poly.entity_id   1
_entity_poly.type   'polypeptide(L)'
_entity_poly.pdbx_seq_one_letter_code
;GSKMSDVKCTSVVLLSVLQQLRVESSSKLWAQCVQLHNDILLAKDTTEAFEKMVSLLSVLLSMQGAVDINKLCEEMLDNR
ATLQ
;
_entity_poly.pdbx_strand_id   A
#
# COMPACT_ATOMS: atom_id res chain seq x y z
N GLY A 1 17.24 -5.84 -17.22
CA GLY A 1 15.92 -5.14 -17.11
C GLY A 1 16.00 -3.80 -17.83
N SER A 2 15.05 -3.56 -18.73
CA SER A 2 15.00 -2.31 -19.49
C SER A 2 14.83 -1.12 -18.56
N LYS A 3 13.97 -1.29 -17.55
CA LYS A 3 13.71 -0.22 -16.58
C LYS A 3 13.31 -0.81 -15.22
N MET A 4 13.43 0.01 -14.17
CA MET A 4 13.09 -0.41 -12.82
C MET A 4 11.81 0.28 -12.37
N SER A 5 10.84 -0.53 -11.92
CA SER A 5 9.56 0.01 -11.46
C SER A 5 9.74 0.87 -10.21
N ASP A 6 8.98 1.96 -10.13
CA ASP A 6 9.06 2.86 -9.00
C ASP A 6 7.82 3.76 -8.94
N VAL A 7 7.57 4.34 -7.77
CA VAL A 7 6.41 5.23 -7.57
C VAL A 7 6.84 6.55 -6.93
N LYS A 8 6.10 7.61 -7.26
CA LYS A 8 6.39 8.94 -6.73
C LYS A 8 6.19 9.00 -5.22
N CYS A 9 5.13 8.33 -4.73
CA CYS A 9 4.83 8.33 -3.31
C CYS A 9 5.97 7.71 -2.51
N THR A 10 6.44 6.54 -2.95
CA THR A 10 7.54 5.84 -2.28
C THR A 10 7.24 5.68 -0.79
N SER A 11 6.72 4.51 -0.42
CA SER A 11 6.38 4.23 0.97
C SER A 11 7.35 3.20 1.57
N VAL A 12 8.03 3.60 2.64
CA VAL A 12 9.00 2.72 3.31
C VAL A 12 8.29 1.80 4.32
N VAL A 13 7.24 2.31 4.95
CA VAL A 13 6.49 1.52 5.92
C VAL A 13 5.76 0.38 5.21
N LEU A 14 5.12 0.71 4.08
CA LEU A 14 4.42 -0.31 3.32
C LEU A 14 5.41 -1.35 2.79
N LEU A 15 6.45 -0.86 2.13
CA LEU A 15 7.46 -1.74 1.55
C LEU A 15 8.08 -2.61 2.65
N SER A 16 8.32 -1.98 3.81
CA SER A 16 8.91 -2.68 4.93
C SER A 16 7.97 -3.77 5.45
N VAL A 17 6.64 -3.54 5.40
CA VAL A 17 5.69 -4.54 5.91
C VAL A 17 5.64 -5.77 4.99
N LEU A 18 5.83 -5.58 3.67
CA LEU A 18 5.82 -6.75 2.75
C LEU A 18 7.14 -7.52 2.92
N GLN A 19 8.20 -6.81 3.30
CA GLN A 19 9.49 -7.44 3.55
C GLN A 19 9.32 -8.41 4.71
N GLN A 20 8.51 -7.99 5.70
CA GLN A 20 8.19 -8.84 6.84
C GLN A 20 7.45 -10.08 6.35
N LEU A 21 6.61 -9.90 5.32
CA LEU A 21 5.86 -11.02 4.75
C LEU A 21 6.81 -11.98 4.01
N ARG A 22 8.01 -11.47 3.68
CA ARG A 22 9.05 -12.25 2.99
C ARG A 22 8.69 -12.52 1.52
N VAL A 23 8.06 -11.53 0.87
CA VAL A 23 7.73 -11.66 -0.56
C VAL A 23 8.89 -11.10 -1.40
N GLU A 24 9.05 -11.62 -2.61
CA GLU A 24 10.13 -11.19 -3.50
C GLU A 24 9.72 -9.92 -4.22
N SER A 25 10.69 -9.08 -4.55
CA SER A 25 10.40 -7.82 -5.25
C SER A 25 9.70 -8.09 -6.59
N SER A 26 9.92 -9.27 -7.16
CA SER A 26 9.30 -9.63 -8.44
C SER A 26 8.08 -10.54 -8.26
N SER A 27 7.77 -10.95 -7.02
CA SER A 27 6.62 -11.82 -6.77
C SER A 27 5.34 -11.12 -7.19
N LYS A 28 4.36 -11.90 -7.67
CA LYS A 28 3.09 -11.34 -8.11
C LYS A 28 2.39 -10.65 -6.94
N LEU A 29 2.36 -11.34 -5.79
CA LEU A 29 1.73 -10.80 -4.58
C LEU A 29 2.42 -9.51 -4.15
N TRP A 30 3.74 -9.47 -4.28
CA TRP A 30 4.52 -8.27 -3.96
C TRP A 30 4.00 -7.12 -4.81
N ALA A 31 3.79 -7.42 -6.10
CA ALA A 31 3.25 -6.46 -7.04
C ALA A 31 1.83 -6.06 -6.64
N GLN A 32 1.06 -7.03 -6.13
CA GLN A 32 -0.32 -6.76 -5.74
C GLN A 32 -0.39 -5.74 -4.61
N CYS A 33 0.48 -5.91 -3.60
CA CYS A 33 0.51 -5.00 -2.47
C CYS A 33 0.89 -3.60 -2.91
N VAL A 34 1.93 -3.52 -3.75
CA VAL A 34 2.41 -2.25 -4.27
C VAL A 34 1.34 -1.61 -5.15
N GLN A 35 0.70 -2.41 -6.00
CA GLN A 35 -0.33 -1.92 -6.91
C GLN A 35 -1.53 -1.38 -6.14
N LEU A 36 -1.94 -2.09 -5.09
CA LEU A 36 -3.07 -1.64 -4.28
C LEU A 36 -2.72 -0.31 -3.60
N HIS A 37 -1.45 -0.15 -3.21
CA HIS A 37 -0.98 1.10 -2.62
C HIS A 37 -1.20 2.21 -3.64
N ASN A 38 -0.78 1.92 -4.87
CA ASN A 38 -0.94 2.86 -5.97
C ASN A 38 -2.42 3.14 -6.21
N ASP A 39 -3.25 2.09 -6.07
CA ASP A 39 -4.68 2.24 -6.28
C ASP A 39 -5.24 3.23 -5.26
N ILE A 40 -4.79 3.13 -4.02
CA ILE A 40 -5.25 4.03 -2.96
C ILE A 40 -4.93 5.47 -3.39
N LEU A 41 -3.73 5.65 -3.92
CA LEU A 41 -3.29 6.96 -4.41
C LEU A 41 -4.21 7.41 -5.54
N LEU A 42 -4.66 6.44 -6.37
CA LEU A 42 -5.55 6.75 -7.50
C LEU A 42 -6.94 7.15 -7.00
N ALA A 43 -7.39 6.51 -5.91
CA ALA A 43 -8.71 6.82 -5.35
C ALA A 43 -8.84 8.32 -5.09
N LYS A 44 -9.89 8.91 -5.65
CA LYS A 44 -10.15 10.35 -5.47
C LYS A 44 -11.12 10.61 -4.32
N ASP A 45 -11.74 9.55 -3.79
CA ASP A 45 -12.69 9.67 -2.69
C ASP A 45 -12.21 8.88 -1.50
N THR A 46 -12.64 9.29 -0.30
CA THR A 46 -12.27 8.60 0.93
C THR A 46 -12.76 7.15 0.87
N THR A 47 -14.00 6.98 0.39
CA THR A 47 -14.60 5.66 0.27
C THR A 47 -13.80 4.79 -0.71
N GLU A 48 -13.43 5.36 -1.86
CA GLU A 48 -12.68 4.62 -2.87
C GLU A 48 -11.32 4.21 -2.32
N ALA A 49 -10.65 5.14 -1.66
CA ALA A 49 -9.35 4.88 -1.05
C ALA A 49 -9.49 3.82 0.03
N PHE A 50 -10.56 3.93 0.83
CA PHE A 50 -10.80 2.98 1.92
C PHE A 50 -10.89 1.55 1.39
N GLU A 51 -11.66 1.34 0.32
CA GLU A 51 -11.82 0.01 -0.27
C GLU A 51 -10.47 -0.52 -0.75
N LYS A 52 -9.67 0.38 -1.32
CA LYS A 52 -8.34 0.05 -1.83
C LYS A 52 -7.40 -0.26 -0.66
N MET A 53 -7.56 0.49 0.44
CA MET A 53 -6.74 0.30 1.64
C MET A 53 -6.98 -1.08 2.23
N VAL A 54 -8.25 -1.50 2.27
CA VAL A 54 -8.58 -2.83 2.79
C VAL A 54 -8.13 -3.90 1.81
N SER A 55 -8.16 -3.59 0.51
CA SER A 55 -7.70 -4.55 -0.50
C SER A 55 -6.21 -4.79 -0.30
N LEU A 56 -5.47 -3.69 -0.10
CA LEU A 56 -4.04 -3.75 0.11
C LEU A 56 -3.73 -4.62 1.34
N LEU A 57 -4.44 -4.33 2.42
CA LEU A 57 -4.28 -5.08 3.67
C LEU A 57 -4.73 -6.52 3.48
N SER A 58 -5.75 -6.73 2.66
CA SER A 58 -6.26 -8.07 2.41
C SER A 58 -5.13 -8.94 1.86
N VAL A 59 -4.30 -8.35 0.99
CA VAL A 59 -3.18 -9.09 0.40
C VAL A 59 -2.09 -9.34 1.46
N LEU A 60 -1.76 -8.28 2.24
CA LEU A 60 -0.71 -8.37 3.26
C LEU A 60 -1.07 -9.33 4.40
N LEU A 61 -2.29 -9.18 4.91
CA LEU A 61 -2.80 -10.00 6.01
C LEU A 61 -2.87 -11.45 5.58
N SER A 62 -3.42 -11.65 4.40
CA SER A 62 -3.55 -13.00 3.84
C SER A 62 -2.19 -13.64 3.64
N MET A 63 -1.23 -12.83 3.18
CA MET A 63 0.12 -13.30 2.91
C MET A 63 0.81 -13.89 4.16
N GLN A 64 0.79 -13.16 5.29
CA GLN A 64 1.44 -13.67 6.51
C GLN A 64 0.90 -13.00 7.77
N GLY A 65 0.48 -11.74 7.65
CA GLY A 65 -0.07 -11.01 8.80
C GLY A 65 0.90 -9.96 9.36
N ALA A 66 1.79 -9.45 8.52
CA ALA A 66 2.75 -8.42 8.95
C ALA A 66 1.98 -7.17 9.41
N VAL A 67 2.49 -6.50 10.45
CA VAL A 67 1.82 -5.31 10.99
C VAL A 67 2.60 -4.03 10.66
N ASP A 68 1.92 -3.10 9.99
CA ASP A 68 2.51 -1.80 9.61
C ASP A 68 1.57 -1.07 8.63
N ILE A 69 0.82 -1.86 7.84
CA ILE A 69 -0.12 -1.30 6.87
C ILE A 69 -1.12 -0.35 7.56
N ASN A 70 -1.39 -0.61 8.84
CA ASN A 70 -2.33 0.24 9.60
C ASN A 70 -1.78 1.66 9.66
N LYS A 71 -0.46 1.78 9.86
CA LYS A 71 0.20 3.08 9.92
C LYS A 71 0.06 3.80 8.59
N LEU A 72 0.23 3.05 7.50
CA LEU A 72 0.13 3.61 6.15
C LEU A 72 -1.30 4.06 5.86
N CYS A 73 -2.25 3.18 6.17
CA CYS A 73 -3.65 3.44 5.92
C CYS A 73 -4.18 4.60 6.77
N GLU A 74 -3.87 4.58 8.08
CA GLU A 74 -4.35 5.63 8.97
C GLU A 74 -3.70 6.97 8.66
N GLU A 75 -2.45 6.94 8.19
CA GLU A 75 -1.77 8.17 7.84
C GLU A 75 -2.24 8.66 6.47
N MET A 76 -2.48 7.70 5.58
CA MET A 76 -2.96 7.98 4.24
C MET A 76 -4.31 8.66 4.34
N LEU A 77 -5.17 8.10 5.18
CA LEU A 77 -6.51 8.65 5.40
C LEU A 77 -6.39 10.06 5.98
N ASP A 78 -5.42 10.23 6.88
CA ASP A 78 -5.17 11.53 7.49
C ASP A 78 -4.82 12.53 6.39
N ASN A 79 -4.00 12.09 5.44
CA ASN A 79 -3.60 12.94 4.32
C ASN A 79 -4.82 13.33 3.50
N ARG A 80 -5.70 12.35 3.26
CA ARG A 80 -6.93 12.60 2.50
C ARG A 80 -7.83 13.60 3.24
N ALA A 81 -7.88 13.45 4.58
CA ALA A 81 -8.69 14.34 5.40
C ALA A 81 -8.22 15.79 5.29
N THR A 82 -9.18 16.70 5.24
CA THR A 82 -8.87 18.13 5.11
C THR A 82 -9.97 18.98 5.75
N LEU A 83 -9.60 20.17 6.23
CA LEU A 83 -10.55 21.08 6.86
C LEU A 83 -11.63 21.50 5.87
N GLN A 84 -11.22 21.76 4.63
CA GLN A 84 -12.15 22.17 3.58
C GLN A 84 -13.19 21.09 3.31
N GLY A 1 16.61 4.80 -18.86
CA GLY A 1 16.04 4.80 -17.48
C GLY A 1 16.55 3.59 -16.71
N SER A 2 15.64 2.66 -16.41
CA SER A 2 15.99 1.45 -15.68
C SER A 2 15.00 0.33 -16.00
N LYS A 3 15.40 -0.91 -15.70
CA LYS A 3 14.56 -2.07 -15.96
C LYS A 3 13.27 -1.99 -15.15
N MET A 4 13.38 -1.53 -13.90
CA MET A 4 12.21 -1.39 -13.03
C MET A 4 11.36 -0.21 -13.46
N SER A 5 10.03 -0.38 -13.35
CA SER A 5 9.09 0.69 -13.74
C SER A 5 9.22 1.87 -12.79
N ASP A 6 9.04 3.08 -13.34
CA ASP A 6 9.13 4.30 -12.55
C ASP A 6 8.06 4.32 -11.46
N VAL A 7 8.42 4.85 -10.29
CA VAL A 7 7.48 4.93 -9.17
C VAL A 7 7.66 6.26 -8.42
N LYS A 8 6.55 6.83 -7.98
CA LYS A 8 6.57 8.11 -7.25
C LYS A 8 5.79 7.99 -5.95
N CYS A 9 6.19 8.79 -4.95
CA CYS A 9 5.52 8.78 -3.64
C CYS A 9 5.57 7.38 -3.01
N THR A 10 6.75 6.76 -3.09
CA THR A 10 6.93 5.42 -2.53
C THR A 10 6.80 5.48 -1.01
N SER A 11 6.29 4.39 -0.43
CA SER A 11 6.09 4.31 1.02
C SER A 11 7.09 3.32 1.63
N VAL A 12 7.78 3.77 2.69
CA VAL A 12 8.77 2.93 3.38
C VAL A 12 8.10 2.02 4.39
N VAL A 13 7.03 2.51 5.04
CA VAL A 13 6.31 1.71 6.02
C VAL A 13 5.64 0.54 5.32
N LEU A 14 4.96 0.82 4.21
CA LEU A 14 4.29 -0.22 3.45
C LEU A 14 5.31 -1.23 2.92
N LEU A 15 6.35 -0.73 2.27
CA LEU A 15 7.39 -1.59 1.72
C LEU A 15 7.99 -2.43 2.84
N SER A 16 8.18 -1.79 3.99
CA SER A 16 8.72 -2.48 5.16
C SER A 16 7.80 -3.60 5.63
N VAL A 17 6.48 -3.37 5.59
CA VAL A 17 5.54 -4.40 6.07
C VAL A 17 5.54 -5.63 5.16
N LEU A 18 5.75 -5.45 3.84
CA LEU A 18 5.79 -6.62 2.94
C LEU A 18 7.11 -7.38 3.14
N GLN A 19 8.16 -6.65 3.53
CA GLN A 19 9.45 -7.27 3.81
C GLN A 19 9.27 -8.24 4.97
N GLN A 20 8.44 -7.82 5.93
CA GLN A 20 8.10 -8.66 7.08
C GLN A 20 7.39 -9.92 6.58
N LEU A 21 6.55 -9.75 5.53
CA LEU A 21 5.83 -10.89 4.95
C LEU A 21 6.82 -11.83 4.23
N ARG A 22 8.02 -11.32 3.93
CA ARG A 22 9.08 -12.09 3.26
C ARG A 22 8.76 -12.37 1.78
N VAL A 23 8.13 -11.39 1.12
CA VAL A 23 7.82 -11.54 -0.32
C VAL A 23 9.00 -10.97 -1.13
N GLU A 24 9.19 -11.50 -2.35
CA GLU A 24 10.28 -11.06 -3.21
C GLU A 24 9.87 -9.80 -3.96
N SER A 25 10.85 -8.94 -4.26
CA SER A 25 10.56 -7.70 -4.96
C SER A 25 9.90 -7.96 -6.31
N SER A 26 10.14 -9.15 -6.88
CA SER A 26 9.56 -9.51 -8.18
C SER A 26 8.33 -10.42 -8.04
N SER A 27 8.00 -10.83 -6.81
CA SER A 27 6.84 -11.70 -6.58
C SER A 27 5.56 -11.01 -7.03
N LYS A 28 4.61 -11.80 -7.53
CA LYS A 28 3.33 -11.24 -8.00
C LYS A 28 2.63 -10.57 -6.83
N LEU A 29 2.56 -11.28 -5.70
CA LEU A 29 1.91 -10.76 -4.48
C LEU A 29 2.58 -9.46 -4.03
N TRP A 30 3.91 -9.41 -4.15
CA TRP A 30 4.67 -8.21 -3.79
C TRP A 30 4.15 -7.05 -4.65
N ALA A 31 3.98 -7.34 -5.94
CA ALA A 31 3.44 -6.36 -6.88
C ALA A 31 2.02 -5.98 -6.52
N GLN A 32 1.25 -6.97 -6.05
CA GLN A 32 -0.15 -6.71 -5.69
C GLN A 32 -0.26 -5.70 -4.55
N CYS A 33 0.58 -5.86 -3.52
CA CYS A 33 0.56 -4.96 -2.38
C CYS A 33 0.95 -3.54 -2.81
N VAL A 34 2.01 -3.46 -3.60
CA VAL A 34 2.50 -2.17 -4.10
C VAL A 34 1.44 -1.53 -5.02
N GLN A 35 0.86 -2.34 -5.90
CA GLN A 35 -0.16 -1.85 -6.83
C GLN A 35 -1.39 -1.33 -6.10
N LEU A 36 -1.82 -2.05 -5.06
CA LEU A 36 -2.99 -1.63 -4.29
C LEU A 36 -2.68 -0.30 -3.59
N HIS A 37 -1.42 -0.13 -3.15
CA HIS A 37 -0.99 1.13 -2.54
C HIS A 37 -1.19 2.24 -3.57
N ASN A 38 -0.74 1.97 -4.79
CA ASN A 38 -0.87 2.91 -5.89
C ASN A 38 -2.35 3.17 -6.17
N ASP A 39 -3.16 2.11 -6.07
CA ASP A 39 -4.59 2.25 -6.32
C ASP A 39 -5.21 3.22 -5.32
N ILE A 40 -4.78 3.11 -4.05
CA ILE A 40 -5.29 4.00 -3.01
C ILE A 40 -4.97 5.46 -3.41
N LEU A 41 -3.76 5.65 -3.91
CA LEU A 41 -3.33 6.96 -4.37
C LEU A 41 -4.23 7.41 -5.53
N LEU A 42 -4.64 6.47 -6.38
CA LEU A 42 -5.52 6.76 -7.51
C LEU A 42 -6.92 7.15 -7.03
N ALA A 43 -7.37 6.49 -5.96
CA ALA A 43 -8.71 6.77 -5.41
C ALA A 43 -8.85 8.26 -5.13
N LYS A 44 -9.89 8.86 -5.72
CA LYS A 44 -10.15 10.30 -5.52
C LYS A 44 -11.18 10.53 -4.40
N ASP A 45 -11.82 9.45 -3.93
CA ASP A 45 -12.81 9.54 -2.88
C ASP A 45 -12.37 8.73 -1.67
N THR A 46 -12.89 9.11 -0.49
CA THR A 46 -12.56 8.40 0.73
C THR A 46 -13.02 6.94 0.62
N THR A 47 -14.21 6.76 0.07
CA THR A 47 -14.78 5.42 -0.11
C THR A 47 -13.90 4.60 -1.05
N GLU A 48 -13.49 5.20 -2.17
CA GLU A 48 -12.66 4.49 -3.15
C GLU A 48 -11.33 4.09 -2.53
N ALA A 49 -10.71 5.04 -1.83
CA ALA A 49 -9.44 4.79 -1.16
C ALA A 49 -9.61 3.71 -0.09
N PHE A 50 -10.72 3.78 0.65
CA PHE A 50 -11.00 2.82 1.72
C PHE A 50 -11.04 1.38 1.17
N GLU A 51 -11.77 1.18 0.07
CA GLU A 51 -11.88 -0.14 -0.54
C GLU A 51 -10.50 -0.65 -0.98
N LYS A 52 -9.71 0.28 -1.50
CA LYS A 52 -8.35 -0.03 -1.98
C LYS A 52 -7.44 -0.33 -0.78
N MET A 53 -7.64 0.40 0.32
CA MET A 53 -6.86 0.20 1.55
C MET A 53 -7.11 -1.18 2.10
N VAL A 54 -8.38 -1.60 2.11
CA VAL A 54 -8.71 -2.94 2.62
C VAL A 54 -8.23 -4.00 1.64
N SER A 55 -8.23 -3.67 0.34
CA SER A 55 -7.74 -4.60 -0.67
C SER A 55 -6.23 -4.82 -0.48
N LEU A 56 -5.53 -3.73 -0.19
CA LEU A 56 -4.08 -3.76 0.04
C LEU A 56 -3.79 -4.62 1.28
N LEU A 57 -4.51 -4.34 2.35
CA LEU A 57 -4.36 -5.09 3.60
C LEU A 57 -4.80 -6.53 3.41
N SER A 58 -5.79 -6.75 2.55
CA SER A 58 -6.28 -8.10 2.30
C SER A 58 -5.13 -8.97 1.81
N VAL A 59 -4.27 -8.40 0.95
CA VAL A 59 -3.13 -9.14 0.44
C VAL A 59 -2.06 -9.34 1.53
N LEU A 60 -1.77 -8.27 2.29
CA LEU A 60 -0.75 -8.32 3.34
C LEU A 60 -1.13 -9.27 4.48
N LEU A 61 -2.36 -9.14 4.95
CA LEU A 61 -2.87 -9.95 6.05
C LEU A 61 -2.92 -11.42 5.62
N SER A 62 -3.43 -11.63 4.43
CA SER A 62 -3.54 -12.98 3.86
C SER A 62 -2.16 -13.61 3.70
N MET A 63 -1.20 -12.78 3.27
CA MET A 63 0.16 -13.24 3.02
C MET A 63 0.82 -13.82 4.28
N GLN A 64 0.78 -13.09 5.40
CA GLN A 64 1.39 -13.60 6.65
C GLN A 64 0.81 -12.92 7.89
N GLY A 65 0.40 -11.66 7.76
CA GLY A 65 -0.18 -10.92 8.89
C GLY A 65 0.76 -9.86 9.45
N ALA A 66 1.67 -9.34 8.62
CA ALA A 66 2.60 -8.30 9.06
C ALA A 66 1.82 -7.06 9.49
N VAL A 67 2.30 -6.38 10.54
CA VAL A 67 1.61 -5.19 11.07
C VAL A 67 2.40 -3.91 10.75
N ASP A 68 1.72 -2.97 10.07
CA ASP A 68 2.30 -1.67 9.69
C ASP A 68 1.37 -0.96 8.69
N ILE A 69 0.63 -1.75 7.90
CA ILE A 69 -0.30 -1.19 6.92
C ILE A 69 -1.32 -0.28 7.59
N ASN A 70 -1.62 -0.55 8.87
CA ASN A 70 -2.58 0.28 9.60
C ASN A 70 -2.07 1.72 9.68
N LYS A 71 -0.76 1.86 9.90
CA LYS A 71 -0.13 3.17 9.97
C LYS A 71 -0.25 3.89 8.64
N LEU A 72 -0.06 3.15 7.56
CA LEU A 72 -0.15 3.70 6.21
C LEU A 72 -1.57 4.12 5.89
N CYS A 73 -2.51 3.23 6.19
CA CYS A 73 -3.92 3.46 5.93
C CYS A 73 -4.48 4.61 6.76
N GLU A 74 -4.19 4.60 8.06
CA GLU A 74 -4.70 5.63 8.96
C GLU A 74 -4.07 6.99 8.66
N GLU A 75 -2.82 6.97 8.21
CA GLU A 75 -2.14 8.23 7.87
C GLU A 75 -2.60 8.71 6.49
N MET A 76 -2.81 7.74 5.60
CA MET A 76 -3.28 8.02 4.25
C MET A 76 -4.64 8.68 4.33
N LEU A 77 -5.50 8.09 5.16
CA LEU A 77 -6.85 8.60 5.37
C LEU A 77 -6.76 9.98 6.02
N ASP A 78 -5.80 10.15 6.93
CA ASP A 78 -5.60 11.43 7.61
C ASP A 78 -5.31 12.50 6.57
N ASN A 79 -4.49 12.15 5.58
CA ASN A 79 -4.15 13.07 4.50
C ASN A 79 -5.42 13.48 3.75
N ARG A 80 -6.29 12.51 3.49
CA ARG A 80 -7.55 12.75 2.80
C ARG A 80 -8.45 13.66 3.63
N ALA A 81 -8.43 13.45 4.95
CA ALA A 81 -9.25 14.24 5.87
C ALA A 81 -8.87 15.72 5.78
N THR A 82 -7.56 15.98 5.70
CA THR A 82 -7.05 17.34 5.61
C THR A 82 -7.61 18.21 6.74
N LEU A 83 -6.85 18.30 7.84
CA LEU A 83 -7.26 19.09 8.99
C LEU A 83 -7.39 20.57 8.62
N GLN A 84 -6.45 21.06 7.80
CA GLN A 84 -6.46 22.45 7.36
C GLN A 84 -5.72 22.61 6.03
N GLY A 1 17.70 19.64 -5.63
CA GLY A 1 17.23 18.34 -6.20
C GLY A 1 16.21 18.59 -7.30
N SER A 2 16.55 18.14 -8.51
CA SER A 2 15.66 18.31 -9.66
C SER A 2 14.35 17.56 -9.45
N LYS A 3 13.24 18.19 -9.85
CA LYS A 3 11.91 17.59 -9.70
C LYS A 3 11.83 16.29 -10.50
N MET A 4 12.42 16.31 -11.70
CA MET A 4 12.40 15.13 -12.57
C MET A 4 13.14 13.96 -11.93
N SER A 5 14.25 14.27 -11.27
CA SER A 5 15.06 13.24 -10.59
C SER A 5 14.25 12.56 -9.48
N ASP A 6 13.48 13.37 -8.75
CA ASP A 6 12.65 12.86 -7.66
C ASP A 6 11.29 12.41 -8.17
N VAL A 7 11.09 11.10 -8.23
CA VAL A 7 9.82 10.54 -8.71
C VAL A 7 9.31 9.48 -7.74
N LYS A 8 7.99 9.22 -7.79
CA LYS A 8 7.37 8.23 -6.93
C LYS A 8 7.24 6.90 -7.66
N CYS A 9 7.81 5.84 -7.08
CA CYS A 9 7.76 4.51 -7.68
C CYS A 9 6.85 3.57 -6.88
N THR A 10 7.21 3.37 -5.61
CA THR A 10 6.46 2.49 -4.74
C THR A 10 6.65 2.88 -3.27
N SER A 11 6.00 2.11 -2.39
CA SER A 11 6.09 2.36 -0.95
C SER A 11 7.11 1.40 -0.32
N VAL A 12 8.01 1.95 0.49
CA VAL A 12 9.04 1.14 1.15
C VAL A 12 8.52 0.49 2.42
N VAL A 13 7.64 1.20 3.14
CA VAL A 13 7.08 0.67 4.37
C VAL A 13 6.12 -0.48 4.07
N LEU A 14 5.23 -0.27 3.09
CA LEU A 14 4.29 -1.29 2.72
C LEU A 14 5.00 -2.50 2.12
N LEU A 15 5.96 -2.23 1.23
CA LEU A 15 6.73 -3.30 0.60
C LEU A 15 7.50 -4.06 1.68
N SER A 16 8.05 -3.31 2.64
CA SER A 16 8.81 -3.91 3.73
C SER A 16 7.92 -4.84 4.56
N VAL A 17 6.67 -4.43 4.79
CA VAL A 17 5.76 -5.27 5.60
C VAL A 17 5.45 -6.60 4.88
N LEU A 18 5.45 -6.60 3.54
CA LEU A 18 5.19 -7.86 2.82
C LEU A 18 6.44 -8.76 2.96
N GLN A 19 7.62 -8.14 3.05
CA GLN A 19 8.87 -8.88 3.24
C GLN A 19 8.77 -9.65 4.56
N GLN A 20 8.14 -9.00 5.55
CA GLN A 20 7.92 -9.62 6.85
C GLN A 20 7.06 -10.86 6.64
N LEU A 21 6.10 -10.77 5.69
CA LEU A 21 5.23 -11.92 5.38
C LEU A 21 6.06 -13.03 4.72
N ARG A 22 7.23 -12.66 4.17
CA ARG A 22 8.15 -13.59 3.51
C ARG A 22 7.62 -14.07 2.15
N VAL A 23 6.95 -13.18 1.40
CA VAL A 23 6.44 -13.53 0.07
C VAL A 23 7.49 -13.16 -0.98
N GLU A 24 7.49 -13.89 -2.10
CA GLU A 24 8.45 -13.64 -3.17
C GLU A 24 7.97 -12.48 -4.03
N SER A 25 8.91 -11.70 -4.56
CA SER A 25 8.55 -10.54 -5.37
C SER A 25 7.71 -10.95 -6.57
N SER A 26 7.83 -12.22 -7.01
CA SER A 26 7.07 -12.71 -8.16
C SER A 26 5.81 -13.51 -7.72
N SER A 27 5.64 -13.73 -6.42
CA SER A 27 4.47 -14.48 -5.92
C SER A 27 3.18 -13.77 -6.28
N LYS A 28 2.11 -14.54 -6.52
CA LYS A 28 0.82 -13.96 -6.88
C LYS A 28 0.31 -13.09 -5.73
N LEU A 29 0.41 -13.63 -4.52
CA LEU A 29 -0.03 -12.92 -3.31
C LEU A 29 0.77 -11.64 -3.15
N TRP A 30 2.07 -11.71 -3.45
CA TRP A 30 2.95 -10.53 -3.39
C TRP A 30 2.38 -9.47 -4.33
N ALA A 31 1.98 -9.93 -5.52
CA ALA A 31 1.39 -9.06 -6.52
C ALA A 31 0.10 -8.46 -5.99
N GLN A 32 -0.66 -9.23 -5.21
CA GLN A 32 -1.93 -8.76 -4.67
C GLN A 32 -1.70 -7.57 -3.73
N CYS A 33 -0.68 -7.67 -2.88
CA CYS A 33 -0.38 -6.60 -1.93
C CYS A 33 0.03 -5.32 -2.67
N VAL A 34 0.91 -5.48 -3.65
CA VAL A 34 1.40 -4.35 -4.45
C VAL A 34 0.26 -3.76 -5.29
N GLN A 35 -0.53 -4.63 -5.90
CA GLN A 35 -1.65 -4.19 -6.75
C GLN A 35 -2.70 -3.44 -5.95
N LEU A 36 -3.02 -3.94 -4.75
CA LEU A 36 -4.01 -3.29 -3.90
C LEU A 36 -3.48 -1.91 -3.50
N HIS A 37 -2.17 -1.83 -3.25
CA HIS A 37 -1.52 -0.56 -2.92
C HIS A 37 -1.73 0.40 -4.09
N ASN A 38 -1.47 -0.12 -5.29
CA ASN A 38 -1.64 0.66 -6.51
C ASN A 38 -3.09 1.08 -6.65
N ASP A 39 -4.01 0.18 -6.30
CA ASP A 39 -5.43 0.46 -6.38
C ASP A 39 -5.80 1.62 -5.47
N ILE A 40 -5.21 1.65 -4.27
CA ILE A 40 -5.47 2.73 -3.31
C ILE A 40 -5.13 4.06 -3.98
N LEU A 41 -3.99 4.08 -4.66
CA LEU A 41 -3.53 5.27 -5.37
C LEU A 41 -4.55 5.63 -6.46
N LEU A 42 -5.14 4.60 -7.08
CA LEU A 42 -6.13 4.81 -8.15
C LEU A 42 -7.43 5.39 -7.57
N ALA A 43 -7.79 4.96 -6.36
CA ALA A 43 -9.02 5.44 -5.72
C ALA A 43 -9.04 6.97 -5.69
N LYS A 44 -10.10 7.55 -6.25
CA LYS A 44 -10.23 9.00 -6.28
C LYS A 44 -11.08 9.53 -5.11
N ASP A 45 -11.71 8.60 -4.37
CA ASP A 45 -12.54 8.96 -3.23
C ASP A 45 -11.99 8.33 -1.95
N THR A 46 -12.30 8.95 -0.81
CA THR A 46 -11.85 8.45 0.47
C THR A 46 -12.40 7.03 0.69
N THR A 47 -13.67 6.84 0.35
CA THR A 47 -14.33 5.55 0.48
C THR A 47 -13.65 4.51 -0.41
N GLU A 48 -13.37 4.88 -1.66
CA GLU A 48 -12.73 3.97 -2.60
C GLU A 48 -11.35 3.56 -2.10
N ALA A 49 -10.57 4.55 -1.65
CA ALA A 49 -9.24 4.30 -1.13
C ALA A 49 -9.32 3.44 0.13
N PHE A 50 -10.29 3.75 0.99
CA PHE A 50 -10.47 3.02 2.25
C PHE A 50 -10.71 1.54 1.98
N GLU A 51 -11.61 1.22 1.05
CA GLU A 51 -11.91 -0.17 0.71
C GLU A 51 -10.67 -0.88 0.18
N LYS A 52 -9.90 -0.15 -0.61
CA LYS A 52 -8.67 -0.67 -1.20
C LYS A 52 -7.60 -0.87 -0.12
N MET A 53 -7.56 0.05 0.85
CA MET A 53 -6.62 -0.03 1.96
C MET A 53 -6.88 -1.27 2.79
N VAL A 54 -8.16 -1.56 3.04
CA VAL A 54 -8.51 -2.76 3.82
C VAL A 54 -8.28 -4.00 2.98
N SER A 55 -8.44 -3.88 1.65
CA SER A 55 -8.20 -5.00 0.75
C SER A 55 -6.71 -5.37 0.80
N LEU A 56 -5.86 -4.33 0.77
CA LEU A 56 -4.41 -4.52 0.84
C LEU A 56 -4.06 -5.25 2.13
N LEU A 57 -4.62 -4.76 3.22
CA LEU A 57 -4.42 -5.34 4.54
C LEU A 57 -5.00 -6.74 4.61
N SER A 58 -6.10 -6.97 3.91
CA SER A 58 -6.74 -8.28 3.91
C SER A 58 -5.72 -9.35 3.48
N VAL A 59 -4.93 -9.02 2.46
CA VAL A 59 -3.91 -9.95 1.96
C VAL A 59 -2.76 -10.07 2.98
N LEU A 60 -2.35 -8.92 3.52
CA LEU A 60 -1.24 -8.86 4.48
C LEU A 60 -1.54 -9.62 5.77
N LEU A 61 -2.67 -9.29 6.38
CA LEU A 61 -3.10 -9.89 7.62
C LEU A 61 -3.32 -11.39 7.44
N SER A 62 -4.01 -11.72 6.35
CA SER A 62 -4.31 -13.11 6.02
C SER A 62 -3.02 -13.90 5.78
N MET A 63 -2.08 -13.25 5.08
CA MET A 63 -0.81 -13.89 4.74
C MET A 63 -0.01 -14.33 5.97
N GLN A 64 0.19 -13.43 6.94
CA GLN A 64 0.96 -13.78 8.14
C GLN A 64 0.64 -12.88 9.33
N GLY A 65 0.30 -11.61 9.04
CA GLY A 65 -0.04 -10.66 10.11
C GLY A 65 1.05 -9.62 10.34
N ALA A 66 1.87 -9.34 9.31
CA ALA A 66 2.93 -8.34 9.44
C ALA A 66 2.30 -6.97 9.72
N VAL A 67 2.96 -6.17 10.56
CA VAL A 67 2.42 -4.85 10.96
C VAL A 67 3.26 -3.70 10.39
N ASP A 68 2.57 -2.76 9.72
CA ASP A 68 3.19 -1.56 9.12
C ASP A 68 2.19 -0.87 8.17
N ILE A 69 1.24 -1.65 7.65
CA ILE A 69 0.20 -1.12 6.74
C ILE A 69 -0.60 -0.01 7.43
N ASN A 70 -0.71 -0.05 8.76
CA ASN A 70 -1.46 0.98 9.46
C ASN A 70 -0.83 2.34 9.20
N LYS A 71 0.51 2.37 9.21
CA LYS A 71 1.26 3.59 8.93
C LYS A 71 0.99 4.06 7.50
N LEU A 72 0.95 3.10 6.59
CA LEU A 72 0.72 3.38 5.18
C LEU A 72 -0.69 3.94 4.98
N CYS A 73 -1.66 3.28 5.58
CA CYS A 73 -3.06 3.67 5.46
C CYS A 73 -3.33 5.04 6.09
N GLU A 74 -2.85 5.22 7.33
CA GLU A 74 -3.07 6.47 8.05
C GLU A 74 -2.30 7.63 7.41
N GLU A 75 -1.14 7.32 6.81
CA GLU A 75 -0.34 8.36 6.16
C GLU A 75 -0.88 8.62 4.76
N MET A 76 -1.39 7.58 4.12
CA MET A 76 -1.97 7.67 2.80
C MET A 76 -3.20 8.58 2.85
N LEU A 77 -4.05 8.32 3.83
CA LEU A 77 -5.26 9.12 4.02
C LEU A 77 -4.88 10.55 4.35
N ASP A 78 -3.84 10.71 5.18
CA ASP A 78 -3.38 12.04 5.56
C ASP A 78 -2.87 12.79 4.34
N ASN A 79 -2.12 12.08 3.48
CA ASN A 79 -1.57 12.69 2.27
C ASN A 79 -2.68 13.06 1.30
N ARG A 80 -3.67 12.17 1.17
CA ARG A 80 -4.80 12.42 0.28
C ARG A 80 -5.65 13.59 0.80
N ALA A 81 -5.80 13.65 2.12
CA ALA A 81 -6.58 14.71 2.74
C ALA A 81 -5.95 16.08 2.50
N THR A 82 -6.80 17.08 2.30
CA THR A 82 -6.33 18.45 2.06
C THR A 82 -7.05 19.43 2.98
N LEU A 83 -6.45 20.62 3.17
CA LEU A 83 -7.03 21.64 4.03
C LEU A 83 -8.38 22.11 3.48
N GLN A 84 -8.45 22.25 2.15
CA GLN A 84 -9.68 22.68 1.49
C GLN A 84 -10.31 21.54 0.70
N GLY A 1 24.64 7.23 -17.43
CA GLY A 1 24.35 7.00 -15.98
C GLY A 1 22.91 6.51 -15.82
N SER A 2 22.19 7.13 -14.89
CA SER A 2 20.79 6.76 -14.63
C SER A 2 20.68 5.26 -14.35
N LYS A 3 21.66 4.73 -13.62
CA LYS A 3 21.67 3.31 -13.28
C LYS A 3 20.44 2.96 -12.44
N MET A 4 20.12 3.84 -11.47
CA MET A 4 18.97 3.63 -10.60
C MET A 4 18.10 4.88 -10.56
N SER A 5 16.79 4.68 -10.41
CA SER A 5 15.84 5.79 -10.36
C SER A 5 15.99 6.55 -9.05
N ASP A 6 15.48 7.79 -9.03
CA ASP A 6 15.56 8.62 -7.83
C ASP A 6 14.82 7.96 -6.66
N VAL A 7 13.64 7.42 -6.96
CA VAL A 7 12.82 6.75 -5.94
C VAL A 7 12.57 5.30 -6.34
N LYS A 8 12.91 4.37 -5.45
CA LYS A 8 12.73 2.94 -5.73
C LYS A 8 11.25 2.61 -5.90
N CYS A 9 10.40 3.21 -5.08
CA CYS A 9 8.96 2.97 -5.14
C CYS A 9 8.18 4.13 -4.54
N THR A 10 6.90 4.22 -4.88
CA THR A 10 6.04 5.30 -4.37
C THR A 10 5.94 5.21 -2.85
N SER A 11 5.65 4.01 -2.34
CA SER A 11 5.53 3.79 -0.89
C SER A 11 6.65 2.91 -0.37
N VAL A 12 7.37 3.41 0.64
CA VAL A 12 8.48 2.66 1.24
C VAL A 12 7.99 1.82 2.41
N VAL A 13 7.02 2.35 3.16
CA VAL A 13 6.46 1.63 4.30
C VAL A 13 5.69 0.40 3.80
N LEU A 14 4.88 0.61 2.74
CA LEU A 14 4.11 -0.48 2.19
C LEU A 14 5.03 -1.55 1.61
N LEU A 15 5.99 -1.12 0.81
CA LEU A 15 6.93 -2.04 0.18
C LEU A 15 7.71 -2.78 1.27
N SER A 16 8.08 -2.04 2.31
CA SER A 16 8.82 -2.60 3.43
C SER A 16 8.01 -3.68 4.16
N VAL A 17 6.71 -3.45 4.34
CA VAL A 17 5.88 -4.42 5.05
C VAL A 17 5.65 -5.70 4.25
N LEU A 18 5.57 -5.62 2.90
CA LEU A 18 5.39 -6.86 2.11
C LEU A 18 6.71 -7.65 2.14
N GLN A 19 7.82 -6.93 2.25
CA GLN A 19 9.15 -7.56 2.35
C GLN A 19 9.17 -8.43 3.60
N GLN A 20 8.55 -7.91 4.67
CA GLN A 20 8.44 -8.65 5.92
C GLN A 20 7.63 -9.92 5.68
N LEU A 21 6.63 -9.82 4.80
CA LEU A 21 5.79 -10.98 4.46
C LEU A 21 6.60 -12.01 3.66
N ARG A 22 7.72 -11.56 3.08
CA ARG A 22 8.64 -12.40 2.29
C ARG A 22 8.06 -12.77 0.92
N VAL A 23 7.35 -11.81 0.30
CA VAL A 23 6.81 -12.03 -1.06
C VAL A 23 7.84 -11.54 -2.08
N GLU A 24 7.83 -12.16 -3.26
CA GLU A 24 8.78 -11.79 -4.32
C GLU A 24 8.26 -10.59 -5.09
N SER A 25 9.18 -9.78 -5.62
CA SER A 25 8.79 -8.59 -6.36
C SER A 25 7.91 -8.95 -7.56
N SER A 26 8.05 -10.18 -8.06
CA SER A 26 7.26 -10.63 -9.20
C SER A 26 6.08 -11.55 -8.79
N SER A 27 5.96 -11.85 -7.49
CA SER A 27 4.87 -12.70 -7.01
C SER A 27 3.52 -12.05 -7.30
N LYS A 28 2.51 -12.89 -7.55
CA LYS A 28 1.16 -12.38 -7.85
C LYS A 28 0.63 -11.61 -6.65
N LEU A 29 0.79 -12.20 -5.47
CA LEU A 29 0.34 -11.59 -4.21
C LEU A 29 1.06 -10.25 -4.00
N TRP A 30 2.35 -10.21 -4.34
CA TRP A 30 3.14 -8.99 -4.22
C TRP A 30 2.46 -7.91 -5.07
N ALA A 31 2.08 -8.30 -6.28
CA ALA A 31 1.38 -7.42 -7.20
C ALA A 31 0.04 -6.99 -6.62
N GLN A 32 -0.62 -7.91 -5.91
CA GLN A 32 -1.93 -7.60 -5.33
C GLN A 32 -1.82 -6.47 -4.31
N CYS A 33 -0.78 -6.54 -3.46
CA CYS A 33 -0.56 -5.51 -2.45
C CYS A 33 -0.30 -4.15 -3.10
N VAL A 34 0.58 -4.18 -4.11
CA VAL A 34 0.93 -2.96 -4.84
C VAL A 34 -0.29 -2.39 -5.58
N GLN A 35 -1.04 -3.28 -6.24
CA GLN A 35 -2.23 -2.86 -7.00
C GLN A 35 -3.29 -2.25 -6.10
N LEU A 36 -3.52 -2.85 -4.94
CA LEU A 36 -4.52 -2.36 -4.00
C LEU A 36 -4.08 -0.97 -3.51
N HIS A 37 -2.76 -0.80 -3.33
CA HIS A 37 -2.21 0.50 -2.93
C HIS A 37 -2.59 1.53 -3.99
N ASN A 38 -2.37 1.14 -5.24
CA ASN A 38 -2.69 2.00 -6.37
C ASN A 38 -4.19 2.29 -6.39
N ASP A 39 -4.99 1.28 -6.07
CA ASP A 39 -6.44 1.43 -6.05
C ASP A 39 -6.84 2.49 -5.05
N ILE A 40 -6.19 2.49 -3.88
CA ILE A 40 -6.49 3.48 -2.84
C ILE A 40 -6.23 4.88 -3.42
N LEU A 41 -5.12 5.00 -4.14
CA LEU A 41 -4.77 6.27 -4.77
C LEU A 41 -5.86 6.63 -5.79
N LEU A 42 -6.43 5.62 -6.45
CA LEU A 42 -7.50 5.85 -7.44
C LEU A 42 -8.79 6.30 -6.74
N ALA A 43 -9.05 5.75 -5.55
CA ALA A 43 -10.27 6.10 -4.80
C ALA A 43 -10.35 7.61 -4.63
N LYS A 44 -11.49 8.17 -5.04
CA LYS A 44 -11.71 9.62 -4.94
C LYS A 44 -12.49 9.98 -3.66
N ASP A 45 -13.01 8.96 -2.96
CA ASP A 45 -13.77 9.18 -1.74
C ASP A 45 -13.10 8.47 -0.57
N THR A 46 -13.32 8.98 0.64
CA THR A 46 -12.74 8.39 1.83
C THR A 46 -13.24 6.95 1.98
N THR A 47 -14.54 6.76 1.73
CA THR A 47 -15.15 5.44 1.82
C THR A 47 -14.53 4.48 0.80
N GLU A 48 -14.37 4.95 -0.45
CA GLU A 48 -13.79 4.13 -1.50
C GLU A 48 -12.36 3.75 -1.14
N ALA A 49 -11.59 4.74 -0.69
CA ALA A 49 -10.21 4.51 -0.29
C ALA A 49 -10.15 3.53 0.88
N PHE A 50 -11.08 3.70 1.83
CA PHE A 50 -11.14 2.85 3.01
C PHE A 50 -11.30 1.36 2.62
N GLU A 51 -12.23 1.08 1.71
CA GLU A 51 -12.46 -0.29 1.25
C GLU A 51 -11.20 -0.85 0.59
N LYS A 52 -10.52 0.01 -0.14
CA LYS A 52 -9.28 -0.37 -0.83
C LYS A 52 -8.16 -0.58 0.18
N MET A 53 -8.15 0.23 1.25
CA MET A 53 -7.15 0.11 2.31
C MET A 53 -7.28 -1.23 3.02
N VAL A 54 -8.53 -1.62 3.29
CA VAL A 54 -8.77 -2.91 3.95
C VAL A 54 -8.46 -4.05 3.00
N SER A 55 -8.69 -3.82 1.69
CA SER A 55 -8.39 -4.83 0.68
C SER A 55 -6.89 -5.06 0.63
N LEU A 56 -6.13 -3.95 0.69
CA LEU A 56 -4.67 -4.01 0.67
C LEU A 56 -4.18 -4.84 1.85
N LEU A 57 -4.61 -4.45 3.03
CA LEU A 57 -4.26 -5.14 4.28
C LEU A 57 -4.76 -6.56 4.25
N SER A 58 -5.92 -6.79 3.63
CA SER A 58 -6.48 -8.14 3.57
C SER A 58 -5.43 -9.09 2.98
N VAL A 59 -4.71 -8.61 1.95
CA VAL A 59 -3.67 -9.43 1.34
C VAL A 59 -2.47 -9.59 2.29
N LEU A 60 -2.04 -8.49 2.91
CA LEU A 60 -0.87 -8.50 3.82
C LEU A 60 -1.10 -9.36 5.05
N LEU A 61 -2.24 -9.14 5.70
CA LEU A 61 -2.60 -9.87 6.91
C LEU A 61 -2.73 -11.36 6.62
N SER A 62 -3.41 -11.65 5.52
CA SER A 62 -3.62 -13.03 5.10
C SER A 62 -2.29 -13.69 4.75
N MET A 63 -1.40 -12.91 4.12
CA MET A 63 -0.09 -13.42 3.71
C MET A 63 0.76 -13.91 4.88
N GLN A 64 0.90 -13.09 5.94
CA GLN A 64 1.70 -13.51 7.10
C GLN A 64 1.34 -12.74 8.36
N GLY A 65 0.91 -11.48 8.21
CA GLY A 65 0.51 -10.67 9.36
C GLY A 65 1.54 -9.57 9.70
N ALA A 66 2.30 -9.12 8.69
CA ALA A 66 3.30 -8.08 8.91
C ALA A 66 2.61 -6.79 9.38
N VAL A 67 3.28 -6.05 10.28
CA VAL A 67 2.71 -4.81 10.83
C VAL A 67 3.44 -3.57 10.29
N ASP A 68 2.67 -2.68 9.68
CA ASP A 68 3.19 -1.41 9.11
C ASP A 68 2.12 -0.77 8.20
N ILE A 69 1.30 -1.63 7.58
CA ILE A 69 0.22 -1.17 6.70
C ILE A 69 -0.68 -0.17 7.44
N ASN A 70 -0.75 -0.28 8.77
CA ASN A 70 -1.57 0.63 9.56
C ASN A 70 -1.05 2.06 9.40
N LYS A 71 0.28 2.19 9.38
CA LYS A 71 0.92 3.50 9.21
C LYS A 71 0.56 4.09 7.86
N LEU A 72 0.58 3.25 6.84
CA LEU A 72 0.26 3.67 5.48
C LEU A 72 -1.22 4.05 5.37
N CYS A 73 -2.07 3.22 5.93
CA CYS A 73 -3.51 3.44 5.89
C CYS A 73 -3.92 4.68 6.67
N GLU A 74 -3.41 4.80 7.90
CA GLU A 74 -3.75 5.93 8.77
C GLU A 74 -3.16 7.24 8.24
N GLU A 75 -1.99 7.14 7.59
CA GLU A 75 -1.35 8.34 7.04
C GLU A 75 -1.99 8.69 5.70
N MET A 76 -2.41 7.65 4.97
CA MET A 76 -3.07 7.81 3.69
C MET A 76 -4.37 8.57 3.92
N LEU A 77 -5.13 8.12 4.92
CA LEU A 77 -6.39 8.77 5.28
C LEU A 77 -6.14 10.20 5.70
N ASP A 78 -5.03 10.40 6.43
CA ASP A 78 -4.66 11.74 6.88
C ASP A 78 -4.45 12.62 5.66
N ASN A 79 -3.79 12.08 4.63
CA ASN A 79 -3.55 12.82 3.40
C ASN A 79 -4.88 13.20 2.75
N ARG A 80 -5.82 12.24 2.74
CA ARG A 80 -7.15 12.48 2.17
C ARG A 80 -7.86 13.58 2.94
N ALA A 81 -7.71 13.55 4.28
CA ALA A 81 -8.34 14.54 5.14
C ALA A 81 -7.85 15.95 4.81
N THR A 82 -6.55 16.08 4.54
CA THR A 82 -5.95 17.36 4.21
C THR A 82 -6.36 17.78 2.80
N LEU A 83 -6.87 19.01 2.67
CA LEU A 83 -7.30 19.54 1.38
C LEU A 83 -6.11 19.63 0.42
N GLN A 84 -4.95 20.04 0.94
CA GLN A 84 -3.74 20.17 0.13
C GLN A 84 -2.50 20.12 1.01
N GLY A 1 6.63 22.25 -0.24
CA GLY A 1 7.31 21.99 -1.54
C GLY A 1 6.39 22.36 -2.69
N SER A 2 6.57 21.67 -3.82
CA SER A 2 5.75 21.93 -5.02
C SER A 2 5.11 20.63 -5.51
N LYS A 3 3.91 20.76 -6.08
CA LYS A 3 3.19 19.59 -6.61
C LYS A 3 3.99 18.95 -7.74
N MET A 4 4.14 17.61 -7.67
CA MET A 4 4.88 16.88 -8.69
C MET A 4 4.05 15.71 -9.20
N SER A 5 4.21 15.38 -10.48
CA SER A 5 3.48 14.28 -11.09
C SER A 5 3.87 12.95 -10.45
N ASP A 6 2.88 12.09 -10.24
CA ASP A 6 3.11 10.78 -9.64
C ASP A 6 3.41 9.74 -10.73
N VAL A 7 4.69 9.39 -10.86
CA VAL A 7 5.10 8.40 -11.87
C VAL A 7 5.30 7.04 -11.21
N LYS A 8 6.22 6.98 -10.25
CA LYS A 8 6.51 5.74 -9.54
C LYS A 8 6.99 6.04 -8.12
N CYS A 9 6.29 5.48 -7.15
CA CYS A 9 6.64 5.68 -5.74
C CYS A 9 6.95 4.33 -5.07
N THR A 10 7.88 4.36 -4.11
CA THR A 10 8.28 3.16 -3.39
C THR A 10 8.08 3.36 -1.88
N SER A 11 7.43 2.38 -1.25
CA SER A 11 7.18 2.44 0.19
C SER A 11 8.04 1.43 0.93
N VAL A 12 8.77 1.90 1.96
CA VAL A 12 9.65 1.02 2.74
C VAL A 12 8.89 0.32 3.85
N VAL A 13 7.90 1.01 4.43
CA VAL A 13 7.10 0.42 5.50
C VAL A 13 6.27 -0.74 4.95
N LEU A 14 5.61 -0.52 3.81
CA LEU A 14 4.83 -1.56 3.19
C LEU A 14 5.70 -2.73 2.77
N LEU A 15 6.78 -2.43 2.05
CA LEU A 15 7.70 -3.46 1.59
C LEU A 15 8.23 -4.23 2.80
N SER A 16 8.52 -3.50 3.88
CA SER A 16 9.00 -4.10 5.11
C SER A 16 7.97 -5.05 5.72
N VAL A 17 6.68 -4.67 5.67
CA VAL A 17 5.63 -5.50 6.27
C VAL A 17 5.48 -6.83 5.51
N LEU A 18 5.68 -6.84 4.18
CA LEU A 18 5.57 -8.10 3.42
C LEU A 18 6.79 -8.97 3.69
N GLN A 19 7.93 -8.33 3.99
CA GLN A 19 9.15 -9.05 4.34
C GLN A 19 8.87 -9.86 5.61
N GLN A 20 8.12 -9.24 6.52
CA GLN A 20 7.72 -9.88 7.75
C GLN A 20 6.85 -11.11 7.42
N LEU A 21 6.02 -10.97 6.36
CA LEU A 21 5.15 -12.07 5.93
C LEU A 21 6.01 -13.20 5.33
N ARG A 22 7.26 -12.87 4.95
CA ARG A 22 8.21 -13.82 4.37
C ARG A 22 7.82 -14.24 2.94
N VAL A 23 7.30 -13.28 2.16
CA VAL A 23 6.95 -13.56 0.75
C VAL A 23 8.17 -13.23 -0.12
N GLU A 24 8.27 -13.91 -1.27
CA GLU A 24 9.38 -13.70 -2.18
C GLU A 24 9.12 -12.50 -3.05
N SER A 25 10.18 -11.81 -3.47
CA SER A 25 10.04 -10.63 -4.32
C SER A 25 9.33 -10.98 -5.62
N SER A 26 9.41 -12.25 -6.04
CA SER A 26 8.76 -12.69 -7.28
C SER A 26 7.45 -13.44 -7.01
N SER A 27 7.09 -13.65 -5.73
CA SER A 27 5.85 -14.36 -5.39
C SER A 27 4.65 -13.59 -5.92
N LYS A 28 3.60 -14.33 -6.30
CA LYS A 28 2.39 -13.71 -6.82
C LYS A 28 1.77 -12.80 -5.76
N LEU A 29 1.67 -13.34 -4.55
CA LEU A 29 1.10 -12.61 -3.42
C LEU A 29 1.91 -11.34 -3.14
N TRP A 30 3.23 -11.46 -3.26
CA TRP A 30 4.13 -10.31 -3.07
C TRP A 30 3.71 -9.21 -4.05
N ALA A 31 3.48 -9.62 -5.29
CA ALA A 31 3.05 -8.72 -6.34
C ALA A 31 1.68 -8.15 -6.01
N GLN A 32 0.81 -8.97 -5.42
CA GLN A 32 -0.54 -8.52 -5.08
C GLN A 32 -0.51 -7.38 -4.07
N CYS A 33 0.33 -7.51 -3.04
CA CYS A 33 0.44 -6.47 -2.02
C CYS A 33 0.97 -5.17 -2.63
N VAL A 34 2.01 -5.31 -3.44
CA VAL A 34 2.63 -4.15 -4.10
C VAL A 34 1.62 -3.51 -5.07
N GLN A 35 0.92 -4.35 -5.83
CA GLN A 35 -0.06 -3.86 -6.80
C GLN A 35 -1.19 -3.11 -6.12
N LEU A 36 -1.68 -3.63 -5.00
CA LEU A 36 -2.77 -2.99 -4.26
C LEU A 36 -2.27 -1.64 -3.74
N HIS A 37 -0.98 -1.57 -3.35
CA HIS A 37 -0.39 -0.30 -2.89
C HIS A 37 -0.50 0.70 -4.03
N ASN A 38 -0.11 0.24 -5.23
CA ASN A 38 -0.17 1.06 -6.42
C ASN A 38 -1.62 1.45 -6.71
N ASP A 39 -2.55 0.51 -6.47
CA ASP A 39 -3.96 0.77 -6.72
C ASP A 39 -4.44 1.92 -5.83
N ILE A 40 -4.00 1.92 -4.57
CA ILE A 40 -4.38 2.97 -3.63
C ILE A 40 -3.93 4.31 -4.21
N LEU A 41 -2.72 4.33 -4.75
CA LEU A 41 -2.17 5.53 -5.36
C LEU A 41 -3.04 5.93 -6.56
N LEU A 42 -3.57 4.92 -7.28
CA LEU A 42 -4.42 5.18 -8.45
C LEU A 42 -5.76 5.77 -8.02
N ALA A 43 -6.28 5.30 -6.86
CA ALA A 43 -7.57 5.77 -6.36
C ALA A 43 -7.57 7.30 -6.28
N LYS A 44 -8.55 7.92 -6.94
CA LYS A 44 -8.67 9.38 -6.95
C LYS A 44 -9.63 9.87 -5.85
N ASP A 45 -10.36 8.94 -5.23
CA ASP A 45 -11.31 9.29 -4.16
C ASP A 45 -10.92 8.59 -2.87
N THR A 46 -11.35 9.17 -1.75
CA THR A 46 -11.05 8.59 -0.44
C THR A 46 -11.67 7.19 -0.35
N THR A 47 -12.90 7.06 -0.85
CA THR A 47 -13.60 5.78 -0.83
C THR A 47 -12.84 4.75 -1.66
N GLU A 48 -12.40 5.14 -2.87
CA GLU A 48 -11.68 4.23 -3.75
C GLU A 48 -10.37 3.79 -3.11
N ALA A 49 -9.64 4.75 -2.56
CA ALA A 49 -8.37 4.46 -1.89
C ALA A 49 -8.61 3.56 -0.68
N PHE A 50 -9.66 3.86 0.07
CA PHE A 50 -10.01 3.08 1.27
C PHE A 50 -10.23 1.61 0.92
N GLU A 51 -11.01 1.35 -0.13
CA GLU A 51 -11.30 -0.02 -0.56
C GLU A 51 -10.01 -0.74 -0.96
N LYS A 52 -9.13 0.01 -1.62
CA LYS A 52 -7.84 -0.52 -2.08
C LYS A 52 -6.92 -0.76 -0.87
N MET A 53 -7.01 0.13 0.12
CA MET A 53 -6.22 0.00 1.35
C MET A 53 -6.59 -1.27 2.10
N VAL A 54 -7.90 -1.54 2.17
CA VAL A 54 -8.36 -2.76 2.85
C VAL A 54 -8.05 -3.98 2.00
N SER A 55 -8.06 -3.80 0.68
CA SER A 55 -7.73 -4.90 -0.23
C SER A 55 -6.26 -5.29 -0.03
N LEU A 56 -5.41 -4.27 0.10
CA LEU A 56 -3.98 -4.45 0.31
C LEU A 56 -3.74 -5.20 1.62
N LEU A 57 -4.42 -4.72 2.67
CA LEU A 57 -4.33 -5.33 3.99
C LEU A 57 -4.93 -6.73 3.98
N SER A 58 -5.97 -6.93 3.16
CA SER A 58 -6.60 -8.24 3.08
C SER A 58 -5.57 -9.28 2.68
N VAL A 59 -4.67 -8.91 1.75
CA VAL A 59 -3.63 -9.84 1.30
C VAL A 59 -2.57 -10.03 2.41
N LEU A 60 -2.15 -8.93 3.03
CA LEU A 60 -1.11 -8.97 4.08
C LEU A 60 -1.57 -9.73 5.32
N LEU A 61 -2.77 -9.39 5.79
CA LEU A 61 -3.35 -10.01 6.97
C LEU A 61 -3.57 -11.50 6.74
N SER A 62 -4.13 -11.80 5.58
CA SER A 62 -4.41 -13.18 5.19
C SER A 62 -3.11 -13.98 5.09
N MET A 63 -2.08 -13.33 4.55
CA MET A 63 -0.79 -13.97 4.35
C MET A 63 -0.16 -14.47 5.67
N GLN A 64 -0.10 -13.61 6.70
CA GLN A 64 0.48 -14.03 7.99
C GLN A 64 0.01 -13.15 9.14
N GLY A 65 -0.26 -11.87 8.87
CA GLY A 65 -0.72 -10.94 9.90
C GLY A 65 0.34 -9.93 10.33
N ALA A 66 1.28 -9.62 9.41
CA ALA A 66 2.33 -8.65 9.71
C ALA A 66 1.71 -7.29 9.99
N VAL A 67 2.29 -6.54 10.94
CA VAL A 67 1.75 -5.23 11.33
C VAL A 67 2.66 -4.10 10.86
N ASP A 68 2.09 -3.18 10.07
CA ASP A 68 2.80 -2.00 9.54
C ASP A 68 1.94 -1.31 8.46
N ILE A 69 1.10 -2.11 7.78
CA ILE A 69 0.22 -1.57 6.74
C ILE A 69 -0.67 -0.46 7.30
N ASN A 70 -0.98 -0.52 8.60
CA ASN A 70 -1.81 0.51 9.23
C ASN A 70 -1.12 1.86 9.11
N LYS A 71 0.21 1.85 9.30
CA LYS A 71 1.01 3.09 9.21
C LYS A 71 0.94 3.65 7.80
N LEU A 72 1.02 2.77 6.81
CA LEU A 72 0.97 3.17 5.41
C LEU A 72 -0.41 3.71 5.06
N CYS A 73 -1.44 2.98 5.50
CA CYS A 73 -2.82 3.34 5.22
C CYS A 73 -3.21 4.65 5.88
N GLU A 74 -2.89 4.79 7.17
CA GLU A 74 -3.24 5.99 7.93
C GLU A 74 -2.43 7.20 7.47
N GLU A 75 -1.18 6.95 7.04
CA GLU A 75 -0.33 8.04 6.56
C GLU A 75 -0.67 8.38 5.11
N MET A 76 -1.11 7.36 4.36
CA MET A 76 -1.53 7.54 2.98
C MET A 76 -2.74 8.46 2.95
N LEU A 77 -3.71 8.16 3.81
CA LEU A 77 -4.93 8.97 3.91
C LEU A 77 -4.58 10.39 4.33
N ASP A 78 -3.63 10.50 5.27
CA ASP A 78 -3.20 11.80 5.75
C ASP A 78 -2.56 12.60 4.62
N ASN A 79 -1.68 11.94 3.86
CA ASN A 79 -1.01 12.58 2.74
C ASN A 79 -2.00 12.98 1.66
N ARG A 80 -2.95 12.10 1.38
CA ARG A 80 -3.97 12.37 0.37
C ARG A 80 -4.87 13.53 0.80
N ALA A 81 -5.17 13.58 2.11
CA ALA A 81 -6.01 14.64 2.65
C ALA A 81 -5.36 16.00 2.49
N THR A 82 -6.17 17.01 2.17
CA THR A 82 -5.67 18.37 1.98
C THR A 82 -6.73 19.40 2.37
N LEU A 83 -6.27 20.58 2.79
CA LEU A 83 -7.18 21.66 3.19
C LEU A 83 -7.00 22.87 2.28
N GLN A 84 -8.13 23.48 1.91
CA GLN A 84 -8.12 24.64 1.03
C GLN A 84 -7.58 25.87 1.78
N GLY A 1 15.84 4.38 1.66
CA GLY A 1 15.64 3.59 0.43
C GLY A 1 16.73 3.94 -0.59
N SER A 2 16.92 3.05 -1.57
CA SER A 2 17.94 3.26 -2.60
C SER A 2 17.63 4.52 -3.40
N LYS A 3 16.36 4.73 -3.70
CA LYS A 3 15.92 5.90 -4.46
C LYS A 3 16.63 5.95 -5.82
N MET A 4 16.68 4.81 -6.51
CA MET A 4 17.33 4.72 -7.81
C MET A 4 16.52 5.47 -8.86
N SER A 5 17.22 6.14 -9.77
CA SER A 5 16.57 6.90 -10.84
C SER A 5 15.75 5.99 -11.75
N ASP A 6 16.27 4.78 -11.99
CA ASP A 6 15.60 3.81 -12.85
C ASP A 6 14.23 3.44 -12.30
N VAL A 7 14.15 3.26 -10.97
CA VAL A 7 12.90 2.90 -10.31
C VAL A 7 12.85 3.50 -8.91
N LYS A 8 11.66 4.00 -8.53
CA LYS A 8 11.47 4.61 -7.20
C LYS A 8 10.24 4.00 -6.52
N CYS A 9 10.30 3.94 -5.19
CA CYS A 9 9.19 3.39 -4.40
C CYS A 9 8.36 4.52 -3.80
N THR A 10 7.11 4.63 -4.23
CA THR A 10 6.22 5.66 -3.71
C THR A 10 5.99 5.44 -2.21
N SER A 11 5.68 4.20 -1.83
CA SER A 11 5.44 3.86 -0.43
C SER A 11 6.52 2.92 0.10
N VAL A 12 7.48 3.48 0.84
CA VAL A 12 8.57 2.70 1.43
C VAL A 12 8.01 1.85 2.57
N VAL A 13 7.10 2.44 3.35
CA VAL A 13 6.51 1.74 4.47
C VAL A 13 5.71 0.55 3.97
N LEU A 14 4.91 0.76 2.93
CA LEU A 14 4.13 -0.32 2.36
C LEU A 14 5.05 -1.38 1.80
N LEU A 15 6.01 -0.97 0.97
CA LEU A 15 6.94 -1.90 0.36
C LEU A 15 7.68 -2.66 1.45
N SER A 16 8.06 -1.93 2.50
CA SER A 16 8.75 -2.53 3.63
C SER A 16 7.91 -3.61 4.30
N VAL A 17 6.59 -3.37 4.42
CA VAL A 17 5.72 -4.35 5.09
C VAL A 17 5.53 -5.64 4.24
N LEU A 18 5.56 -5.52 2.91
CA LEU A 18 5.42 -6.73 2.07
C LEU A 18 6.75 -7.50 2.10
N GLN A 19 7.85 -6.76 2.29
CA GLN A 19 9.17 -7.39 2.41
C GLN A 19 9.16 -8.29 3.63
N GLN A 20 8.48 -7.82 4.68
CA GLN A 20 8.32 -8.59 5.90
C GLN A 20 7.54 -9.87 5.57
N LEU A 21 6.58 -9.75 4.63
CA LEU A 21 5.79 -10.94 4.21
C LEU A 21 6.70 -11.91 3.45
N ARG A 22 7.84 -11.41 2.94
CA ARG A 22 8.81 -12.21 2.18
C ARG A 22 8.30 -12.59 0.79
N VAL A 23 7.58 -11.66 0.14
CA VAL A 23 7.09 -11.89 -1.23
C VAL A 23 8.11 -11.34 -2.22
N GLU A 24 8.15 -11.93 -3.42
CA GLU A 24 9.08 -11.48 -4.46
C GLU A 24 8.52 -10.29 -5.18
N SER A 25 9.39 -9.40 -5.64
CA SER A 25 8.95 -8.20 -6.34
C SER A 25 8.11 -8.55 -7.58
N SER A 26 8.32 -9.75 -8.12
CA SER A 26 7.58 -10.20 -9.30
C SER A 26 6.42 -11.14 -8.95
N SER A 27 6.27 -11.50 -7.66
CA SER A 27 5.20 -12.40 -7.24
C SER A 27 3.83 -11.78 -7.51
N LYS A 28 2.85 -12.64 -7.80
CA LYS A 28 1.49 -12.16 -8.07
C LYS A 28 0.92 -11.44 -6.86
N LEU A 29 1.11 -12.08 -5.70
CA LEU A 29 0.64 -11.51 -4.42
C LEU A 29 1.32 -10.18 -4.15
N TRP A 30 2.61 -10.09 -4.49
CA TRP A 30 3.36 -8.85 -4.33
C TRP A 30 2.67 -7.76 -5.14
N ALA A 31 2.28 -8.13 -6.37
CA ALA A 31 1.57 -7.24 -7.26
C ALA A 31 0.22 -6.84 -6.67
N GLN A 32 -0.43 -7.78 -5.96
CA GLN A 32 -1.73 -7.50 -5.37
C GLN A 32 -1.64 -6.38 -4.34
N CYS A 33 -0.61 -6.43 -3.49
CA CYS A 33 -0.42 -5.41 -2.46
C CYS A 33 -0.15 -4.05 -3.09
N VAL A 34 0.74 -4.04 -4.08
CA VAL A 34 1.11 -2.82 -4.79
C VAL A 34 -0.10 -2.25 -5.54
N GLN A 35 -0.83 -3.12 -6.24
CA GLN A 35 -2.00 -2.71 -7.02
C GLN A 35 -3.08 -2.11 -6.12
N LEU A 36 -3.32 -2.75 -4.98
CA LEU A 36 -4.34 -2.27 -4.05
C LEU A 36 -3.93 -0.90 -3.52
N HIS A 37 -2.60 -0.70 -3.33
CA HIS A 37 -2.08 0.60 -2.89
C HIS A 37 -2.46 1.64 -3.93
N ASN A 38 -2.22 1.28 -5.19
CA ASN A 38 -2.55 2.15 -6.31
C ASN A 38 -4.05 2.41 -6.34
N ASP A 39 -4.83 1.36 -6.03
CA ASP A 39 -6.28 1.49 -6.03
C ASP A 39 -6.72 2.53 -5.01
N ILE A 40 -6.08 2.51 -3.84
CA ILE A 40 -6.39 3.48 -2.79
C ILE A 40 -6.18 4.89 -3.33
N LEU A 41 -5.07 5.06 -4.05
CA LEU A 41 -4.75 6.34 -4.66
C LEU A 41 -5.84 6.72 -5.67
N LEU A 42 -6.38 5.70 -6.37
CA LEU A 42 -7.44 5.93 -7.36
C LEU A 42 -8.74 6.33 -6.69
N ALA A 43 -9.02 5.76 -5.51
CA ALA A 43 -10.26 6.06 -4.79
C ALA A 43 -10.44 7.57 -4.65
N LYS A 44 -11.62 8.05 -5.05
CA LYS A 44 -11.93 9.48 -4.98
C LYS A 44 -12.74 9.84 -3.73
N ASP A 45 -12.98 8.85 -2.85
CA ASP A 45 -13.75 9.09 -1.63
C ASP A 45 -13.16 8.30 -0.48
N THR A 46 -13.49 8.72 0.75
CA THR A 46 -12.99 8.07 1.95
C THR A 46 -13.47 6.62 1.98
N THR A 47 -14.74 6.41 1.63
CA THR A 47 -15.34 5.07 1.61
C THR A 47 -14.62 4.19 0.58
N GLU A 48 -14.40 4.72 -0.63
CA GLU A 48 -13.74 3.96 -1.69
C GLU A 48 -12.31 3.61 -1.29
N ALA A 49 -11.59 4.60 -0.77
CA ALA A 49 -10.21 4.39 -0.33
C ALA A 49 -10.17 3.39 0.82
N PHE A 50 -11.12 3.52 1.74
CA PHE A 50 -11.19 2.63 2.91
C PHE A 50 -11.32 1.17 2.48
N GLU A 51 -12.23 0.89 1.54
CA GLU A 51 -12.44 -0.46 1.05
C GLU A 51 -11.16 -1.01 0.40
N LYS A 52 -10.48 -0.13 -0.32
CA LYS A 52 -9.23 -0.47 -1.00
C LYS A 52 -8.11 -0.69 0.04
N MET A 53 -8.14 0.13 1.11
CA MET A 53 -7.16 0.01 2.20
C MET A 53 -7.28 -1.33 2.89
N VAL A 54 -8.53 -1.75 3.13
CA VAL A 54 -8.75 -3.05 3.78
C VAL A 54 -8.44 -4.18 2.80
N SER A 55 -8.66 -3.94 1.50
CA SER A 55 -8.34 -4.93 0.48
C SER A 55 -6.84 -5.15 0.44
N LEU A 56 -6.10 -4.03 0.51
CA LEU A 56 -4.63 -4.07 0.52
C LEU A 56 -4.14 -4.85 1.73
N LEU A 57 -4.73 -4.52 2.88
CA LEU A 57 -4.41 -5.18 4.13
C LEU A 57 -4.83 -6.64 4.10
N SER A 58 -5.93 -6.93 3.40
CA SER A 58 -6.42 -8.31 3.31
C SER A 58 -5.32 -9.20 2.75
N VAL A 59 -4.59 -8.68 1.74
CA VAL A 59 -3.49 -9.44 1.13
C VAL A 59 -2.31 -9.53 2.11
N LEU A 60 -2.01 -8.42 2.76
CA LEU A 60 -0.88 -8.33 3.71
C LEU A 60 -1.07 -9.25 4.92
N LEU A 61 -2.21 -9.09 5.57
CA LEU A 61 -2.54 -9.85 6.77
C LEU A 61 -2.63 -11.33 6.44
N SER A 62 -3.33 -11.63 5.36
CA SER A 62 -3.51 -13.01 4.92
C SER A 62 -2.17 -13.64 4.53
N MET A 63 -1.32 -12.85 3.87
CA MET A 63 -0.02 -13.33 3.41
C MET A 63 0.89 -13.80 4.56
N GLN A 64 1.05 -12.97 5.60
CA GLN A 64 1.93 -13.35 6.73
C GLN A 64 1.55 -12.64 8.03
N GLY A 65 0.99 -11.43 7.91
CA GLY A 65 0.58 -10.67 9.10
C GLY A 65 1.59 -9.58 9.48
N ALA A 66 2.38 -9.10 8.50
CA ALA A 66 3.36 -8.05 8.77
C ALA A 66 2.64 -6.78 9.23
N VAL A 67 3.25 -6.05 10.18
CA VAL A 67 2.63 -4.83 10.72
C VAL A 67 3.33 -3.57 10.22
N ASP A 68 2.55 -2.68 9.62
CA ASP A 68 3.03 -1.38 9.07
C ASP A 68 1.94 -0.73 8.20
N ILE A 69 1.04 -1.56 7.66
CA ILE A 69 -0.04 -1.08 6.81
C ILE A 69 -0.90 -0.04 7.55
N ASN A 70 -0.98 -0.15 8.88
CA ASN A 70 -1.77 0.80 9.67
C ASN A 70 -1.20 2.20 9.50
N LYS A 71 0.12 2.29 9.48
CA LYS A 71 0.81 3.57 9.31
C LYS A 71 0.49 4.17 7.96
N LEU A 72 0.47 3.33 6.94
CA LEU A 72 0.19 3.76 5.57
C LEU A 72 -1.27 4.20 5.43
N CYS A 73 -2.16 3.38 5.97
CA CYS A 73 -3.60 3.64 5.90
C CYS A 73 -3.98 4.90 6.69
N GLU A 74 -3.49 4.99 7.93
CA GLU A 74 -3.82 6.14 8.78
C GLU A 74 -3.21 7.42 8.25
N GLU A 75 -2.04 7.31 7.61
CA GLU A 75 -1.39 8.49 7.05
C GLU A 75 -2.04 8.86 5.72
N MET A 76 -2.43 7.82 4.98
CA MET A 76 -3.08 7.99 3.69
C MET A 76 -4.39 8.73 3.88
N LEU A 77 -5.15 8.29 4.87
CA LEU A 77 -6.43 8.91 5.19
C LEU A 77 -6.21 10.35 5.64
N ASP A 78 -5.15 10.55 6.43
CA ASP A 78 -4.80 11.87 6.93
C ASP A 78 -4.45 12.80 5.78
N ASN A 79 -3.69 12.26 4.82
CA ASN A 79 -3.27 13.05 3.64
C ASN A 79 -4.48 13.45 2.80
N ARG A 80 -5.38 12.48 2.58
CA ARG A 80 -6.58 12.73 1.78
C ARG A 80 -7.49 13.72 2.50
N ALA A 81 -7.58 13.60 3.82
CA ALA A 81 -8.43 14.47 4.63
C ALA A 81 -7.99 15.93 4.51
N THR A 82 -6.68 16.17 4.56
CA THR A 82 -6.14 17.53 4.49
C THR A 82 -5.06 17.61 3.42
N LEU A 83 -5.19 18.58 2.51
CA LEU A 83 -4.22 18.78 1.44
C LEU A 83 -2.84 19.12 2.02
N GLN A 84 -2.84 19.95 3.07
CA GLN A 84 -1.59 20.36 3.71
C GLN A 84 -1.05 19.24 4.59
N GLY A 1 15.22 18.25 -0.50
CA GLY A 1 15.06 16.77 -0.48
C GLY A 1 15.53 16.19 -1.82
N SER A 2 14.73 15.27 -2.36
CA SER A 2 15.06 14.64 -3.64
C SER A 2 15.10 15.68 -4.76
N LYS A 3 14.15 16.61 -4.73
CA LYS A 3 14.07 17.67 -5.75
C LYS A 3 13.99 17.05 -7.14
N MET A 4 13.19 15.99 -7.27
CA MET A 4 13.01 15.30 -8.56
C MET A 4 11.59 15.50 -9.07
N SER A 5 11.47 15.67 -10.38
CA SER A 5 10.15 15.87 -11.01
C SER A 5 9.28 14.64 -10.82
N ASP A 6 7.99 14.87 -10.54
CA ASP A 6 7.04 13.78 -10.33
C ASP A 6 7.55 12.82 -9.26
N VAL A 7 6.78 11.75 -9.00
CA VAL A 7 7.16 10.75 -8.00
C VAL A 7 7.03 9.34 -8.58
N LYS A 8 7.76 8.40 -7.97
CA LYS A 8 7.71 7.00 -8.41
C LYS A 8 6.56 6.22 -7.77
N CYS A 9 5.90 6.84 -6.78
CA CYS A 9 4.77 6.18 -6.09
C CYS A 9 5.21 4.84 -5.49
N THR A 10 6.46 4.78 -5.03
CA THR A 10 6.99 3.56 -4.43
C THR A 10 6.93 3.65 -2.91
N SER A 11 6.47 2.56 -2.29
CA SER A 11 6.36 2.51 -0.83
C SER A 11 7.40 1.55 -0.25
N VAL A 12 8.09 2.00 0.80
CA VAL A 12 9.11 1.18 1.45
C VAL A 12 8.54 0.44 2.66
N VAL A 13 7.59 1.08 3.35
CA VAL A 13 6.95 0.46 4.50
C VAL A 13 6.07 -0.70 4.04
N LEU A 14 5.29 -0.46 3.02
CA LEU A 14 4.40 -1.49 2.49
C LEU A 14 5.20 -2.62 1.87
N LEU A 15 6.23 -2.28 1.09
CA LEU A 15 7.07 -3.29 0.47
C LEU A 15 7.79 -4.08 1.56
N SER A 16 8.24 -3.36 2.60
CA SER A 16 8.91 -3.99 3.73
C SER A 16 7.94 -4.91 4.48
N VAL A 17 6.69 -4.46 4.56
CA VAL A 17 5.64 -5.21 5.23
C VAL A 17 5.46 -6.59 4.58
N LEU A 18 5.43 -6.67 3.25
CA LEU A 18 5.28 -7.98 2.59
C LEU A 18 6.58 -8.80 2.75
N GLN A 19 7.71 -8.12 2.87
CA GLN A 19 8.99 -8.80 3.08
C GLN A 19 8.92 -9.55 4.41
N GLN A 20 8.28 -8.90 5.40
CA GLN A 20 8.07 -9.50 6.71
C GLN A 20 7.21 -10.75 6.55
N LEU A 21 6.24 -10.69 5.63
CA LEU A 21 5.35 -11.82 5.36
C LEU A 21 6.11 -12.97 4.70
N ARG A 22 7.29 -12.64 4.11
CA ARG A 22 8.16 -13.62 3.44
C ARG A 22 7.60 -14.05 2.08
N VAL A 23 6.99 -13.11 1.36
CA VAL A 23 6.47 -13.40 0.01
C VAL A 23 7.56 -13.08 -1.02
N GLU A 24 7.54 -13.79 -2.15
CA GLU A 24 8.54 -13.59 -3.19
C GLU A 24 8.12 -12.43 -4.08
N SER A 25 9.10 -11.73 -4.66
CA SER A 25 8.81 -10.59 -5.52
C SER A 25 7.95 -11.00 -6.71
N SER A 26 8.01 -12.28 -7.09
CA SER A 26 7.22 -12.78 -8.22
C SER A 26 5.97 -13.56 -7.77
N SER A 27 5.81 -13.76 -6.45
CA SER A 27 4.64 -14.49 -5.94
C SER A 27 3.35 -13.76 -6.31
N LYS A 28 2.27 -14.52 -6.53
CA LYS A 28 0.99 -13.91 -6.89
C LYS A 28 0.50 -13.03 -5.77
N LEU A 29 0.58 -13.52 -4.53
CA LEU A 29 0.15 -12.77 -3.35
C LEU A 29 0.95 -11.48 -3.22
N TRP A 30 2.26 -11.56 -3.53
CA TRP A 30 3.12 -10.38 -3.50
C TRP A 30 2.55 -9.34 -4.45
N ALA A 31 2.17 -9.81 -5.65
CA ALA A 31 1.56 -8.95 -6.65
C ALA A 31 0.24 -8.40 -6.14
N GLN A 32 -0.51 -9.22 -5.41
CA GLN A 32 -1.81 -8.79 -4.89
C GLN A 32 -1.65 -7.60 -3.94
N CYS A 33 -0.68 -7.69 -3.02
CA CYS A 33 -0.44 -6.61 -2.06
C CYS A 33 -0.01 -5.33 -2.78
N VAL A 34 0.90 -5.49 -3.73
CA VAL A 34 1.40 -4.35 -4.50
C VAL A 34 0.27 -3.75 -5.34
N GLN A 35 -0.53 -4.62 -5.96
CA GLN A 35 -1.63 -4.18 -6.80
C GLN A 35 -2.69 -3.45 -5.99
N LEU A 36 -3.01 -3.95 -4.80
CA LEU A 36 -4.00 -3.30 -3.95
C LEU A 36 -3.46 -1.92 -3.55
N HIS A 37 -2.15 -1.85 -3.28
CA HIS A 37 -1.51 -0.58 -2.97
C HIS A 37 -1.69 0.37 -4.15
N ASN A 38 -1.44 -0.15 -5.34
CA ASN A 38 -1.59 0.61 -6.56
C ASN A 38 -3.04 1.06 -6.71
N ASP A 39 -3.97 0.17 -6.34
CA ASP A 39 -5.39 0.48 -6.44
C ASP A 39 -5.73 1.65 -5.52
N ILE A 40 -5.14 1.66 -4.32
CA ILE A 40 -5.38 2.76 -3.37
C ILE A 40 -4.99 4.08 -4.03
N LEU A 41 -3.84 4.06 -4.72
CA LEU A 41 -3.36 5.22 -5.44
C LEU A 41 -4.37 5.62 -6.51
N LEU A 42 -4.99 4.61 -7.14
CA LEU A 42 -6.00 4.85 -8.19
C LEU A 42 -7.27 5.47 -7.59
N ALA A 43 -7.63 5.03 -6.38
CA ALA A 43 -8.85 5.53 -5.73
C ALA A 43 -8.82 7.06 -5.69
N LYS A 44 -9.88 7.67 -6.22
CA LYS A 44 -9.98 9.14 -6.24
C LYS A 44 -10.81 9.66 -5.06
N ASP A 45 -11.46 8.74 -4.33
CA ASP A 45 -12.28 9.11 -3.18
C ASP A 45 -11.74 8.46 -1.92
N THR A 46 -12.01 9.09 -0.78
CA THR A 46 -11.56 8.56 0.51
C THR A 46 -12.16 7.16 0.72
N THR A 47 -13.45 7.03 0.39
CA THR A 47 -14.15 5.76 0.53
C THR A 47 -13.52 4.69 -0.37
N GLU A 48 -13.25 5.05 -1.63
CA GLU A 48 -12.65 4.11 -2.57
C GLU A 48 -11.29 3.66 -2.09
N ALA A 49 -10.48 4.63 -1.66
CA ALA A 49 -9.14 4.33 -1.14
C ALA A 49 -9.24 3.47 0.11
N PHE A 50 -10.21 3.79 0.97
CA PHE A 50 -10.41 3.05 2.23
C PHE A 50 -10.65 1.56 1.96
N GLU A 51 -11.55 1.27 1.01
CA GLU A 51 -11.87 -0.12 0.67
C GLU A 51 -10.62 -0.83 0.13
N LYS A 52 -9.85 -0.10 -0.65
CA LYS A 52 -8.62 -0.63 -1.24
C LYS A 52 -7.56 -0.85 -0.15
N MET A 53 -7.51 0.08 0.81
CA MET A 53 -6.57 -0.01 1.94
C MET A 53 -6.85 -1.25 2.77
N VAL A 54 -8.13 -1.52 3.03
CA VAL A 54 -8.50 -2.71 3.80
C VAL A 54 -8.27 -3.96 2.96
N SER A 55 -8.43 -3.83 1.63
CA SER A 55 -8.19 -4.95 0.73
C SER A 55 -6.71 -5.33 0.79
N LEU A 56 -5.84 -4.30 0.80
CA LEU A 56 -4.40 -4.51 0.87
C LEU A 56 -4.06 -5.26 2.15
N LEU A 57 -4.58 -4.75 3.27
CA LEU A 57 -4.38 -5.35 4.58
C LEU A 57 -4.99 -6.74 4.65
N SER A 58 -6.10 -6.94 3.94
CA SER A 58 -6.77 -8.24 3.95
C SER A 58 -5.78 -9.31 3.48
N VAL A 59 -5.00 -8.97 2.45
CA VAL A 59 -4.01 -9.92 1.92
C VAL A 59 -2.83 -10.08 2.90
N LEU A 60 -2.34 -8.96 3.45
CA LEU A 60 -1.18 -8.97 4.36
C LEU A 60 -1.48 -9.71 5.66
N LEU A 61 -2.62 -9.37 6.26
CA LEU A 61 -3.04 -9.95 7.53
C LEU A 61 -3.24 -11.44 7.37
N SER A 62 -3.94 -11.80 6.29
CA SER A 62 -4.21 -13.20 5.99
C SER A 62 -2.91 -13.96 5.73
N MET A 63 -1.98 -13.29 5.05
CA MET A 63 -0.69 -13.90 4.69
C MET A 63 0.12 -14.33 5.93
N GLN A 64 0.30 -13.43 6.91
CA GLN A 64 1.07 -13.79 8.11
C GLN A 64 0.73 -12.88 9.30
N GLY A 65 0.37 -11.62 9.03
CA GLY A 65 0.00 -10.69 10.10
C GLY A 65 1.06 -9.60 10.33
N ALA A 66 1.83 -9.26 9.29
CA ALA A 66 2.86 -8.22 9.41
C ALA A 66 2.20 -6.90 9.79
N VAL A 67 2.86 -6.11 10.65
CA VAL A 67 2.31 -4.83 11.11
C VAL A 67 3.18 -3.63 10.69
N ASP A 68 2.52 -2.68 9.98
CA ASP A 68 3.15 -1.44 9.49
C ASP A 68 2.26 -0.79 8.42
N ILE A 69 1.44 -1.61 7.75
CA ILE A 69 0.51 -1.12 6.73
C ILE A 69 -0.38 -0.01 7.32
N ASN A 70 -0.57 -0.04 8.65
CA ASN A 70 -1.38 0.99 9.31
C ASN A 70 -0.75 2.36 9.07
N LYS A 71 0.58 2.41 9.13
CA LYS A 71 1.33 3.65 8.88
C LYS A 71 1.10 4.11 7.45
N LEU A 72 1.10 3.15 6.52
CA LEU A 72 0.88 3.43 5.10
C LEU A 72 -0.52 3.96 4.87
N CYS A 73 -1.49 3.27 5.47
CA CYS A 73 -2.90 3.62 5.33
C CYS A 73 -3.22 4.97 5.96
N GLU A 74 -2.76 5.19 7.20
CA GLU A 74 -3.02 6.43 7.91
C GLU A 74 -2.29 7.60 7.27
N GLU A 75 -1.11 7.34 6.69
CA GLU A 75 -0.36 8.40 6.04
C GLU A 75 -0.96 8.68 4.66
N MET A 76 -1.40 7.60 4.01
CA MET A 76 -2.02 7.68 2.71
C MET A 76 -3.29 8.51 2.82
N LEU A 77 -4.08 8.19 3.85
CA LEU A 77 -5.33 8.90 4.11
C LEU A 77 -5.04 10.36 4.46
N ASP A 78 -3.98 10.57 5.24
CA ASP A 78 -3.58 11.92 5.62
C ASP A 78 -3.21 12.71 4.38
N ASN A 79 -2.51 12.06 3.45
CA ASN A 79 -2.11 12.68 2.20
C ASN A 79 -3.34 13.03 1.37
N ARG A 80 -4.32 12.14 1.38
CA ARG A 80 -5.58 12.36 0.66
C ARG A 80 -6.36 13.51 1.28
N ALA A 81 -6.34 13.59 2.61
CA ALA A 81 -7.06 14.65 3.32
C ALA A 81 -6.53 16.03 2.97
N THR A 82 -5.21 16.15 2.88
CA THR A 82 -4.58 17.43 2.55
C THR A 82 -3.56 17.25 1.41
N LEU A 83 -3.68 18.08 0.38
CA LEU A 83 -2.77 18.01 -0.76
C LEU A 83 -1.34 18.32 -0.33
N GLN A 84 -1.19 19.30 0.58
CA GLN A 84 0.12 19.70 1.08
C GLN A 84 0.54 18.80 2.23
N GLY A 1 18.14 -1.56 -11.18
CA GLY A 1 19.04 -2.24 -10.20
C GLY A 1 18.59 -1.93 -8.79
N SER A 2 19.11 -0.83 -8.23
CA SER A 2 18.75 -0.42 -6.87
C SER A 2 17.27 -0.09 -6.78
N LYS A 3 16.64 -0.49 -5.67
CA LYS A 3 15.21 -0.26 -5.46
C LYS A 3 14.93 1.25 -5.39
N MET A 4 15.83 1.99 -4.75
CA MET A 4 15.67 3.44 -4.63
C MET A 4 15.69 4.11 -6.00
N SER A 5 16.58 3.63 -6.87
CA SER A 5 16.70 4.17 -8.23
C SER A 5 15.40 3.99 -8.99
N ASP A 6 14.81 2.80 -8.87
CA ASP A 6 13.55 2.48 -9.55
C ASP A 6 12.43 3.40 -9.07
N VAL A 7 11.55 3.77 -9.99
CA VAL A 7 10.41 4.65 -9.67
C VAL A 7 9.07 3.89 -9.75
N LYS A 8 9.13 2.56 -9.81
CA LYS A 8 7.92 1.75 -9.89
C LYS A 8 7.05 1.94 -8.65
N CYS A 9 7.69 2.05 -7.49
CA CYS A 9 6.97 2.24 -6.22
C CYS A 9 7.34 3.58 -5.61
N THR A 10 6.35 4.25 -5.01
CA THR A 10 6.57 5.55 -4.37
C THR A 10 6.47 5.48 -2.84
N SER A 11 6.05 4.32 -2.31
CA SER A 11 5.92 4.15 -0.87
C SER A 11 6.99 3.20 -0.34
N VAL A 12 7.70 3.64 0.69
CA VAL A 12 8.76 2.82 1.30
C VAL A 12 8.23 1.98 2.44
N VAL A 13 7.26 2.52 3.18
CA VAL A 13 6.66 1.79 4.30
C VAL A 13 5.89 0.59 3.77
N LEU A 14 5.08 0.81 2.74
CA LEU A 14 4.31 -0.27 2.14
C LEU A 14 5.24 -1.32 1.56
N LEU A 15 6.19 -0.86 0.73
CA LEU A 15 7.13 -1.78 0.10
C LEU A 15 7.88 -2.56 1.17
N SER A 16 8.24 -1.86 2.25
CA SER A 16 8.93 -2.47 3.37
C SER A 16 8.09 -3.55 4.04
N VAL A 17 6.77 -3.31 4.18
CA VAL A 17 5.91 -4.28 4.85
C VAL A 17 5.77 -5.57 4.04
N LEU A 18 5.79 -5.47 2.70
CA LEU A 18 5.69 -6.70 1.86
C LEU A 18 7.03 -7.46 1.92
N GLN A 19 8.12 -6.71 2.10
CA GLN A 19 9.44 -7.33 2.23
C GLN A 19 9.44 -8.22 3.46
N GLN A 20 8.76 -7.74 4.51
CA GLN A 20 8.59 -8.49 5.75
C GLN A 20 7.82 -9.77 5.45
N LEU A 21 6.84 -9.66 4.54
CA LEU A 21 6.03 -10.84 4.15
C LEU A 21 6.89 -11.85 3.39
N ARG A 22 8.03 -11.38 2.83
CA ARG A 22 8.97 -12.23 2.09
C ARG A 22 8.44 -12.56 0.67
N VAL A 23 7.76 -11.59 0.05
CA VAL A 23 7.27 -11.79 -1.33
C VAL A 23 8.33 -11.28 -2.31
N GLU A 24 8.36 -11.86 -3.52
CA GLU A 24 9.33 -11.46 -4.53
C GLU A 24 8.81 -10.26 -5.31
N SER A 25 9.72 -9.44 -5.80
CA SER A 25 9.33 -8.23 -6.54
C SER A 25 8.49 -8.60 -7.77
N SER A 26 8.65 -9.83 -8.26
CA SER A 26 7.89 -10.29 -9.43
C SER A 26 6.72 -11.22 -9.05
N SER A 27 6.59 -11.53 -7.75
CA SER A 27 5.49 -12.40 -7.30
C SER A 27 4.14 -11.77 -7.61
N LYS A 28 3.13 -12.60 -7.90
CA LYS A 28 1.80 -12.09 -8.21
C LYS A 28 1.23 -11.33 -7.01
N LEU A 29 1.38 -11.93 -5.82
CA LEU A 29 0.90 -11.33 -4.58
C LEU A 29 1.59 -9.98 -4.34
N TRP A 30 2.88 -9.93 -4.65
CA TRP A 30 3.66 -8.69 -4.51
C TRP A 30 2.99 -7.61 -5.37
N ALA A 31 2.63 -8.00 -6.58
CA ALA A 31 1.94 -7.13 -7.52
C ALA A 31 0.58 -6.73 -6.96
N GLN A 32 -0.09 -7.67 -6.29
CA GLN A 32 -1.42 -7.40 -5.75
C GLN A 32 -1.38 -6.30 -4.69
N CYS A 33 -0.40 -6.37 -3.79
CA CYS A 33 -0.25 -5.37 -2.73
C CYS A 33 0.02 -3.99 -3.32
N VAL A 34 0.96 -3.95 -4.26
CA VAL A 34 1.32 -2.69 -4.92
C VAL A 34 0.13 -2.17 -5.75
N GLN A 35 -0.54 -3.09 -6.43
CA GLN A 35 -1.69 -2.75 -7.27
C GLN A 35 -2.83 -2.15 -6.44
N LEU A 36 -3.12 -2.76 -5.29
CA LEU A 36 -4.19 -2.27 -4.42
C LEU A 36 -3.80 -0.89 -3.89
N HIS A 37 -2.50 -0.68 -3.65
CA HIS A 37 -1.99 0.62 -3.20
C HIS A 37 -2.35 1.66 -4.27
N ASN A 38 -2.16 1.27 -5.53
CA ASN A 38 -2.49 2.16 -6.63
C ASN A 38 -3.97 2.47 -6.62
N ASP A 39 -4.80 1.47 -6.28
CA ASP A 39 -6.24 1.69 -6.24
C ASP A 39 -6.59 2.75 -5.19
N ILE A 40 -5.93 2.67 -4.03
CA ILE A 40 -6.19 3.64 -2.95
C ILE A 40 -5.90 5.04 -3.49
N LEU A 41 -4.80 5.15 -4.23
CA LEU A 41 -4.42 6.43 -4.84
C LEU A 41 -5.51 6.88 -5.81
N LEU A 42 -6.12 5.92 -6.51
CA LEU A 42 -7.19 6.22 -7.47
C LEU A 42 -8.46 6.68 -6.75
N ALA A 43 -8.73 6.09 -5.57
CA ALA A 43 -9.93 6.45 -4.80
C ALA A 43 -10.01 7.96 -4.61
N LYS A 44 -11.18 8.52 -4.97
CA LYS A 44 -11.41 9.97 -4.85
C LYS A 44 -12.17 10.33 -3.56
N ASP A 45 -12.44 9.32 -2.70
CA ASP A 45 -13.17 9.56 -1.47
C ASP A 45 -12.65 8.65 -0.36
N THR A 46 -12.94 9.03 0.88
CA THR A 46 -12.50 8.25 2.04
C THR A 46 -13.11 6.84 2.00
N THR A 47 -14.38 6.77 1.58
CA THR A 47 -15.08 5.48 1.51
C THR A 47 -14.41 4.57 0.47
N GLU A 48 -14.14 5.12 -0.73
CA GLU A 48 -13.50 4.34 -1.79
C GLU A 48 -12.11 3.91 -1.38
N ALA A 49 -11.34 4.85 -0.83
CA ALA A 49 -9.98 4.58 -0.38
C ALA A 49 -10.00 3.54 0.74
N PHE A 50 -10.97 3.66 1.65
CA PHE A 50 -11.08 2.74 2.78
C PHE A 50 -11.22 1.28 2.31
N GLU A 51 -12.12 1.05 1.35
CA GLU A 51 -12.34 -0.29 0.82
C GLU A 51 -11.06 -0.83 0.17
N LYS A 52 -10.36 0.06 -0.52
CA LYS A 52 -9.11 -0.27 -1.20
C LYS A 52 -8.00 -0.54 -0.17
N MET A 53 -8.00 0.23 0.92
CA MET A 53 -7.02 0.07 1.99
C MET A 53 -7.18 -1.29 2.66
N VAL A 54 -8.43 -1.69 2.90
CA VAL A 54 -8.69 -3.00 3.52
C VAL A 54 -8.37 -4.10 2.52
N SER A 55 -8.56 -3.83 1.22
CA SER A 55 -8.23 -4.80 0.19
C SER A 55 -6.72 -5.03 0.16
N LEU A 56 -5.97 -3.92 0.28
CA LEU A 56 -4.51 -3.97 0.29
C LEU A 56 -4.03 -4.77 1.50
N LEU A 57 -4.60 -4.42 2.67
CA LEU A 57 -4.27 -5.09 3.92
C LEU A 57 -4.72 -6.53 3.88
N SER A 58 -5.82 -6.80 3.19
CA SER A 58 -6.34 -8.16 3.09
C SER A 58 -5.25 -9.06 2.50
N VAL A 59 -4.54 -8.55 1.48
CA VAL A 59 -3.47 -9.33 0.85
C VAL A 59 -2.26 -9.46 1.80
N LEU A 60 -1.87 -8.36 2.44
CA LEU A 60 -0.71 -8.33 3.33
C LEU A 60 -0.91 -9.21 4.58
N LEU A 61 -2.08 -9.04 5.20
CA LEU A 61 -2.42 -9.78 6.43
C LEU A 61 -2.51 -11.26 6.12
N SER A 62 -3.21 -11.57 5.02
CA SER A 62 -3.38 -12.95 4.58
C SER A 62 -2.03 -13.58 4.26
N MET A 63 -1.15 -12.80 3.63
CA MET A 63 0.15 -13.27 3.22
C MET A 63 1.00 -13.77 4.41
N GLN A 64 1.12 -12.94 5.48
CA GLN A 64 1.92 -13.37 6.64
C GLN A 64 1.52 -12.60 7.91
N GLY A 65 1.08 -11.36 7.75
CA GLY A 65 0.67 -10.55 8.90
C GLY A 65 1.69 -9.46 9.27
N ALA A 66 2.45 -9.00 8.28
CA ALA A 66 3.46 -7.96 8.51
C ALA A 66 2.76 -6.69 8.98
N VAL A 67 3.40 -5.95 9.91
CA VAL A 67 2.80 -4.72 10.46
C VAL A 67 3.52 -3.48 9.95
N ASP A 68 2.75 -2.59 9.30
CA ASP A 68 3.26 -1.32 8.75
C ASP A 68 2.19 -0.68 7.85
N ILE A 69 1.36 -1.52 7.23
CA ILE A 69 0.29 -1.03 6.36
C ILE A 69 -0.62 -0.06 7.11
N ASN A 70 -0.69 -0.20 8.44
CA ASN A 70 -1.52 0.69 9.26
C ASN A 70 -0.98 2.12 9.15
N LYS A 71 0.35 2.26 9.14
CA LYS A 71 0.99 3.56 9.01
C LYS A 71 0.64 4.18 7.66
N LEU A 72 0.66 3.35 6.62
CA LEU A 72 0.36 3.79 5.27
C LEU A 72 -1.10 4.20 5.16
N CYS A 73 -1.97 3.36 5.71
CA CYS A 73 -3.41 3.59 5.67
C CYS A 73 -3.82 4.84 6.47
N GLU A 74 -3.32 4.93 7.70
CA GLU A 74 -3.65 6.06 8.58
C GLU A 74 -3.04 7.36 8.07
N GLU A 75 -1.87 7.26 7.42
CA GLU A 75 -1.21 8.45 6.89
C GLU A 75 -1.84 8.83 5.55
N MET A 76 -2.27 7.80 4.81
CA MET A 76 -2.92 7.99 3.52
C MET A 76 -4.22 8.76 3.74
N LEU A 77 -4.99 8.29 4.74
CA LEU A 77 -6.25 8.92 5.10
C LEU A 77 -6.00 10.33 5.60
N ASP A 78 -4.93 10.48 6.39
CA ASP A 78 -4.56 11.79 6.92
C ASP A 78 -4.27 12.75 5.78
N ASN A 79 -3.52 12.26 4.79
CA ASN A 79 -3.18 13.05 3.62
C ASN A 79 -4.45 13.43 2.84
N ARG A 80 -5.36 12.48 2.74
CA ARG A 80 -6.64 12.70 2.04
C ARG A 80 -7.48 13.74 2.78
N ALA A 81 -7.45 13.67 4.12
CA ALA A 81 -8.21 14.61 4.94
C ALA A 81 -7.73 16.04 4.72
N THR A 82 -8.68 16.97 4.67
CA THR A 82 -8.37 18.39 4.46
C THR A 82 -9.10 19.25 5.49
N LEU A 83 -8.60 20.47 5.70
CA LEU A 83 -9.20 21.40 6.66
C LEU A 83 -10.62 21.76 6.23
N GLN A 84 -10.82 21.94 4.93
CA GLN A 84 -12.13 22.30 4.38
C GLN A 84 -12.65 23.60 5.01
N GLY A 1 11.06 20.35 -16.99
CA GLY A 1 10.75 19.11 -16.21
C GLY A 1 10.92 17.89 -17.11
N SER A 2 9.80 17.21 -17.41
CA SER A 2 9.82 16.03 -18.25
C SER A 2 10.82 14.99 -17.71
N LYS A 3 10.89 14.89 -16.39
CA LYS A 3 11.80 13.94 -15.73
C LYS A 3 11.42 12.51 -16.11
N MET A 4 10.12 12.23 -16.17
CA MET A 4 9.63 10.90 -16.52
C MET A 4 10.25 9.82 -15.60
N SER A 5 10.44 10.19 -14.33
CA SER A 5 11.02 9.27 -13.35
C SER A 5 10.06 8.13 -13.06
N ASP A 6 10.61 6.94 -12.80
CA ASP A 6 9.80 5.77 -12.50
C ASP A 6 9.42 5.74 -11.02
N VAL A 7 8.67 4.70 -10.62
CA VAL A 7 8.23 4.56 -9.23
C VAL A 7 8.73 3.22 -8.67
N LYS A 8 9.47 3.28 -7.56
CA LYS A 8 9.99 2.08 -6.92
C LYS A 8 10.22 2.33 -5.43
N CYS A 9 9.69 1.42 -4.61
CA CYS A 9 9.85 1.53 -3.16
C CYS A 9 9.34 2.90 -2.65
N THR A 10 8.16 3.28 -3.14
CA THR A 10 7.56 4.56 -2.74
C THR A 10 7.31 4.58 -1.23
N SER A 11 6.76 3.49 -0.70
CA SER A 11 6.47 3.37 0.73
C SER A 11 7.42 2.38 1.39
N VAL A 12 8.09 2.82 2.46
CA VAL A 12 9.03 1.96 3.18
C VAL A 12 8.32 1.14 4.26
N VAL A 13 7.29 1.73 4.89
CA VAL A 13 6.54 1.03 5.92
C VAL A 13 5.78 -0.14 5.30
N LEU A 14 5.13 0.12 4.16
CA LEU A 14 4.38 -0.92 3.47
C LEU A 14 5.34 -2.02 3.00
N LEU A 15 6.40 -1.62 2.31
CA LEU A 15 7.38 -2.58 1.82
C LEU A 15 7.95 -3.39 2.97
N SER A 16 8.19 -2.69 4.08
CA SER A 16 8.71 -3.32 5.28
C SER A 16 7.75 -4.37 5.85
N VAL A 17 6.43 -4.06 5.83
CA VAL A 17 5.46 -4.99 6.38
C VAL A 17 5.33 -6.27 5.54
N LEU A 18 5.53 -6.17 4.21
CA LEU A 18 5.46 -7.38 3.36
C LEU A 18 6.70 -8.24 3.60
N GLN A 19 7.82 -7.58 3.92
CA GLN A 19 9.07 -8.28 4.22
C GLN A 19 8.83 -9.15 5.45
N GLN A 20 8.06 -8.61 6.39
CA GLN A 20 7.70 -9.34 7.60
C GLN A 20 6.88 -10.56 7.20
N LEU A 21 6.03 -10.42 6.17
CA LEU A 21 5.20 -11.53 5.68
C LEU A 21 6.08 -12.60 5.03
N ARG A 22 7.31 -12.22 4.63
CA ARG A 22 8.27 -13.13 4.00
C ARG A 22 7.92 -13.43 2.53
N VAL A 23 7.40 -12.41 1.82
CA VAL A 23 7.08 -12.57 0.39
C VAL A 23 8.29 -12.11 -0.42
N GLU A 24 8.45 -12.69 -1.62
CA GLU A 24 9.58 -12.35 -2.49
C GLU A 24 9.21 -11.13 -3.32
N SER A 25 10.23 -10.38 -3.73
CA SER A 25 10.00 -9.17 -4.52
C SER A 25 9.24 -9.50 -5.80
N SER A 26 9.57 -10.64 -6.41
CA SER A 26 8.91 -11.05 -7.65
C SER A 26 7.66 -11.91 -7.41
N SER A 27 7.35 -12.23 -6.14
CA SER A 27 6.16 -13.04 -5.83
C SER A 27 4.89 -12.33 -6.32
N LYS A 28 3.91 -13.12 -6.75
CA LYS A 28 2.65 -12.54 -7.24
C LYS A 28 1.95 -11.78 -6.12
N LEU A 29 1.90 -12.40 -4.94
CA LEU A 29 1.26 -11.78 -3.76
C LEU A 29 1.97 -10.48 -3.40
N TRP A 30 3.30 -10.49 -3.52
CA TRP A 30 4.10 -9.30 -3.25
C TRP A 30 3.63 -8.18 -4.18
N ALA A 31 3.43 -8.54 -5.44
CA ALA A 31 2.93 -7.62 -6.46
C ALA A 31 1.53 -7.16 -6.10
N GLN A 32 0.72 -8.06 -5.54
CA GLN A 32 -0.65 -7.71 -5.19
C GLN A 32 -0.68 -6.63 -4.12
N CYS A 33 0.18 -6.76 -3.10
CA CYS A 33 0.25 -5.78 -2.02
C CYS A 33 0.69 -4.43 -2.56
N VAL A 34 1.73 -4.45 -3.39
CA VAL A 34 2.26 -3.23 -4.00
C VAL A 34 1.21 -2.59 -4.91
N GLN A 35 0.55 -3.43 -5.71
CA GLN A 35 -0.47 -2.94 -6.64
C GLN A 35 -1.65 -2.30 -5.91
N LEU A 36 -2.07 -2.93 -4.81
CA LEU A 36 -3.19 -2.39 -4.03
C LEU A 36 -2.78 -1.04 -3.44
N HIS A 37 -1.49 -0.91 -3.05
CA HIS A 37 -0.98 0.36 -2.53
C HIS A 37 -1.16 1.42 -3.62
N ASN A 38 -0.75 1.04 -4.83
CA ASN A 38 -0.88 1.93 -5.98
C ASN A 38 -2.34 2.25 -6.23
N ASP A 39 -3.21 1.24 -6.05
CA ASP A 39 -4.64 1.43 -6.27
C ASP A 39 -5.18 2.49 -5.31
N ILE A 40 -4.71 2.44 -4.06
CA ILE A 40 -5.14 3.42 -3.06
C ILE A 40 -4.79 4.82 -3.57
N LEU A 41 -3.58 4.94 -4.11
CA LEU A 41 -3.11 6.21 -4.67
C LEU A 41 -4.02 6.62 -5.85
N LEU A 42 -4.49 5.62 -6.62
CA LEU A 42 -5.37 5.88 -7.77
C LEU A 42 -6.75 6.35 -7.31
N ALA A 43 -7.24 5.80 -6.20
CA ALA A 43 -8.56 6.15 -5.68
C ALA A 43 -8.72 7.68 -5.60
N LYS A 44 -9.80 8.18 -6.18
CA LYS A 44 -10.09 9.61 -6.18
C LYS A 44 -11.10 10.01 -5.08
N ASP A 45 -11.50 9.04 -4.25
CA ASP A 45 -12.46 9.30 -3.18
C ASP A 45 -12.07 8.53 -1.93
N THR A 46 -12.59 8.99 -0.78
CA THR A 46 -12.30 8.35 0.49
C THR A 46 -12.79 6.90 0.47
N THR A 47 -13.98 6.70 -0.08
CA THR A 47 -14.58 5.37 -0.16
C THR A 47 -13.72 4.46 -1.05
N GLU A 48 -13.30 4.98 -2.20
CA GLU A 48 -12.49 4.21 -3.15
C GLU A 48 -11.16 3.82 -2.51
N ALA A 49 -10.51 4.81 -1.89
CA ALA A 49 -9.23 4.56 -1.23
C ALA A 49 -9.40 3.58 -0.08
N PHE A 50 -10.48 3.76 0.69
CA PHE A 50 -10.77 2.89 1.84
C PHE A 50 -10.89 1.42 1.40
N GLU A 51 -11.66 1.18 0.33
CA GLU A 51 -11.86 -0.18 -0.17
C GLU A 51 -10.52 -0.78 -0.61
N LYS A 52 -9.70 0.06 -1.23
CA LYS A 52 -8.38 -0.34 -1.71
C LYS A 52 -7.45 -0.61 -0.52
N MET A 53 -7.57 0.22 0.53
CA MET A 53 -6.77 0.07 1.75
C MET A 53 -7.07 -1.25 2.42
N VAL A 54 -8.36 -1.61 2.47
CA VAL A 54 -8.74 -2.88 3.09
C VAL A 54 -8.36 -4.04 2.17
N SER A 55 -8.37 -3.79 0.86
CA SER A 55 -7.97 -4.81 -0.11
C SER A 55 -6.48 -5.11 0.06
N LEU A 56 -5.69 -4.05 0.26
CA LEU A 56 -4.26 -4.17 0.46
C LEU A 56 -3.98 -4.97 1.73
N LEU A 57 -4.68 -4.59 2.79
CA LEU A 57 -4.58 -5.26 4.09
C LEU A 57 -5.08 -6.69 3.99
N SER A 58 -6.09 -6.91 3.15
CA SER A 58 -6.66 -8.23 2.98
C SER A 58 -5.57 -9.20 2.55
N VAL A 59 -4.69 -8.73 1.64
CA VAL A 59 -3.60 -9.57 1.16
C VAL A 59 -2.53 -9.76 2.27
N LEU A 60 -2.18 -8.66 2.95
CA LEU A 60 -1.14 -8.70 4.00
C LEU A 60 -1.57 -9.55 5.20
N LEU A 61 -2.79 -9.30 5.67
CA LEU A 61 -3.34 -10.00 6.83
C LEU A 61 -3.48 -11.48 6.53
N SER A 62 -4.03 -11.77 5.35
CA SER A 62 -4.23 -13.14 4.91
C SER A 62 -2.89 -13.86 4.75
N MET A 63 -1.91 -13.12 4.24
CA MET A 63 -0.58 -13.67 4.00
C MET A 63 0.08 -14.20 5.28
N GLN A 64 0.09 -13.39 6.35
CA GLN A 64 0.71 -13.84 7.62
C GLN A 64 0.20 -13.06 8.83
N GLY A 65 -0.18 -11.80 8.62
CA GLY A 65 -0.71 -10.97 9.71
C GLY A 65 0.29 -9.94 10.21
N ALA A 66 1.22 -9.51 9.35
CA ALA A 66 2.22 -8.52 9.73
C ALA A 66 1.53 -7.20 10.09
N VAL A 67 2.05 -6.50 11.10
CA VAL A 67 1.45 -5.24 11.56
C VAL A 67 2.29 -4.04 11.14
N ASP A 68 1.66 -3.12 10.39
CA ASP A 68 2.31 -1.89 9.91
C ASP A 68 1.42 -1.19 8.87
N ILE A 69 0.65 -1.98 8.12
CA ILE A 69 -0.25 -1.46 7.10
C ILE A 69 -1.23 -0.44 7.72
N ASN A 70 -1.53 -0.61 9.01
CA ASN A 70 -2.44 0.32 9.69
C ASN A 70 -1.84 1.72 9.68
N LYS A 71 -0.52 1.79 9.89
CA LYS A 71 0.19 3.07 9.90
C LYS A 71 0.11 3.72 8.53
N LEU A 72 0.26 2.90 7.49
CA LEU A 72 0.21 3.37 6.11
C LEU A 72 -1.19 3.86 5.76
N CYS A 73 -2.18 3.05 6.11
CA CYS A 73 -3.58 3.37 5.83
C CYS A 73 -4.06 4.61 6.58
N GLU A 74 -3.76 4.66 7.89
CA GLU A 74 -4.20 5.79 8.71
C GLU A 74 -3.47 7.07 8.34
N GLU A 75 -2.20 6.93 7.90
CA GLU A 75 -1.43 8.09 7.50
C GLU A 75 -1.84 8.54 6.10
N MET A 76 -2.14 7.54 5.26
CA MET A 76 -2.57 7.78 3.89
C MET A 76 -3.86 8.58 3.91
N LEU A 77 -4.79 8.14 4.76
CA LEU A 77 -6.07 8.83 4.90
C LEU A 77 -5.85 10.25 5.41
N ASP A 78 -4.90 10.39 6.34
CA ASP A 78 -4.58 11.69 6.92
C ASP A 78 -4.04 12.61 5.84
N ASN A 79 -3.11 12.09 5.02
CA ASN A 79 -2.50 12.87 3.95
C ASN A 79 -3.55 13.25 2.91
N ARG A 80 -4.39 12.29 2.54
CA ARG A 80 -5.45 12.52 1.56
C ARG A 80 -6.46 13.54 2.09
N ALA A 81 -6.75 13.46 3.39
CA ALA A 81 -7.70 14.37 4.02
C ALA A 81 -7.21 15.82 3.93
N THR A 82 -5.90 16.00 4.12
CA THR A 82 -5.30 17.33 4.06
C THR A 82 -5.14 17.78 2.61
N LEU A 83 -4.94 19.08 2.41
CA LEU A 83 -4.76 19.64 1.07
C LEU A 83 -3.51 19.06 0.40
N GLN A 84 -2.45 18.90 1.18
CA GLN A 84 -1.19 18.35 0.67
C GLN A 84 -0.51 17.48 1.73
N GLY A 1 25.38 -5.72 -14.91
CA GLY A 1 24.74 -6.73 -14.02
C GLY A 1 23.25 -6.81 -14.34
N SER A 2 22.45 -6.11 -13.52
CA SER A 2 20.99 -6.10 -13.71
C SER A 2 20.49 -4.66 -13.80
N LYS A 3 19.42 -4.47 -14.58
CA LYS A 3 18.82 -3.14 -14.76
C LYS A 3 18.11 -2.71 -13.48
N MET A 4 18.16 -1.41 -13.20
CA MET A 4 17.51 -0.85 -12.01
C MET A 4 16.00 -0.80 -12.20
N SER A 5 15.26 -1.06 -11.11
CA SER A 5 13.80 -1.04 -11.17
C SER A 5 13.24 -0.62 -9.81
N ASP A 6 12.11 0.11 -9.85
CA ASP A 6 11.45 0.59 -8.63
C ASP A 6 12.44 1.37 -7.76
N VAL A 7 13.29 2.17 -8.41
CA VAL A 7 14.27 2.98 -7.70
C VAL A 7 13.55 3.96 -6.77
N LYS A 8 12.51 4.61 -7.30
CA LYS A 8 11.74 5.57 -6.52
C LYS A 8 10.44 4.92 -6.05
N CYS A 9 10.28 4.85 -4.72
CA CYS A 9 9.09 4.26 -4.11
C CYS A 9 8.27 5.33 -3.40
N THR A 10 6.98 5.41 -3.76
CA THR A 10 6.10 6.40 -3.15
C THR A 10 5.97 6.16 -1.64
N SER A 11 5.72 4.90 -1.26
CA SER A 11 5.58 4.55 0.15
C SER A 11 6.74 3.68 0.62
N VAL A 12 7.36 4.07 1.73
CA VAL A 12 8.49 3.32 2.29
C VAL A 12 8.00 2.37 3.38
N VAL A 13 7.02 2.82 4.17
CA VAL A 13 6.47 2.00 5.25
C VAL A 13 5.68 0.83 4.66
N LEU A 14 4.85 1.13 3.65
CA LEU A 14 4.05 0.11 3.01
C LEU A 14 4.95 -0.91 2.29
N LEU A 15 5.92 -0.39 1.53
CA LEU A 15 6.86 -1.25 0.82
C LEU A 15 7.64 -2.08 1.83
N SER A 16 8.03 -1.44 2.94
CA SER A 16 8.77 -2.12 3.99
C SER A 16 7.96 -3.26 4.60
N VAL A 17 6.64 -3.06 4.78
CA VAL A 17 5.81 -4.10 5.38
C VAL A 17 5.69 -5.32 4.46
N LEU A 18 5.74 -5.11 3.13
CA LEU A 18 5.67 -6.27 2.21
C LEU A 18 6.99 -7.05 2.29
N GLN A 19 8.08 -6.33 2.54
CA GLN A 19 9.39 -6.96 2.68
C GLN A 19 9.35 -7.89 3.88
N GLN A 20 8.63 -7.46 4.92
CA GLN A 20 8.45 -8.27 6.12
C GLN A 20 7.70 -9.55 5.75
N LEU A 21 6.75 -9.42 4.79
CA LEU A 21 5.99 -10.59 4.33
C LEU A 21 6.90 -11.55 3.54
N ARG A 22 8.03 -11.02 3.04
CA ARG A 22 9.02 -11.81 2.28
C ARG A 22 8.54 -12.09 0.85
N VAL A 23 7.86 -11.11 0.23
CA VAL A 23 7.40 -11.26 -1.15
C VAL A 23 8.50 -10.73 -2.09
N GLU A 24 8.56 -11.28 -3.31
CA GLU A 24 9.57 -10.87 -4.29
C GLU A 24 9.14 -9.60 -4.99
N SER A 25 10.09 -8.75 -5.34
CA SER A 25 9.78 -7.49 -6.01
C SER A 25 8.99 -7.74 -7.30
N SER A 26 9.24 -8.87 -7.95
CA SER A 26 8.53 -9.22 -9.19
C SER A 26 7.36 -10.18 -8.96
N SER A 27 7.15 -10.61 -7.70
CA SER A 27 6.05 -11.54 -7.39
C SER A 27 4.72 -10.92 -7.74
N LYS A 28 3.78 -11.76 -8.18
CA LYS A 28 2.45 -11.27 -8.52
C LYS A 28 1.79 -10.67 -7.29
N LEU A 29 1.95 -11.35 -6.14
CA LEU A 29 1.37 -10.89 -4.87
C LEU A 29 1.96 -9.54 -4.49
N TRP A 30 3.27 -9.40 -4.72
CA TRP A 30 3.97 -8.15 -4.45
C TRP A 30 3.31 -7.04 -5.27
N ALA A 31 3.03 -7.38 -6.54
CA ALA A 31 2.36 -6.46 -7.45
C ALA A 31 0.97 -6.14 -6.95
N GLN A 32 0.29 -7.13 -6.36
CA GLN A 32 -1.07 -6.93 -5.86
C GLN A 32 -1.08 -5.89 -4.75
N CYS A 33 -0.12 -6.00 -3.83
CA CYS A 33 -0.03 -5.07 -2.71
C CYS A 33 0.28 -3.66 -3.20
N VAL A 34 1.23 -3.58 -4.13
CA VAL A 34 1.64 -2.29 -4.70
C VAL A 34 0.47 -1.67 -5.48
N GLN A 35 -0.20 -2.50 -6.28
CA GLN A 35 -1.33 -2.03 -7.09
C GLN A 35 -2.47 -1.52 -6.22
N LEU A 36 -2.77 -2.22 -5.14
CA LEU A 36 -3.84 -1.81 -4.24
C LEU A 36 -3.48 -0.45 -3.63
N HIS A 37 -2.18 -0.27 -3.31
CA HIS A 37 -1.70 1.01 -2.79
C HIS A 37 -1.99 2.09 -3.82
N ASN A 38 -1.65 1.78 -5.08
CA ASN A 38 -1.90 2.72 -6.17
C ASN A 38 -3.39 2.98 -6.30
N ASP A 39 -4.20 1.93 -6.09
CA ASP A 39 -5.64 2.07 -6.19
C ASP A 39 -6.14 3.05 -5.14
N ILE A 40 -5.58 2.98 -3.93
CA ILE A 40 -5.96 3.89 -2.84
C ILE A 40 -5.73 5.33 -3.33
N LEU A 41 -4.57 5.53 -3.96
CA LEU A 41 -4.21 6.84 -4.49
C LEU A 41 -5.23 7.25 -5.57
N LEU A 42 -5.72 6.27 -6.34
CA LEU A 42 -6.70 6.54 -7.39
C LEU A 42 -8.05 6.93 -6.80
N ALA A 43 -8.40 6.31 -5.67
CA ALA A 43 -9.69 6.59 -5.01
C ALA A 43 -9.89 8.11 -4.86
N LYS A 44 -11.04 8.58 -5.34
CA LYS A 44 -11.37 10.01 -5.27
C LYS A 44 -12.23 10.35 -4.03
N ASP A 45 -12.48 9.35 -3.17
CA ASP A 45 -13.28 9.57 -1.98
C ASP A 45 -12.77 8.73 -0.82
N THR A 46 -13.16 9.10 0.39
CA THR A 46 -12.75 8.37 1.59
C THR A 46 -13.26 6.94 1.53
N THR A 47 -14.50 6.77 1.11
CA THR A 47 -15.12 5.45 1.01
C THR A 47 -14.35 4.56 0.02
N GLU A 48 -14.06 5.12 -1.17
CA GLU A 48 -13.34 4.38 -2.21
C GLU A 48 -11.95 3.99 -1.72
N ALA A 49 -11.25 4.97 -1.14
CA ALA A 49 -9.91 4.74 -0.61
C ALA A 49 -9.94 3.71 0.51
N PHE A 50 -10.95 3.80 1.37
CA PHE A 50 -11.10 2.89 2.50
C PHE A 50 -11.17 1.42 2.03
N GLU A 51 -12.01 1.17 1.02
CA GLU A 51 -12.16 -0.18 0.48
C GLU A 51 -10.84 -0.68 -0.10
N LYS A 52 -10.12 0.23 -0.75
CA LYS A 52 -8.83 -0.07 -1.37
C LYS A 52 -7.78 -0.31 -0.28
N MET A 53 -7.85 0.46 0.82
CA MET A 53 -6.93 0.32 1.94
C MET A 53 -7.08 -1.06 2.58
N VAL A 54 -8.33 -1.49 2.74
CA VAL A 54 -8.58 -2.81 3.33
C VAL A 54 -8.21 -3.89 2.33
N SER A 55 -8.35 -3.59 1.03
CA SER A 55 -7.98 -4.54 -0.01
C SER A 55 -6.47 -4.79 0.04
N LEU A 56 -5.72 -3.70 0.21
CA LEU A 56 -4.26 -3.77 0.30
C LEU A 56 -3.87 -4.65 1.48
N LEU A 57 -4.48 -4.35 2.62
CA LEU A 57 -4.25 -5.09 3.86
C LEU A 57 -4.71 -6.53 3.71
N SER A 58 -5.78 -6.75 2.96
CA SER A 58 -6.30 -8.10 2.77
C SER A 58 -5.20 -8.99 2.19
N VAL A 59 -4.42 -8.43 1.25
CA VAL A 59 -3.32 -9.18 0.64
C VAL A 59 -2.15 -9.36 1.63
N LEU A 60 -1.79 -8.29 2.35
CA LEU A 60 -0.67 -8.32 3.29
C LEU A 60 -0.94 -9.25 4.48
N LEU A 61 -2.13 -9.11 5.06
CA LEU A 61 -2.53 -9.91 6.21
C LEU A 61 -2.58 -11.38 5.84
N SER A 62 -3.20 -11.64 4.69
CA SER A 62 -3.32 -13.00 4.18
C SER A 62 -1.93 -13.59 3.89
N MET A 63 -1.05 -12.75 3.35
CA MET A 63 0.31 -13.18 2.99
C MET A 63 1.10 -13.71 4.19
N GLN A 64 1.13 -12.96 5.31
CA GLN A 64 1.87 -13.42 6.49
C GLN A 64 1.38 -12.74 7.77
N GLY A 65 0.90 -11.50 7.66
CA GLY A 65 0.39 -10.77 8.84
C GLY A 65 1.34 -9.67 9.32
N ALA A 66 2.18 -9.15 8.42
CA ALA A 66 3.10 -8.07 8.77
C ALA A 66 2.31 -6.83 9.21
N VAL A 67 2.83 -6.11 10.21
CA VAL A 67 2.14 -4.92 10.72
C VAL A 67 2.88 -3.63 10.36
N ASP A 68 2.16 -2.71 9.71
CA ASP A 68 2.70 -1.39 9.29
C ASP A 68 1.71 -0.69 8.35
N ILE A 69 0.95 -1.49 7.59
CA ILE A 69 -0.05 -0.94 6.67
C ILE A 69 -1.01 -0.02 7.43
N ASN A 70 -1.19 -0.26 8.74
CA ASN A 70 -2.06 0.57 9.54
C ASN A 70 -1.54 2.02 9.53
N LYS A 71 -0.21 2.15 9.59
CA LYS A 71 0.43 3.48 9.57
C LYS A 71 0.16 4.16 8.24
N LEU A 72 0.23 3.38 7.15
CA LEU A 72 0.00 3.93 5.81
C LEU A 72 -1.46 4.34 5.65
N CYS A 73 -2.35 3.45 6.08
CA CYS A 73 -3.79 3.66 5.97
C CYS A 73 -4.25 4.84 6.83
N GLU A 74 -3.82 4.88 8.09
CA GLU A 74 -4.23 5.93 9.00
C GLU A 74 -3.64 7.28 8.59
N GLU A 75 -2.44 7.26 8.00
CA GLU A 75 -1.81 8.49 7.55
C GLU A 75 -2.42 8.93 6.21
N MET A 76 -2.71 7.93 5.38
CA MET A 76 -3.31 8.16 4.07
C MET A 76 -4.67 8.81 4.27
N LEU A 77 -5.43 8.24 5.19
CA LEU A 77 -6.75 8.76 5.54
C LEU A 77 -6.62 10.16 6.13
N ASP A 78 -5.57 10.35 6.94
CA ASP A 78 -5.31 11.65 7.56
C ASP A 78 -5.14 12.70 6.47
N ASN A 79 -4.42 12.32 5.39
CA ASN A 79 -4.21 13.23 4.27
C ASN A 79 -5.55 13.61 3.66
N ARG A 80 -6.43 12.61 3.52
CA ARG A 80 -7.77 12.84 2.96
C ARG A 80 -8.57 13.77 3.87
N ALA A 81 -8.42 13.58 5.19
CA ALA A 81 -9.12 14.41 6.16
C ALA A 81 -8.69 15.86 6.06
N THR A 82 -9.66 16.77 6.19
CA THR A 82 -9.38 18.21 6.12
C THR A 82 -10.04 18.94 7.29
N LEU A 83 -9.55 20.15 7.56
CA LEU A 83 -10.07 20.95 8.66
C LEU A 83 -11.55 21.30 8.41
N GLN A 84 -11.87 21.61 7.15
CA GLN A 84 -13.24 21.96 6.78
C GLN A 84 -14.07 20.70 6.56
N GLY A 1 16.34 13.58 -23.07
CA GLY A 1 15.32 12.77 -22.34
C GLY A 1 15.76 12.56 -20.90
N SER A 2 15.75 11.29 -20.47
CA SER A 2 16.15 10.93 -19.10
C SER A 2 15.20 11.53 -18.06
N LYS A 3 15.33 12.83 -17.79
CA LYS A 3 14.47 13.51 -16.83
C LYS A 3 13.01 13.47 -17.29
N MET A 4 12.12 13.07 -16.38
CA MET A 4 10.69 12.98 -16.68
C MET A 4 9.88 13.71 -15.62
N SER A 5 8.76 14.30 -16.05
CA SER A 5 7.88 15.04 -15.14
C SER A 5 7.32 14.10 -14.07
N ASP A 6 6.95 12.89 -14.48
CA ASP A 6 6.40 11.91 -13.55
C ASP A 6 7.43 11.53 -12.50
N VAL A 7 6.95 11.31 -11.27
CA VAL A 7 7.83 10.95 -10.16
C VAL A 7 7.40 9.60 -9.58
N LYS A 8 8.35 8.67 -9.48
CA LYS A 8 8.07 7.34 -8.93
C LYS A 8 8.10 7.39 -7.41
N CYS A 9 7.10 6.76 -6.79
CA CYS A 9 7.00 6.74 -5.33
C CYS A 9 7.01 5.30 -4.81
N THR A 10 7.52 5.14 -3.59
CA THR A 10 7.60 3.82 -2.96
C THR A 10 7.43 3.94 -1.44
N SER A 11 6.87 2.90 -0.82
CA SER A 11 6.65 2.89 0.61
C SER A 11 7.57 1.89 1.31
N VAL A 12 8.31 2.38 2.32
CA VAL A 12 9.24 1.53 3.07
C VAL A 12 8.52 0.78 4.20
N VAL A 13 7.50 1.41 4.77
CA VAL A 13 6.73 0.80 5.84
C VAL A 13 5.93 -0.37 5.29
N LEU A 14 5.26 -0.14 4.15
CA LEU A 14 4.49 -1.20 3.53
C LEU A 14 5.40 -2.35 3.12
N LEU A 15 6.47 -2.01 2.39
CA LEU A 15 7.41 -3.01 1.92
C LEU A 15 7.96 -3.79 3.10
N SER A 16 8.22 -3.05 4.18
CA SER A 16 8.72 -3.64 5.40
C SER A 16 7.74 -4.65 5.98
N VAL A 17 6.43 -4.31 5.96
CA VAL A 17 5.42 -5.21 6.53
C VAL A 17 5.26 -6.49 5.71
N LEU A 18 5.47 -6.43 4.38
CA LEU A 18 5.33 -7.65 3.56
C LEU A 18 6.54 -8.56 3.83
N GLN A 19 7.67 -7.94 4.16
CA GLN A 19 8.88 -8.70 4.50
C GLN A 19 8.56 -9.53 5.75
N GLN A 20 7.79 -8.92 6.65
CA GLN A 20 7.36 -9.59 7.86
C GLN A 20 6.46 -10.76 7.48
N LEU A 21 5.68 -10.59 6.40
CA LEU A 21 4.80 -11.67 5.92
C LEU A 21 5.66 -12.82 5.37
N ARG A 22 6.92 -12.51 5.01
CA ARG A 22 7.87 -13.49 4.46
C ARG A 22 7.56 -13.83 2.99
N VAL A 23 7.15 -12.83 2.21
CA VAL A 23 6.86 -13.05 0.77
C VAL A 23 8.08 -12.61 -0.05
N GLU A 24 8.27 -13.23 -1.22
CA GLU A 24 9.39 -12.91 -2.08
C GLU A 24 9.04 -11.71 -2.95
N SER A 25 10.05 -10.92 -3.30
CA SER A 25 9.83 -9.72 -4.12
C SER A 25 9.17 -10.08 -5.46
N SER A 26 9.35 -11.34 -5.91
CA SER A 26 8.76 -11.77 -7.18
C SER A 26 7.50 -12.62 -6.98
N SER A 27 7.12 -12.90 -5.72
CA SER A 27 5.92 -13.69 -5.44
C SER A 27 4.67 -12.99 -5.95
N LYS A 28 3.67 -13.77 -6.38
CA LYS A 28 2.43 -13.21 -6.89
C LYS A 28 1.74 -12.41 -5.79
N LEU A 29 1.68 -13.00 -4.59
CA LEU A 29 1.06 -12.36 -3.44
C LEU A 29 1.80 -11.07 -3.09
N TRP A 30 3.12 -11.10 -3.22
CA TRP A 30 3.94 -9.91 -2.97
C TRP A 30 3.46 -8.80 -3.90
N ALA A 31 3.23 -9.18 -5.15
CA ALA A 31 2.74 -8.26 -6.17
C ALA A 31 1.36 -7.75 -5.78
N GLN A 32 0.55 -8.61 -5.16
CA GLN A 32 -0.80 -8.22 -4.76
C GLN A 32 -0.76 -7.10 -3.72
N CYS A 33 0.14 -7.23 -2.74
CA CYS A 33 0.27 -6.22 -1.68
C CYS A 33 0.72 -4.88 -2.26
N VAL A 34 1.72 -4.94 -3.14
CA VAL A 34 2.26 -3.75 -3.79
C VAL A 34 1.23 -3.14 -4.73
N GLN A 35 0.56 -3.98 -5.51
CA GLN A 35 -0.45 -3.51 -6.47
C GLN A 35 -1.61 -2.82 -5.76
N LEU A 36 -2.06 -3.40 -4.64
CA LEU A 36 -3.16 -2.82 -3.89
C LEU A 36 -2.72 -1.47 -3.32
N HIS A 37 -1.44 -1.37 -2.92
CA HIS A 37 -0.88 -0.10 -2.44
C HIS A 37 -1.03 0.95 -3.55
N ASN A 38 -0.63 0.53 -4.75
CA ASN A 38 -0.73 1.40 -5.91
C ASN A 38 -2.19 1.73 -6.20
N ASP A 39 -3.08 0.74 -5.99
CA ASP A 39 -4.50 0.96 -6.21
C ASP A 39 -5.02 2.06 -5.30
N ILE A 40 -4.56 2.04 -4.05
CA ILE A 40 -4.97 3.07 -3.07
C ILE A 40 -4.58 4.44 -3.62
N LEU A 41 -3.37 4.52 -4.16
CA LEU A 41 -2.88 5.75 -4.76
C LEU A 41 -3.77 6.15 -5.94
N LEU A 42 -4.25 5.14 -6.68
CA LEU A 42 -5.12 5.39 -7.83
C LEU A 42 -6.49 5.91 -7.39
N ALA A 43 -6.99 5.39 -6.25
CA ALA A 43 -8.29 5.81 -5.73
C ALA A 43 -8.35 7.33 -5.60
N LYS A 44 -9.34 7.93 -6.24
CA LYS A 44 -9.52 9.39 -6.19
C LYS A 44 -10.52 9.80 -5.10
N ASP A 45 -11.20 8.82 -4.50
CA ASP A 45 -12.18 9.08 -3.45
C ASP A 45 -11.77 8.38 -2.16
N THR A 46 -12.23 8.93 -1.03
CA THR A 46 -11.91 8.35 0.27
C THR A 46 -12.43 6.91 0.33
N THR A 47 -13.65 6.72 -0.18
CA THR A 47 -14.28 5.40 -0.19
C THR A 47 -13.47 4.44 -1.06
N GLU A 48 -13.05 4.91 -2.25
CA GLU A 48 -12.28 4.07 -3.16
C GLU A 48 -10.96 3.66 -2.53
N ALA A 49 -10.27 4.64 -1.93
CA ALA A 49 -8.99 4.37 -1.28
C ALA A 49 -9.20 3.43 -0.10
N PHE A 50 -10.27 3.67 0.67
CA PHE A 50 -10.58 2.84 1.83
C PHE A 50 -10.75 1.37 1.44
N GLU A 51 -11.53 1.12 0.39
CA GLU A 51 -11.76 -0.25 -0.08
C GLU A 51 -10.45 -0.90 -0.51
N LYS A 52 -9.61 -0.11 -1.15
CA LYS A 52 -8.30 -0.56 -1.62
C LYS A 52 -7.37 -0.82 -0.43
N MET A 53 -7.48 0.03 0.59
CA MET A 53 -6.69 -0.11 1.81
C MET A 53 -7.01 -1.41 2.52
N VAL A 54 -8.31 -1.74 2.58
CA VAL A 54 -8.72 -2.99 3.22
C VAL A 54 -8.36 -4.17 2.31
N SER A 55 -8.37 -3.94 0.99
CA SER A 55 -7.99 -4.98 0.04
C SER A 55 -6.52 -5.33 0.23
N LEU A 56 -5.70 -4.29 0.41
CA LEU A 56 -4.26 -4.47 0.63
C LEU A 56 -4.05 -5.31 1.89
N LEU A 57 -4.78 -4.94 2.93
CA LEU A 57 -4.73 -5.63 4.21
C LEU A 57 -5.34 -7.03 4.07
N SER A 58 -6.29 -7.20 3.17
CA SER A 58 -6.90 -8.52 2.98
C SER A 58 -5.82 -9.52 2.61
N VAL A 59 -4.89 -9.10 1.75
CA VAL A 59 -3.77 -9.96 1.34
C VAL A 59 -2.81 -10.16 2.52
N LEU A 60 -2.55 -9.07 3.24
CA LEU A 60 -1.63 -9.07 4.39
C LEU A 60 -2.11 -9.98 5.51
N LEU A 61 -3.34 -9.76 5.93
CA LEU A 61 -3.96 -10.50 7.01
C LEU A 61 -4.06 -11.97 6.64
N SER A 62 -4.48 -12.20 5.40
CA SER A 62 -4.60 -13.56 4.90
C SER A 62 -3.23 -14.24 4.84
N MET A 63 -2.24 -13.46 4.40
CA MET A 63 -0.87 -13.96 4.26
C MET A 63 -0.24 -14.35 5.61
N GLN A 64 -0.32 -13.46 6.62
CA GLN A 64 0.29 -13.77 7.92
C GLN A 64 -0.26 -12.89 9.05
N GLY A 65 -0.63 -11.64 8.74
CA GLY A 65 -1.17 -10.75 9.77
C GLY A 65 -0.11 -9.78 10.33
N ALA A 66 0.89 -9.44 9.52
CA ALA A 66 1.95 -8.51 9.97
C ALA A 66 1.33 -7.15 10.33
N VAL A 67 1.88 -6.50 11.37
CA VAL A 67 1.35 -5.21 11.83
C VAL A 67 2.24 -4.05 11.35
N ASP A 68 1.63 -3.12 10.60
CA ASP A 68 2.31 -1.93 10.07
C ASP A 68 1.42 -1.22 9.03
N ILE A 69 0.60 -2.01 8.33
CA ILE A 69 -0.30 -1.48 7.32
C ILE A 69 -1.22 -0.40 7.91
N ASN A 70 -1.50 -0.48 9.23
CA ASN A 70 -2.35 0.51 9.88
C ASN A 70 -1.70 1.88 9.79
N LYS A 71 -0.37 1.91 9.98
CA LYS A 71 0.40 3.16 9.90
C LYS A 71 0.32 3.74 8.50
N LEU A 72 0.42 2.85 7.51
CA LEU A 72 0.37 3.25 6.10
C LEU A 72 -1.02 3.78 5.73
N CYS A 73 -2.04 3.04 6.16
CA CYS A 73 -3.42 3.39 5.87
C CYS A 73 -3.83 4.69 6.56
N GLU A 74 -3.53 4.81 7.86
CA GLU A 74 -3.90 5.99 8.63
C GLU A 74 -3.12 7.23 8.17
N GLU A 75 -1.88 7.00 7.71
CA GLU A 75 -1.07 8.11 7.24
C GLU A 75 -1.48 8.48 5.81
N MET A 76 -1.84 7.45 5.04
CA MET A 76 -2.27 7.61 3.66
C MET A 76 -3.53 8.45 3.64
N LEU A 77 -4.47 8.10 4.52
CA LEU A 77 -5.72 8.84 4.62
C LEU A 77 -5.45 10.27 5.07
N ASP A 78 -4.51 10.41 6.00
CA ASP A 78 -4.14 11.72 6.51
C ASP A 78 -3.55 12.59 5.41
N ASN A 79 -2.70 11.97 4.57
CA ASN A 79 -2.06 12.68 3.47
C ASN A 79 -3.10 13.10 2.44
N ARG A 80 -4.00 12.18 2.11
CA ARG A 80 -5.06 12.46 1.14
C ARG A 80 -5.99 13.55 1.66
N ALA A 81 -6.27 13.51 2.96
CA ALA A 81 -7.15 14.49 3.60
C ALA A 81 -6.57 15.89 3.46
N THR A 82 -5.25 16.00 3.63
CA THR A 82 -4.57 17.30 3.53
C THR A 82 -4.36 17.68 2.07
N LEU A 83 -4.07 18.96 1.84
CA LEU A 83 -3.85 19.47 0.48
C LEU A 83 -2.64 18.78 -0.15
N GLN A 84 -1.59 18.58 0.65
CA GLN A 84 -0.37 17.93 0.17
C GLN A 84 -0.67 16.53 -0.35
N GLY A 1 -4.00 1.06 -17.22
CA GLY A 1 -3.05 1.45 -16.13
C GLY A 1 -1.66 0.92 -16.46
N SER A 2 -0.64 1.75 -16.22
CA SER A 2 0.73 1.37 -16.48
C SER A 2 1.69 2.16 -15.59
N LYS A 3 2.92 1.66 -15.46
CA LYS A 3 3.93 2.30 -14.63
C LYS A 3 4.44 3.58 -15.32
N MET A 4 4.72 4.60 -14.50
CA MET A 4 5.22 5.87 -15.01
C MET A 4 6.37 6.37 -14.14
N SER A 5 7.47 6.80 -14.80
CA SER A 5 8.64 7.29 -14.08
C SER A 5 8.31 8.54 -13.27
N ASP A 6 7.47 9.40 -13.83
CA ASP A 6 7.08 10.64 -13.17
C ASP A 6 6.33 10.33 -11.87
N VAL A 7 6.59 11.17 -10.85
CA VAL A 7 5.94 11.00 -9.54
C VAL A 7 6.10 9.55 -9.04
N LYS A 8 7.16 9.32 -8.27
CA LYS A 8 7.43 7.98 -7.72
C LYS A 8 7.38 8.05 -6.19
N CYS A 9 6.53 7.19 -5.60
CA CYS A 9 6.38 7.15 -4.15
C CYS A 9 6.81 5.80 -3.60
N THR A 10 7.65 5.83 -2.56
CA THR A 10 8.15 4.60 -1.93
C THR A 10 7.81 4.63 -0.43
N SER A 11 7.22 3.53 0.05
CA SER A 11 6.85 3.42 1.47
C SER A 11 7.75 2.41 2.17
N VAL A 12 8.33 2.82 3.30
CA VAL A 12 9.21 1.95 4.07
C VAL A 12 8.42 1.09 5.05
N VAL A 13 7.35 1.65 5.61
CA VAL A 13 6.52 0.90 6.55
C VAL A 13 5.81 -0.24 5.81
N LEU A 14 5.23 0.08 4.65
CA LEU A 14 4.55 -0.94 3.86
C LEU A 14 5.53 -2.02 3.42
N LEU A 15 6.65 -1.58 2.83
CA LEU A 15 7.66 -2.53 2.36
C LEU A 15 8.13 -3.39 3.54
N SER A 16 8.28 -2.74 4.70
CA SER A 16 8.71 -3.42 5.91
C SER A 16 7.71 -4.48 6.33
N VAL A 17 6.39 -4.18 6.21
CA VAL A 17 5.37 -5.14 6.63
C VAL A 17 5.36 -6.39 5.74
N LEU A 18 5.65 -6.24 4.44
CA LEU A 18 5.68 -7.42 3.54
C LEU A 18 6.93 -8.25 3.83
N GLN A 19 8.00 -7.57 4.26
CA GLN A 19 9.23 -8.26 4.64
C GLN A 19 8.93 -9.19 5.80
N GLN A 20 8.07 -8.71 6.71
CA GLN A 20 7.63 -9.50 7.85
C GLN A 20 6.88 -10.73 7.35
N LEU A 21 6.11 -10.55 6.26
CA LEU A 21 5.35 -11.66 5.67
C LEU A 21 6.31 -12.68 5.03
N ARG A 22 7.55 -12.24 4.74
CA ARG A 22 8.59 -13.10 4.16
C ARG A 22 8.35 -13.35 2.66
N VAL A 23 7.86 -12.32 1.95
CA VAL A 23 7.65 -12.44 0.50
C VAL A 23 8.90 -11.96 -0.23
N GLU A 24 9.14 -12.49 -1.43
CA GLU A 24 10.32 -12.12 -2.22
C GLU A 24 10.02 -10.87 -3.02
N SER A 25 11.06 -10.07 -3.27
CA SER A 25 10.89 -8.83 -4.02
C SER A 25 10.31 -9.09 -5.42
N SER A 26 10.50 -10.31 -5.93
CA SER A 26 9.99 -10.66 -7.25
C SER A 26 8.71 -11.53 -7.17
N SER A 27 8.29 -11.91 -5.96
CA SER A 27 7.08 -12.73 -5.80
C SER A 27 5.86 -11.97 -6.34
N LYS A 28 4.90 -12.72 -6.89
CA LYS A 28 3.69 -12.10 -7.43
C LYS A 28 2.93 -11.38 -6.32
N LEU A 29 2.79 -12.04 -5.17
CA LEU A 29 2.08 -11.47 -4.02
C LEU A 29 2.77 -10.19 -3.56
N TRP A 30 4.11 -10.20 -3.59
CA TRP A 30 4.90 -9.03 -3.23
C TRP A 30 4.48 -7.87 -4.14
N ALA A 31 4.37 -8.18 -5.43
CA ALA A 31 3.94 -7.22 -6.42
C ALA A 31 2.51 -6.77 -6.15
N GLN A 32 1.67 -7.70 -5.70
CA GLN A 32 0.26 -7.38 -5.43
C GLN A 32 0.14 -6.33 -4.32
N CYS A 33 0.91 -6.51 -3.24
CA CYS A 33 0.88 -5.57 -2.12
C CYS A 33 1.36 -4.19 -2.56
N VAL A 34 2.46 -4.18 -3.31
CA VAL A 34 3.03 -2.93 -3.81
C VAL A 34 2.06 -2.26 -4.78
N GLN A 35 1.47 -3.07 -5.67
CA GLN A 35 0.53 -2.54 -6.67
C GLN A 35 -0.70 -1.94 -6.00
N LEU A 36 -1.23 -2.61 -4.98
CA LEU A 36 -2.40 -2.11 -4.28
C LEU A 36 -2.05 -0.78 -3.59
N HIS A 37 -0.81 -0.68 -3.10
CA HIS A 37 -0.33 0.57 -2.49
C HIS A 37 -0.41 1.66 -3.54
N ASN A 38 0.08 1.34 -4.75
CA ASN A 38 0.05 2.27 -5.85
C ASN A 38 -1.38 2.61 -6.21
N ASP A 39 -2.27 1.61 -6.13
CA ASP A 39 -3.68 1.82 -6.44
C ASP A 39 -4.27 2.84 -5.49
N ILE A 40 -3.90 2.73 -4.21
CA ILE A 40 -4.40 3.67 -3.19
C ILE A 40 -3.99 5.09 -3.61
N LEU A 41 -2.74 5.22 -4.07
CA LEU A 41 -2.23 6.50 -4.53
C LEU A 41 -3.04 6.98 -5.74
N LEU A 42 -3.47 6.03 -6.59
CA LEU A 42 -4.26 6.35 -7.78
C LEU A 42 -5.65 6.83 -7.38
N ALA A 43 -6.21 6.24 -6.31
CA ALA A 43 -7.55 6.60 -5.85
C ALA A 43 -7.71 8.12 -5.77
N LYS A 44 -8.57 8.65 -6.62
CA LYS A 44 -8.84 10.07 -6.68
C LYS A 44 -9.52 10.54 -5.39
N ASP A 45 -10.38 9.68 -4.84
CA ASP A 45 -11.12 10.03 -3.62
C ASP A 45 -10.78 9.08 -2.47
N THR A 46 -11.16 9.50 -1.26
CA THR A 46 -10.92 8.73 -0.05
C THR A 46 -11.66 7.39 -0.13
N THR A 47 -12.89 7.41 -0.67
CA THR A 47 -13.69 6.20 -0.80
C THR A 47 -12.96 5.16 -1.66
N GLU A 48 -12.44 5.61 -2.80
CA GLU A 48 -11.72 4.71 -3.71
C GLU A 48 -10.45 4.20 -3.03
N ALA A 49 -9.76 5.10 -2.32
CA ALA A 49 -8.55 4.74 -1.61
C ALA A 49 -8.85 3.73 -0.51
N PHE A 50 -9.98 3.90 0.17
CA PHE A 50 -10.39 3.01 1.25
C PHE A 50 -10.51 1.56 0.75
N GLU A 51 -11.20 1.36 -0.38
CA GLU A 51 -11.37 0.03 -0.95
C GLU A 51 -10.01 -0.58 -1.32
N LYS A 52 -9.13 0.28 -1.84
CA LYS A 52 -7.77 -0.14 -2.24
C LYS A 52 -6.93 -0.47 -1.00
N MET A 53 -7.13 0.31 0.07
CA MET A 53 -6.43 0.09 1.34
C MET A 53 -6.77 -1.26 1.92
N VAL A 54 -8.07 -1.62 1.86
CA VAL A 54 -8.48 -2.93 2.38
C VAL A 54 -8.02 -4.03 1.45
N SER A 55 -7.96 -3.73 0.13
CA SER A 55 -7.49 -4.70 -0.84
C SER A 55 -6.01 -5.01 -0.56
N LEU A 56 -5.25 -3.96 -0.27
CA LEU A 56 -3.83 -4.08 0.03
C LEU A 56 -3.65 -4.94 1.29
N LEU A 57 -4.43 -4.62 2.31
CA LEU A 57 -4.40 -5.36 3.57
C LEU A 57 -4.90 -6.78 3.38
N SER A 58 -5.85 -6.97 2.46
CA SER A 58 -6.38 -8.29 2.21
C SER A 58 -5.25 -9.23 1.80
N VAL A 59 -4.31 -8.71 0.98
CA VAL A 59 -3.17 -9.52 0.55
C VAL A 59 -2.19 -9.75 1.71
N LEU A 60 -1.89 -8.70 2.47
CA LEU A 60 -0.94 -8.78 3.58
C LEU A 60 -1.44 -9.68 4.72
N LEU A 61 -2.68 -9.46 5.12
CA LEU A 61 -3.32 -10.21 6.19
C LEU A 61 -3.43 -11.69 5.82
N SER A 62 -3.88 -11.92 4.59
CA SER A 62 -4.04 -13.28 4.09
C SER A 62 -2.68 -13.98 4.01
N MET A 63 -1.66 -13.22 3.61
CA MET A 63 -0.31 -13.75 3.47
C MET A 63 0.25 -14.32 4.78
N GLN A 64 0.18 -13.56 5.88
CA GLN A 64 0.69 -14.05 7.16
C GLN A 64 0.09 -13.31 8.35
N GLY A 65 -0.26 -12.03 8.16
CA GLY A 65 -0.87 -11.25 9.23
C GLY A 65 0.10 -10.23 9.85
N ALA A 66 1.08 -9.78 9.06
CA ALA A 66 2.06 -8.79 9.54
C ALA A 66 1.34 -7.49 9.89
N VAL A 67 1.79 -6.82 10.97
CA VAL A 67 1.16 -5.58 11.42
C VAL A 67 2.03 -4.36 11.12
N ASP A 68 1.46 -3.40 10.38
CA ASP A 68 2.14 -2.16 10.01
C ASP A 68 1.33 -1.41 8.93
N ILE A 69 0.61 -2.18 8.10
CA ILE A 69 -0.22 -1.61 7.05
C ILE A 69 -1.23 -0.62 7.64
N ASN A 70 -1.62 -0.83 8.91
CA ASN A 70 -2.56 0.07 9.57
C ASN A 70 -1.97 1.47 9.65
N LYS A 71 -0.66 1.54 9.92
CA LYS A 71 0.05 2.82 10.02
C LYS A 71 0.04 3.51 8.67
N LEU A 72 0.25 2.74 7.61
CA LEU A 72 0.27 3.28 6.25
C LEU A 72 -1.13 3.77 5.85
N CYS A 73 -2.12 2.94 6.12
CA CYS A 73 -3.50 3.24 5.78
C CYS A 73 -4.04 4.44 6.56
N GLU A 74 -3.82 4.44 7.88
CA GLU A 74 -4.31 5.52 8.73
C GLU A 74 -3.59 6.83 8.43
N GLU A 75 -2.31 6.74 8.05
CA GLU A 75 -1.56 7.94 7.73
C GLU A 75 -1.91 8.41 6.32
N MET A 76 -2.13 7.45 5.44
CA MET A 76 -2.50 7.71 4.06
C MET A 76 -3.82 8.45 4.04
N LEU A 77 -4.77 7.93 4.82
CA LEU A 77 -6.09 8.55 4.94
C LEU A 77 -5.96 9.96 5.50
N ASP A 78 -5.05 10.12 6.46
CA ASP A 78 -4.80 11.43 7.06
C ASP A 78 -4.33 12.38 5.96
N ASN A 79 -3.45 11.87 5.09
CA ASN A 79 -2.94 12.67 3.98
C ASN A 79 -4.08 13.09 3.06
N ARG A 80 -4.99 12.15 2.78
CA ARG A 80 -6.15 12.44 1.93
C ARG A 80 -7.03 13.48 2.59
N ALA A 81 -7.18 13.38 3.91
CA ALA A 81 -8.01 14.33 4.67
C ALA A 81 -7.47 15.74 4.54
N THR A 82 -8.37 16.71 4.40
CA THR A 82 -7.98 18.12 4.27
C THR A 82 -9.08 19.02 4.82
N LEU A 83 -8.67 20.21 5.28
CA LEU A 83 -9.62 21.19 5.82
C LEU A 83 -10.62 21.62 4.75
N GLN A 84 -10.12 21.82 3.53
CA GLN A 84 -10.97 22.24 2.41
C GLN A 84 -10.72 21.36 1.18
N GLY A 1 10.42 20.37 -5.25
CA GLY A 1 11.61 20.89 -5.98
C GLY A 1 11.46 20.60 -7.47
N SER A 2 12.44 21.05 -8.27
CA SER A 2 12.41 20.84 -9.71
C SER A 2 12.54 19.36 -10.04
N LYS A 3 11.88 18.94 -11.13
CA LYS A 3 11.91 17.55 -11.57
C LYS A 3 11.49 16.62 -10.43
N MET A 4 11.52 15.30 -10.69
CA MET A 4 11.14 14.31 -9.68
C MET A 4 12.17 13.18 -9.63
N SER A 5 12.56 12.80 -8.41
CA SER A 5 13.53 11.73 -8.23
C SER A 5 12.98 10.40 -8.75
N ASP A 6 13.85 9.62 -9.40
CA ASP A 6 13.46 8.33 -9.95
C ASP A 6 13.62 7.22 -8.91
N VAL A 7 12.50 6.74 -8.38
CA VAL A 7 12.51 5.67 -7.37
C VAL A 7 11.76 4.45 -7.91
N LYS A 8 12.43 3.30 -7.86
CA LYS A 8 11.85 2.05 -8.35
C LYS A 8 10.59 1.68 -7.55
N CYS A 9 10.65 1.90 -6.23
CA CYS A 9 9.51 1.58 -5.36
C CYS A 9 8.93 2.86 -4.76
N THR A 10 7.63 3.08 -5.01
CA THR A 10 6.95 4.28 -4.49
C THR A 10 6.78 4.22 -2.97
N SER A 11 6.44 3.03 -2.46
CA SER A 11 6.24 2.85 -1.02
C SER A 11 7.32 1.96 -0.41
N VAL A 12 7.95 2.47 0.66
CA VAL A 12 9.01 1.71 1.35
C VAL A 12 8.41 0.96 2.53
N VAL A 13 7.51 1.62 3.28
CA VAL A 13 6.88 1.00 4.43
C VAL A 13 6.03 -0.17 3.97
N LEU A 14 5.26 0.04 2.90
CA LEU A 14 4.42 -1.03 2.38
C LEU A 14 5.28 -2.20 1.91
N LEU A 15 6.29 -1.88 1.09
CA LEU A 15 7.18 -2.90 0.58
C LEU A 15 7.86 -3.62 1.74
N SER A 16 8.25 -2.83 2.75
CA SER A 16 8.90 -3.36 3.93
C SER A 16 7.99 -4.34 4.67
N VAL A 17 6.68 -4.04 4.77
CA VAL A 17 5.77 -4.92 5.50
C VAL A 17 5.53 -6.25 4.77
N LEU A 18 5.55 -6.24 3.43
CA LEU A 18 5.37 -7.51 2.68
C LEU A 18 6.62 -8.37 2.84
N GLN A 19 7.77 -7.71 2.97
CA GLN A 19 9.04 -8.41 3.19
C GLN A 19 8.94 -9.17 4.51
N GLN A 20 8.30 -8.53 5.49
CA GLN A 20 8.08 -9.14 6.79
C GLN A 20 7.21 -10.39 6.61
N LEU A 21 6.24 -10.31 5.67
CA LEU A 21 5.36 -11.45 5.40
C LEU A 21 6.15 -12.60 4.75
N ARG A 22 7.32 -12.27 4.17
CA ARG A 22 8.20 -13.25 3.52
C ARG A 22 7.67 -13.67 2.14
N VAL A 23 7.09 -12.71 1.41
CA VAL A 23 6.60 -12.98 0.05
C VAL A 23 7.72 -12.64 -0.95
N GLU A 24 7.72 -13.33 -2.10
CA GLU A 24 8.74 -13.09 -3.12
C GLU A 24 8.32 -11.90 -3.96
N SER A 25 9.30 -11.16 -4.44
CA SER A 25 9.02 -9.99 -5.26
C SER A 25 8.20 -10.35 -6.49
N SER A 26 8.38 -11.59 -6.98
CA SER A 26 7.62 -12.05 -8.16
C SER A 26 6.38 -12.88 -7.77
N SER A 27 6.15 -13.11 -6.47
CA SER A 27 4.98 -13.88 -6.03
C SER A 27 3.68 -13.19 -6.44
N LYS A 28 2.65 -13.99 -6.72
CA LYS A 28 1.36 -13.44 -7.12
C LYS A 28 0.78 -12.59 -5.99
N LEU A 29 0.83 -13.12 -4.77
CA LEU A 29 0.32 -12.41 -3.58
C LEU A 29 1.08 -11.10 -3.40
N TRP A 30 2.39 -11.14 -3.64
CA TRP A 30 3.23 -9.95 -3.54
C TRP A 30 2.69 -8.90 -4.51
N ALA A 31 2.36 -9.37 -5.72
CA ALA A 31 1.80 -8.52 -6.75
C ALA A 31 0.44 -7.99 -6.30
N GLN A 32 -0.32 -8.82 -5.58
CA GLN A 32 -1.65 -8.41 -5.12
C GLN A 32 -1.54 -7.25 -4.13
N CYS A 33 -0.58 -7.33 -3.21
CA CYS A 33 -0.39 -6.28 -2.21
C CYS A 33 -0.02 -4.97 -2.88
N VAL A 34 0.93 -5.04 -3.81
CA VAL A 34 1.38 -3.86 -4.55
C VAL A 34 0.24 -3.34 -5.43
N GLN A 35 -0.47 -4.27 -6.06
CA GLN A 35 -1.58 -3.92 -6.95
C GLN A 35 -2.71 -3.20 -6.20
N LEU A 36 -3.06 -3.70 -5.01
CA LEU A 36 -4.10 -3.08 -4.19
C LEU A 36 -3.66 -1.68 -3.77
N HIS A 37 -2.35 -1.53 -3.52
CA HIS A 37 -1.78 -0.22 -3.18
C HIS A 37 -2.05 0.73 -4.32
N ASN A 38 -1.87 0.24 -5.55
CA ASN A 38 -2.11 1.04 -6.73
C ASN A 38 -3.58 1.45 -6.77
N ASP A 39 -4.47 0.52 -6.37
CA ASP A 39 -5.90 0.84 -6.38
C ASP A 39 -6.19 1.98 -5.42
N ILE A 40 -5.57 1.97 -4.25
CA ILE A 40 -5.77 3.03 -3.26
C ILE A 40 -5.39 4.37 -3.90
N LEU A 41 -4.27 4.36 -4.62
CA LEU A 41 -3.80 5.55 -5.31
C LEU A 41 -4.84 5.98 -6.34
N LEU A 42 -5.51 5.00 -6.98
CA LEU A 42 -6.54 5.30 -7.98
C LEU A 42 -7.77 5.89 -7.32
N ALA A 43 -8.11 5.41 -6.11
CA ALA A 43 -9.28 5.90 -5.38
C ALA A 43 -9.25 7.42 -5.28
N LYS A 44 -10.30 8.06 -5.77
CA LYS A 44 -10.41 9.51 -5.73
C LYS A 44 -11.22 9.98 -4.50
N ASP A 45 -11.87 9.03 -3.81
CA ASP A 45 -12.67 9.34 -2.63
C ASP A 45 -12.13 8.60 -1.42
N THR A 46 -12.40 9.14 -0.23
CA THR A 46 -11.94 8.53 1.01
C THR A 46 -12.56 7.13 1.13
N THR A 47 -13.84 7.02 0.80
CA THR A 47 -14.55 5.75 0.88
C THR A 47 -13.92 4.72 -0.07
N GLU A 48 -13.64 5.14 -1.31
CA GLU A 48 -13.05 4.23 -2.30
C GLU A 48 -11.67 3.77 -1.84
N ALA A 49 -10.88 4.73 -1.37
CA ALA A 49 -9.54 4.42 -0.87
C ALA A 49 -9.63 3.50 0.35
N PHE A 50 -10.60 3.75 1.22
CA PHE A 50 -10.79 2.94 2.43
C PHE A 50 -11.00 1.46 2.08
N GLU A 51 -11.89 1.19 1.14
CA GLU A 51 -12.18 -0.19 0.73
C GLU A 51 -10.91 -0.84 0.14
N LYS A 52 -10.16 -0.05 -0.60
CA LYS A 52 -8.92 -0.50 -1.24
C LYS A 52 -7.84 -0.75 -0.17
N MET A 53 -7.80 0.12 0.84
CA MET A 53 -6.83 -0.01 1.93
C MET A 53 -7.08 -1.30 2.71
N VAL A 54 -8.37 -1.61 2.96
CA VAL A 54 -8.70 -2.83 3.68
C VAL A 54 -8.45 -4.04 2.79
N SER A 55 -8.61 -3.86 1.47
CA SER A 55 -8.34 -4.94 0.52
C SER A 55 -6.85 -5.28 0.55
N LEU A 56 -6.03 -4.23 0.58
CA LEU A 56 -4.58 -4.38 0.62
C LEU A 56 -4.18 -5.10 1.90
N LEU A 57 -4.74 -4.64 3.02
CA LEU A 57 -4.49 -5.22 4.33
C LEU A 57 -5.04 -6.64 4.39
N SER A 58 -6.14 -6.89 3.68
CA SER A 58 -6.73 -8.21 3.67
C SER A 58 -5.71 -9.23 3.19
N VAL A 59 -4.93 -8.85 2.16
CA VAL A 59 -3.90 -9.75 1.62
C VAL A 59 -2.73 -9.88 2.62
N LEU A 60 -2.28 -8.75 3.18
CA LEU A 60 -1.14 -8.73 4.11
C LEU A 60 -1.44 -9.47 5.42
N LEU A 61 -2.60 -9.17 5.99
CA LEU A 61 -3.03 -9.76 7.26
C LEU A 61 -3.20 -11.27 7.09
N SER A 62 -3.87 -11.64 6.01
CA SER A 62 -4.12 -13.04 5.70
C SER A 62 -2.80 -13.78 5.48
N MET A 63 -1.87 -13.11 4.81
CA MET A 63 -0.56 -13.69 4.48
C MET A 63 0.21 -14.12 5.74
N GLN A 64 0.34 -13.22 6.75
CA GLN A 64 1.06 -13.57 7.97
C GLN A 64 0.67 -12.70 9.15
N GLY A 65 0.28 -11.44 8.87
CA GLY A 65 -0.13 -10.52 9.94
C GLY A 65 0.94 -9.48 10.28
N ALA A 66 1.80 -9.15 9.30
CA ALA A 66 2.85 -8.15 9.53
C ALA A 66 2.22 -6.81 9.87
N VAL A 67 2.87 -6.06 10.77
CA VAL A 67 2.34 -4.75 11.20
C VAL A 67 3.16 -3.61 10.61
N ASP A 68 2.47 -2.75 9.85
CA ASP A 68 3.09 -1.57 9.20
C ASP A 68 2.11 -0.95 8.20
N ILE A 69 1.27 -1.81 7.59
CA ILE A 69 0.28 -1.34 6.62
C ILE A 69 -0.62 -0.26 7.26
N ASN A 70 -0.76 -0.32 8.58
CA ASN A 70 -1.58 0.67 9.29
C ASN A 70 -0.97 2.06 9.10
N LYS A 71 0.36 2.14 9.12
CA LYS A 71 1.07 3.40 8.93
C LYS A 71 0.80 3.94 7.53
N LEU A 72 0.82 3.03 6.56
CA LEU A 72 0.58 3.38 5.17
C LEU A 72 -0.86 3.85 4.98
N CYS A 73 -1.77 3.09 5.55
CA CYS A 73 -3.20 3.39 5.45
C CYS A 73 -3.56 4.70 6.14
N GLU A 74 -3.09 4.88 7.37
CA GLU A 74 -3.40 6.08 8.14
C GLU A 74 -2.70 7.31 7.57
N GLU A 75 -1.50 7.10 7.00
CA GLU A 75 -0.77 8.21 6.40
C GLU A 75 -1.34 8.53 5.01
N MET A 76 -1.81 7.47 4.34
CA MET A 76 -2.42 7.61 3.03
C MET A 76 -3.68 8.45 3.18
N LEU A 77 -4.50 8.08 4.16
CA LEU A 77 -5.74 8.80 4.44
C LEU A 77 -5.43 10.24 4.84
N ASP A 78 -4.37 10.40 5.65
CA ASP A 78 -3.95 11.72 6.08
C ASP A 78 -3.56 12.55 4.86
N ASN A 79 -2.87 11.90 3.91
CA ASN A 79 -2.46 12.56 2.68
C ASN A 79 -3.68 12.96 1.86
N ARG A 80 -4.69 12.07 1.84
CA ARG A 80 -5.94 12.35 1.11
C ARG A 80 -6.65 13.55 1.74
N ALA A 81 -6.63 13.61 3.08
CA ALA A 81 -7.28 14.70 3.81
C ALA A 81 -6.65 16.04 3.44
N THR A 82 -5.32 16.06 3.33
CA THR A 82 -4.59 17.27 2.99
C THR A 82 -4.65 17.53 1.48
N LEU A 83 -4.33 18.77 1.09
CA LEU A 83 -4.34 19.15 -0.32
C LEU A 83 -3.31 18.35 -1.10
N GLN A 84 -2.14 18.14 -0.48
CA GLN A 84 -1.05 17.38 -1.11
C GLN A 84 -0.66 18.01 -2.45
N GLY A 1 7.67 10.45 -24.79
CA GLY A 1 7.05 10.71 -23.45
C GLY A 1 7.51 9.66 -22.46
N SER A 2 8.43 10.06 -21.57
CA SER A 2 8.96 9.15 -20.56
C SER A 2 9.33 9.92 -19.29
N LYS A 3 9.11 9.28 -18.14
CA LYS A 3 9.41 9.89 -16.85
C LYS A 3 9.77 8.83 -15.80
N MET A 4 10.46 9.25 -14.75
CA MET A 4 10.85 8.34 -13.68
C MET A 4 10.46 8.90 -12.32
N SER A 5 10.10 8.01 -11.40
CA SER A 5 9.71 8.41 -10.05
C SER A 5 10.91 8.91 -9.26
N ASP A 6 10.65 9.66 -8.19
CA ASP A 6 11.71 10.21 -7.34
C ASP A 6 12.51 9.08 -6.69
N VAL A 7 11.81 8.03 -6.26
CA VAL A 7 12.46 6.88 -5.61
C VAL A 7 11.96 5.58 -6.22
N LYS A 8 12.76 4.52 -6.07
CA LYS A 8 12.40 3.20 -6.60
C LYS A 8 11.13 2.69 -5.94
N CYS A 9 11.00 2.92 -4.63
CA CYS A 9 9.82 2.47 -3.89
C CYS A 9 9.07 3.67 -3.31
N THR A 10 7.80 3.81 -3.72
CA THR A 10 6.97 4.92 -3.24
C THR A 10 6.79 4.85 -1.73
N SER A 11 6.43 3.66 -1.22
CA SER A 11 6.22 3.47 0.21
C SER A 11 7.29 2.54 0.79
N VAL A 12 7.90 2.96 1.90
CA VAL A 12 8.94 2.16 2.56
C VAL A 12 8.35 1.32 3.69
N VAL A 13 7.38 1.88 4.41
CA VAL A 13 6.74 1.17 5.52
C VAL A 13 5.88 0.03 4.96
N LEU A 14 5.10 0.32 3.92
CA LEU A 14 4.24 -0.68 3.31
C LEU A 14 5.10 -1.79 2.71
N LEU A 15 6.13 -1.39 1.96
CA LEU A 15 7.03 -2.36 1.34
C LEU A 15 7.71 -3.18 2.44
N SER A 16 8.11 -2.50 3.52
CA SER A 16 8.75 -3.16 4.64
C SER A 16 7.83 -4.20 5.28
N VAL A 17 6.53 -3.89 5.41
CA VAL A 17 5.61 -4.85 6.04
C VAL A 17 5.47 -6.12 5.19
N LEU A 18 5.56 -5.99 3.85
CA LEU A 18 5.46 -7.18 2.99
C LEU A 18 6.74 -8.03 3.16
N GLN A 19 7.86 -7.36 3.45
CA GLN A 19 9.12 -8.06 3.69
C GLN A 19 8.96 -8.94 4.90
N GLN A 20 8.21 -8.43 5.87
CA GLN A 20 7.91 -9.17 7.09
C GLN A 20 7.12 -10.42 6.73
N LEU A 21 6.24 -10.29 5.72
CA LEU A 21 5.43 -11.43 5.26
C LEU A 21 6.34 -12.45 4.56
N ARG A 22 7.53 -12.01 4.12
CA ARG A 22 8.52 -12.89 3.47
C ARG A 22 8.14 -13.21 2.02
N VAL A 23 7.51 -12.25 1.33
CA VAL A 23 7.14 -12.45 -0.08
C VAL A 23 8.30 -11.95 -0.96
N GLU A 24 8.43 -12.55 -2.16
CA GLU A 24 9.50 -12.17 -3.08
C GLU A 24 9.07 -10.96 -3.89
N SER A 25 10.05 -10.15 -4.30
CA SER A 25 9.75 -8.95 -5.08
C SER A 25 9.01 -9.31 -6.37
N SER A 26 9.20 -10.53 -6.85
CA SER A 26 8.54 -10.98 -8.09
C SER A 26 7.32 -11.87 -7.81
N SER A 27 7.05 -12.19 -6.53
CA SER A 27 5.90 -13.03 -6.19
C SER A 27 4.60 -12.37 -6.63
N LYS A 28 3.61 -13.20 -7.01
CA LYS A 28 2.32 -12.66 -7.44
C LYS A 28 1.67 -11.89 -6.30
N LEU A 29 1.68 -12.48 -5.11
CA LEU A 29 1.10 -11.85 -3.92
C LEU A 29 1.80 -10.52 -3.63
N TRP A 30 3.12 -10.51 -3.81
CA TRP A 30 3.91 -9.30 -3.61
C TRP A 30 3.36 -8.21 -4.54
N ALA A 31 3.12 -8.60 -5.79
CA ALA A 31 2.55 -7.71 -6.79
C ALA A 31 1.16 -7.26 -6.38
N GLN A 32 0.40 -8.18 -5.78
CA GLN A 32 -0.97 -7.86 -5.35
C GLN A 32 -0.96 -6.77 -4.29
N CYS A 33 -0.05 -6.90 -3.31
CA CYS A 33 0.05 -5.92 -2.24
C CYS A 33 0.47 -4.55 -2.79
N VAL A 34 1.46 -4.57 -3.68
CA VAL A 34 1.97 -3.34 -4.29
C VAL A 34 0.87 -2.70 -5.16
N GLN A 35 0.18 -3.54 -5.94
CA GLN A 35 -0.88 -3.06 -6.83
C GLN A 35 -2.02 -2.43 -6.04
N LEU A 36 -2.42 -3.06 -4.93
CA LEU A 36 -3.50 -2.53 -4.12
C LEU A 36 -3.09 -1.16 -3.56
N HIS A 37 -1.80 -1.04 -3.19
CA HIS A 37 -1.26 0.23 -2.70
C HIS A 37 -1.42 1.27 -3.81
N ASN A 38 -1.04 0.86 -5.02
CA ASN A 38 -1.15 1.73 -6.19
C ASN A 38 -2.61 2.10 -6.42
N ASP A 39 -3.50 1.13 -6.19
CA ASP A 39 -4.93 1.36 -6.37
C ASP A 39 -5.42 2.43 -5.41
N ILE A 40 -4.92 2.38 -4.16
CA ILE A 40 -5.31 3.36 -3.15
C ILE A 40 -4.98 4.76 -3.68
N LEU A 41 -3.79 4.87 -4.27
CA LEU A 41 -3.34 6.14 -4.85
C LEU A 41 -4.29 6.54 -5.99
N LEU A 42 -4.79 5.55 -6.73
CA LEU A 42 -5.71 5.79 -7.85
C LEU A 42 -7.07 6.28 -7.35
N ALA A 43 -7.52 5.74 -6.21
CA ALA A 43 -8.82 6.10 -5.65
C ALA A 43 -8.96 7.63 -5.57
N LYS A 44 -10.07 8.14 -6.11
CA LYS A 44 -10.34 9.58 -6.12
C LYS A 44 -11.28 10.00 -4.98
N ASP A 45 -11.65 9.05 -4.12
CA ASP A 45 -12.56 9.34 -3.00
C ASP A 45 -12.16 8.55 -1.76
N THR A 46 -12.60 9.03 -0.60
CA THR A 46 -12.29 8.36 0.67
C THR A 46 -12.82 6.93 0.67
N THR A 47 -14.03 6.76 0.12
CA THR A 47 -14.66 5.43 0.06
C THR A 47 -13.84 4.50 -0.82
N GLU A 48 -13.45 4.98 -2.02
CA GLU A 48 -12.68 4.17 -2.95
C GLU A 48 -11.32 3.80 -2.37
N ALA A 49 -10.65 4.80 -1.82
CA ALA A 49 -9.33 4.59 -1.20
C ALA A 49 -9.45 3.64 -0.02
N PHE A 50 -10.49 3.85 0.79
CA PHE A 50 -10.73 3.02 1.98
C PHE A 50 -10.85 1.53 1.61
N GLU A 51 -11.66 1.25 0.60
CA GLU A 51 -11.86 -0.14 0.15
C GLU A 51 -10.54 -0.73 -0.34
N LYS A 52 -9.76 0.10 -1.03
CA LYS A 52 -8.46 -0.31 -1.55
C LYS A 52 -7.46 -0.54 -0.41
N MET A 53 -7.54 0.33 0.63
CA MET A 53 -6.66 0.20 1.79
C MET A 53 -6.92 -1.11 2.51
N VAL A 54 -8.20 -1.46 2.66
CA VAL A 54 -8.55 -2.73 3.32
C VAL A 54 -8.21 -3.90 2.40
N SER A 55 -8.29 -3.67 1.08
CA SER A 55 -7.95 -4.70 0.11
C SER A 55 -6.47 -5.05 0.23
N LEU A 56 -5.64 -4.01 0.38
CA LEU A 56 -4.20 -4.19 0.52
C LEU A 56 -3.92 -5.02 1.77
N LEU A 57 -4.54 -4.60 2.88
CA LEU A 57 -4.40 -5.29 4.15
C LEU A 57 -4.96 -6.69 4.07
N SER A 58 -6.01 -6.89 3.29
CA SER A 58 -6.62 -8.20 3.15
C SER A 58 -5.56 -9.19 2.66
N VAL A 59 -4.72 -8.74 1.72
CA VAL A 59 -3.65 -9.59 1.19
C VAL A 59 -2.53 -9.80 2.23
N LEU A 60 -2.13 -8.70 2.91
CA LEU A 60 -1.04 -8.77 3.89
C LEU A 60 -1.41 -9.62 5.11
N LEU A 61 -2.60 -9.37 5.64
CA LEU A 61 -3.09 -10.08 6.82
C LEU A 61 -3.23 -11.55 6.50
N SER A 62 -3.82 -11.83 5.35
CA SER A 62 -4.01 -13.21 4.89
C SER A 62 -2.68 -13.90 4.68
N MET A 63 -1.72 -13.15 4.14
CA MET A 63 -0.38 -13.67 3.84
C MET A 63 0.33 -14.21 5.10
N GLN A 64 0.38 -13.41 6.18
CA GLN A 64 1.05 -13.86 7.40
C GLN A 64 0.58 -13.08 8.64
N GLY A 65 0.20 -11.82 8.45
CA GLY A 65 -0.28 -11.01 9.57
C GLY A 65 0.71 -9.94 10.00
N ALA A 66 1.59 -9.51 9.09
CA ALA A 66 2.58 -8.47 9.41
C ALA A 66 1.85 -7.17 9.77
N VAL A 67 2.40 -6.42 10.74
CA VAL A 67 1.76 -5.18 11.18
C VAL A 67 2.58 -3.95 10.79
N ASP A 68 1.91 -3.02 10.08
CA ASP A 68 2.52 -1.75 9.62
C ASP A 68 1.59 -1.06 8.61
N ILE A 69 0.84 -1.86 7.86
CA ILE A 69 -0.10 -1.31 6.86
C ILE A 69 -1.07 -0.33 7.54
N ASN A 70 -1.32 -0.50 8.85
CA ASN A 70 -2.21 0.41 9.57
C ASN A 70 -1.63 1.82 9.52
N LYS A 71 -0.30 1.91 9.67
CA LYS A 71 0.40 3.20 9.63
C LYS A 71 0.24 3.84 8.26
N LEU A 72 0.35 3.00 7.22
CA LEU A 72 0.23 3.47 5.84
C LEU A 72 -1.19 3.95 5.55
N CYS A 73 -2.16 3.14 5.97
CA CYS A 73 -3.56 3.44 5.76
C CYS A 73 -4.01 4.69 6.51
N GLU A 74 -3.67 4.76 7.80
CA GLU A 74 -4.06 5.89 8.63
C GLU A 74 -3.36 7.17 8.20
N GLU A 75 -2.12 7.04 7.71
CA GLU A 75 -1.37 8.21 7.25
C GLU A 75 -1.84 8.62 5.85
N MET A 76 -2.17 7.60 5.05
CA MET A 76 -2.65 7.81 3.69
C MET A 76 -3.94 8.60 3.73
N LEU A 77 -4.83 8.17 4.62
CA LEU A 77 -6.12 8.84 4.78
C LEU A 77 -5.90 10.27 5.27
N ASP A 78 -4.93 10.43 6.18
CA ASP A 78 -4.61 11.74 6.73
C ASP A 78 -4.11 12.66 5.62
N ASN A 79 -3.22 12.11 4.78
CA ASN A 79 -2.65 12.88 3.67
C ASN A 79 -3.73 13.31 2.68
N ARG A 80 -4.60 12.36 2.34
CA ARG A 80 -5.69 12.65 1.40
C ARG A 80 -6.66 13.67 2.00
N ALA A 81 -6.91 13.55 3.31
CA ALA A 81 -7.82 14.46 4.00
C ALA A 81 -7.31 15.90 3.92
N THR A 82 -5.99 16.06 4.09
CA THR A 82 -5.37 17.39 4.04
C THR A 82 -5.40 17.97 2.62
N LEU A 83 -5.42 17.09 1.62
CA LEU A 83 -5.44 17.52 0.21
C LEU A 83 -4.24 18.42 -0.10
N GLN A 84 -3.11 18.17 0.57
CA GLN A 84 -1.90 18.95 0.36
C GLN A 84 -0.66 18.05 0.44
N GLY A 1 10.36 16.62 -18.11
CA GLY A 1 8.91 16.26 -18.27
C GLY A 1 8.22 16.37 -16.93
N SER A 2 8.01 17.62 -16.47
CA SER A 2 7.35 17.86 -15.19
C SER A 2 5.92 17.32 -15.21
N LYS A 3 5.23 17.51 -16.34
CA LYS A 3 3.85 17.04 -16.49
C LYS A 3 3.83 15.51 -16.56
N MET A 4 2.96 14.90 -15.76
CA MET A 4 2.83 13.44 -15.73
C MET A 4 4.18 12.78 -15.48
N SER A 5 4.96 13.37 -14.56
CA SER A 5 6.28 12.83 -14.22
C SER A 5 6.14 11.45 -13.59
N ASP A 6 7.11 10.57 -13.89
CA ASP A 6 7.09 9.21 -13.35
C ASP A 6 7.85 9.15 -12.02
N VAL A 7 7.10 9.08 -10.92
CA VAL A 7 7.69 9.00 -9.58
C VAL A 7 7.05 7.88 -8.77
N LYS A 8 7.77 7.43 -7.75
CA LYS A 8 7.27 6.35 -6.87
C LYS A 8 7.26 6.81 -5.42
N CYS A 9 6.16 6.51 -4.72
CA CYS A 9 6.01 6.89 -3.32
C CYS A 9 7.05 6.18 -2.45
N THR A 10 7.28 4.90 -2.76
CA THR A 10 8.25 4.10 -2.00
C THR A 10 7.91 4.11 -0.52
N SER A 11 7.25 3.04 -0.06
CA SER A 11 6.86 2.94 1.35
C SER A 11 7.71 1.91 2.08
N VAL A 12 8.32 2.34 3.19
CA VAL A 12 9.16 1.45 4.00
C VAL A 12 8.34 0.64 4.98
N VAL A 13 7.23 1.22 5.45
CA VAL A 13 6.36 0.52 6.39
C VAL A 13 5.69 -0.63 5.67
N LEU A 14 5.10 -0.37 4.51
CA LEU A 14 4.44 -1.41 3.74
C LEU A 14 5.43 -2.49 3.34
N LEU A 15 6.58 -2.07 2.79
CA LEU A 15 7.59 -3.03 2.36
C LEU A 15 8.05 -3.86 3.56
N SER A 16 8.18 -3.18 4.71
CA SER A 16 8.58 -3.84 5.95
C SER A 16 7.49 -4.82 6.41
N VAL A 17 6.25 -4.41 6.20
CA VAL A 17 5.09 -5.20 6.58
C VAL A 17 5.09 -6.58 5.87
N LEU A 18 5.36 -6.59 4.56
CA LEU A 18 5.39 -7.89 3.84
C LEU A 18 6.65 -8.67 4.19
N GLN A 19 7.72 -7.95 4.58
CA GLN A 19 8.95 -8.61 5.00
C GLN A 19 8.64 -9.47 6.22
N GLN A 20 7.78 -8.92 7.09
CA GLN A 20 7.32 -9.63 8.28
C GLN A 20 6.53 -10.87 7.84
N LEU A 21 5.78 -10.73 6.73
CA LEU A 21 4.99 -11.85 6.21
C LEU A 21 5.91 -12.94 5.65
N ARG A 22 7.17 -12.57 5.34
CA ARG A 22 8.17 -13.49 4.82
C ARG A 22 7.93 -13.82 3.33
N VAL A 23 7.46 -12.82 2.56
CA VAL A 23 7.23 -13.01 1.12
C VAL A 23 8.50 -12.61 0.38
N GLU A 24 8.72 -13.22 -0.79
CA GLU A 24 9.89 -12.92 -1.61
C GLU A 24 9.62 -11.71 -2.48
N SER A 25 10.66 -10.94 -2.78
CA SER A 25 10.50 -9.75 -3.60
C SER A 25 9.91 -10.09 -4.97
N SER A 26 10.10 -11.34 -5.42
CA SER A 26 9.56 -11.77 -6.71
C SER A 26 8.27 -12.58 -6.57
N SER A 27 7.83 -12.86 -5.32
CA SER A 27 6.60 -13.62 -5.11
C SER A 27 5.41 -12.88 -5.68
N LYS A 28 4.42 -13.64 -6.17
CA LYS A 28 3.22 -13.03 -6.75
C LYS A 28 2.48 -12.21 -5.70
N LEU A 29 2.33 -12.80 -4.51
CA LEU A 29 1.65 -12.13 -3.39
C LEU A 29 2.38 -10.84 -3.01
N TRP A 30 3.72 -10.90 -3.04
CA TRP A 30 4.54 -9.73 -2.75
C TRP A 30 4.15 -8.61 -3.72
N ALA A 31 4.02 -8.99 -4.99
CA ALA A 31 3.61 -8.08 -6.04
C ALA A 31 2.20 -7.57 -5.78
N GLN A 32 1.33 -8.44 -5.26
CA GLN A 32 -0.06 -8.07 -5.01
C GLN A 32 -0.14 -6.95 -3.96
N CYS A 33 0.63 -7.09 -2.88
CA CYS A 33 0.63 -6.08 -1.81
C CYS A 33 1.14 -4.75 -2.34
N VAL A 34 2.24 -4.81 -3.09
CA VAL A 34 2.84 -3.61 -3.67
C VAL A 34 1.89 -2.98 -4.69
N GLN A 35 1.27 -3.83 -5.52
CA GLN A 35 0.33 -3.34 -6.54
C GLN A 35 -0.86 -2.65 -5.90
N LEU A 36 -1.40 -3.24 -4.83
CA LEU A 36 -2.54 -2.66 -4.15
C LEU A 36 -2.13 -1.31 -3.54
N HIS A 37 -0.88 -1.22 -3.06
CA HIS A 37 -0.35 0.05 -2.54
C HIS A 37 -0.40 1.08 -3.66
N ASN A 38 0.06 0.66 -4.83
CA ASN A 38 0.04 1.52 -6.01
C ASN A 38 -1.39 1.88 -6.37
N ASP A 39 -2.30 0.92 -6.22
CA ASP A 39 -3.70 1.17 -6.53
C ASP A 39 -4.26 2.26 -5.64
N ILE A 40 -3.90 2.21 -4.36
CA ILE A 40 -4.37 3.22 -3.40
C ILE A 40 -3.91 4.59 -3.90
N LEU A 41 -2.66 4.66 -4.36
CA LEU A 41 -2.10 5.89 -4.88
C LEU A 41 -2.91 6.32 -6.11
N LEU A 42 -3.37 5.35 -6.91
CA LEU A 42 -4.17 5.63 -8.11
C LEU A 42 -5.55 6.17 -7.73
N ALA A 43 -6.12 5.64 -6.63
CA ALA A 43 -7.44 6.07 -6.18
C ALA A 43 -7.47 7.60 -6.03
N LYS A 44 -8.41 8.24 -6.72
CA LYS A 44 -8.55 9.70 -6.67
C LYS A 44 -9.57 10.12 -5.61
N ASP A 45 -10.32 9.16 -5.06
CA ASP A 45 -11.32 9.43 -4.04
C ASP A 45 -10.99 8.69 -2.75
N THR A 46 -11.48 9.22 -1.63
CA THR A 46 -11.25 8.59 -0.34
C THR A 46 -11.85 7.19 -0.34
N THR A 47 -13.05 7.08 -0.91
CA THR A 47 -13.74 5.79 -0.99
C THR A 47 -12.93 4.80 -1.82
N GLU A 48 -12.43 5.25 -2.98
CA GLU A 48 -11.64 4.38 -3.86
C GLU A 48 -10.39 3.91 -3.16
N ALA A 49 -9.70 4.86 -2.51
CA ALA A 49 -8.48 4.55 -1.78
C ALA A 49 -8.79 3.59 -0.64
N PHE A 50 -9.91 3.82 0.05
CA PHE A 50 -10.32 2.98 1.19
C PHE A 50 -10.46 1.52 0.76
N GLU A 51 -11.16 1.29 -0.35
CA GLU A 51 -11.37 -0.07 -0.86
C GLU A 51 -10.02 -0.72 -1.20
N LYS A 52 -9.13 0.08 -1.75
CA LYS A 52 -7.80 -0.37 -2.14
C LYS A 52 -6.96 -0.66 -0.89
N MET A 53 -7.13 0.16 0.15
CA MET A 53 -6.40 -0.03 1.41
C MET A 53 -6.80 -1.34 2.06
N VAL A 54 -8.11 -1.64 2.03
CA VAL A 54 -8.59 -2.89 2.61
C VAL A 54 -8.19 -4.06 1.73
N SER A 55 -8.12 -3.83 0.42
CA SER A 55 -7.69 -4.87 -0.52
C SER A 55 -6.22 -5.22 -0.24
N LEU A 56 -5.43 -4.17 0.00
CA LEU A 56 -4.01 -4.33 0.28
C LEU A 56 -3.83 -5.11 1.58
N LEU A 57 -4.57 -4.69 2.60
CA LEU A 57 -4.55 -5.35 3.91
C LEU A 57 -5.11 -6.77 3.80
N SER A 58 -6.07 -6.96 2.90
CA SER A 58 -6.67 -8.27 2.72
C SER A 58 -5.59 -9.28 2.37
N VAL A 59 -4.64 -8.87 1.51
CA VAL A 59 -3.55 -9.74 1.11
C VAL A 59 -2.57 -9.95 2.28
N LEU A 60 -2.23 -8.86 2.98
CA LEU A 60 -1.27 -8.90 4.10
C LEU A 60 -1.79 -9.72 5.28
N LEU A 61 -3.03 -9.45 5.66
CA LEU A 61 -3.67 -10.14 6.78
C LEU A 61 -3.82 -11.62 6.47
N SER A 62 -4.29 -11.89 5.26
CA SER A 62 -4.49 -13.26 4.79
C SER A 62 -3.15 -14.00 4.75
N MET A 63 -2.12 -13.30 4.31
CA MET A 63 -0.78 -13.88 4.17
C MET A 63 -0.24 -14.42 5.52
N GLN A 64 -0.27 -13.59 6.58
CA GLN A 64 0.23 -14.04 7.88
C GLN A 64 -0.32 -13.22 9.04
N GLY A 65 -0.62 -11.93 8.78
CA GLY A 65 -1.17 -11.06 9.82
C GLY A 65 -0.15 -10.01 10.30
N ALA A 66 0.79 -9.65 9.43
CA ALA A 66 1.81 -8.65 9.77
C ALA A 66 1.16 -7.32 10.11
N VAL A 67 1.72 -6.62 11.09
CA VAL A 67 1.18 -5.32 11.53
C VAL A 67 1.96 -4.15 10.93
N ASP A 68 1.45 -2.93 11.21
CA ASP A 68 2.02 -1.64 10.74
C ASP A 68 1.33 -1.15 9.46
N ILE A 69 0.57 -2.03 8.78
CA ILE A 69 -0.18 -1.62 7.59
C ILE A 69 -1.20 -0.54 7.98
N ASN A 70 -1.64 -0.58 9.25
CA ASN A 70 -2.58 0.40 9.75
C ASN A 70 -1.96 1.79 9.71
N LYS A 71 -0.65 1.86 10.00
CA LYS A 71 0.07 3.14 9.97
C LYS A 71 0.05 3.71 8.56
N LEU A 72 0.28 2.83 7.59
CA LEU A 72 0.29 3.22 6.18
C LEU A 72 -1.10 3.68 5.75
N CYS A 73 -2.09 2.87 6.10
CA CYS A 73 -3.47 3.14 5.73
C CYS A 73 -4.00 4.42 6.38
N GLU A 74 -3.78 4.55 7.69
CA GLU A 74 -4.26 5.72 8.43
C GLU A 74 -3.51 6.99 8.03
N GLU A 75 -2.22 6.85 7.70
CA GLU A 75 -1.43 8.00 7.29
C GLU A 75 -1.73 8.34 5.83
N MET A 76 -2.02 7.30 5.04
CA MET A 76 -2.37 7.46 3.64
C MET A 76 -3.65 8.29 3.55
N LEU A 77 -4.64 7.91 4.37
CA LEU A 77 -5.91 8.61 4.41
C LEU A 77 -5.69 10.04 4.86
N ASP A 78 -4.78 10.22 5.81
CA ASP A 78 -4.43 11.56 6.30
C ASP A 78 -3.90 12.39 5.15
N ASN A 79 -3.07 11.76 4.31
CA ASN A 79 -2.51 12.44 3.14
C ASN A 79 -3.64 12.87 2.20
N ARG A 80 -4.62 11.98 2.02
CA ARG A 80 -5.77 12.29 1.15
C ARG A 80 -6.56 13.46 1.73
N ALA A 81 -6.71 13.48 3.06
CA ALA A 81 -7.46 14.54 3.74
C ALA A 81 -6.81 15.90 3.51
N THR A 82 -5.48 15.95 3.61
CA THR A 82 -4.75 17.21 3.42
C THR A 82 -3.57 17.00 2.48
N LEU A 83 -3.48 17.85 1.45
CA LEU A 83 -2.39 17.76 0.47
C LEU A 83 -1.04 18.01 1.15
N GLN A 84 -1.02 18.97 2.07
CA GLN A 84 0.21 19.30 2.80
C GLN A 84 0.39 18.39 3.99
N GLY A 1 5.40 11.05 -22.85
CA GLY A 1 6.74 10.50 -22.48
C GLY A 1 6.71 8.98 -22.58
N SER A 2 6.23 8.34 -21.51
CA SER A 2 6.14 6.88 -21.46
C SER A 2 5.05 6.43 -20.51
N LYS A 3 4.62 5.18 -20.66
CA LYS A 3 3.57 4.61 -19.80
C LYS A 3 4.01 4.60 -18.34
N MET A 4 5.28 4.26 -18.11
CA MET A 4 5.83 4.21 -16.77
C MET A 4 5.90 5.61 -16.16
N SER A 5 5.42 5.73 -14.92
CA SER A 5 5.43 7.02 -14.22
C SER A 5 6.86 7.50 -14.00
N ASP A 6 7.07 8.82 -14.17
CA ASP A 6 8.38 9.42 -13.99
C ASP A 6 8.86 9.23 -12.56
N VAL A 7 7.94 9.38 -11.60
CA VAL A 7 8.27 9.22 -10.18
C VAL A 7 7.28 8.30 -9.49
N LYS A 8 7.71 7.77 -8.34
CA LYS A 8 6.87 6.87 -7.56
C LYS A 8 7.18 7.01 -6.06
N CYS A 9 6.16 6.77 -5.24
CA CYS A 9 6.31 6.86 -3.79
C CYS A 9 6.40 5.47 -3.17
N THR A 10 7.37 5.28 -2.28
CA THR A 10 7.56 3.99 -1.60
C THR A 10 7.42 4.17 -0.09
N SER A 11 6.60 3.31 0.52
CA SER A 11 6.37 3.36 1.97
C SER A 11 7.25 2.34 2.68
N VAL A 12 8.06 2.83 3.64
CA VAL A 12 8.96 1.96 4.39
C VAL A 12 8.16 1.09 5.36
N VAL A 13 7.12 1.68 5.96
CA VAL A 13 6.30 0.95 6.92
C VAL A 13 5.57 -0.18 6.21
N LEU A 14 4.96 0.14 5.07
CA LEU A 14 4.23 -0.84 4.30
C LEU A 14 5.19 -1.84 3.68
N LEU A 15 6.31 -1.36 3.14
CA LEU A 15 7.30 -2.27 2.55
C LEU A 15 7.81 -3.20 3.66
N SER A 16 8.05 -2.61 4.83
CA SER A 16 8.52 -3.36 5.99
C SER A 16 7.52 -4.44 6.39
N VAL A 17 6.21 -4.11 6.36
CA VAL A 17 5.20 -5.09 6.77
C VAL A 17 5.23 -6.32 5.84
N LEU A 18 5.54 -6.12 4.55
CA LEU A 18 5.60 -7.25 3.62
C LEU A 18 6.81 -8.13 3.98
N GLN A 19 7.89 -7.48 4.45
CA GLN A 19 9.08 -8.22 4.88
C GLN A 19 8.70 -9.14 6.02
N GLN A 20 7.80 -8.64 6.88
CA GLN A 20 7.29 -9.43 8.00
C GLN A 20 6.54 -10.64 7.43
N LEU A 21 5.85 -10.44 6.29
CA LEU A 21 5.10 -11.52 5.65
C LEU A 21 6.08 -12.56 5.09
N ARG A 22 7.34 -12.14 4.86
CA ARG A 22 8.41 -13.01 4.34
C ARG A 22 8.25 -13.26 2.83
N VAL A 23 7.83 -12.23 2.08
CA VAL A 23 7.69 -12.36 0.61
C VAL A 23 8.96 -11.81 -0.05
N GLU A 24 9.28 -12.34 -1.24
CA GLU A 24 10.46 -11.91 -1.99
C GLU A 24 10.15 -10.65 -2.77
N SER A 25 11.15 -9.81 -2.96
CA SER A 25 10.95 -8.55 -3.68
C SER A 25 10.44 -8.80 -5.10
N SER A 26 10.70 -10.01 -5.64
CA SER A 26 10.26 -10.35 -6.99
C SER A 26 9.00 -11.24 -6.98
N SER A 27 8.52 -11.64 -5.79
CA SER A 27 7.32 -12.49 -5.70
C SER A 27 6.10 -11.78 -6.27
N LYS A 28 5.18 -12.54 -6.85
CA LYS A 28 3.97 -11.96 -7.43
C LYS A 28 3.16 -11.26 -6.35
N LEU A 29 3.00 -11.96 -5.22
CA LEU A 29 2.26 -11.44 -4.07
C LEU A 29 2.92 -10.15 -3.56
N TRP A 30 4.25 -10.14 -3.57
CA TRP A 30 5.01 -8.97 -3.14
C TRP A 30 4.60 -7.79 -4.03
N ALA A 31 4.53 -8.05 -5.33
CA ALA A 31 4.11 -7.06 -6.31
C ALA A 31 2.68 -6.63 -6.02
N GLN A 32 1.84 -7.57 -5.58
CA GLN A 32 0.43 -7.25 -5.29
C GLN A 32 0.33 -6.26 -4.15
N CYS A 33 1.12 -6.48 -3.09
CA CYS A 33 1.12 -5.59 -1.92
C CYS A 33 1.57 -4.18 -2.30
N VAL A 34 2.66 -4.10 -3.06
CA VAL A 34 3.22 -2.82 -3.50
C VAL A 34 2.25 -2.14 -4.47
N GLN A 35 1.71 -2.92 -5.40
CA GLN A 35 0.79 -2.39 -6.41
C GLN A 35 -0.48 -1.83 -5.77
N LEU A 36 -1.02 -2.54 -4.78
CA LEU A 36 -2.24 -2.07 -4.11
C LEU A 36 -1.92 -0.77 -3.39
N HIS A 37 -0.72 -0.68 -2.80
CA HIS A 37 -0.28 0.55 -2.14
C HIS A 37 -0.26 1.67 -3.18
N ASN A 38 0.32 1.36 -4.33
CA ASN A 38 0.40 2.31 -5.42
C ASN A 38 -1.02 2.70 -5.86
N ASP A 39 -1.93 1.72 -5.86
CA ASP A 39 -3.31 1.97 -6.25
C ASP A 39 -3.96 2.96 -5.30
N ILE A 40 -3.66 2.83 -4.00
CA ILE A 40 -4.23 3.72 -2.98
C ILE A 40 -3.85 5.16 -3.37
N LEU A 41 -2.59 5.33 -3.75
CA LEU A 41 -2.09 6.63 -4.17
C LEU A 41 -2.84 7.10 -5.42
N LEU A 42 -3.19 6.15 -6.30
CA LEU A 42 -3.91 6.47 -7.54
C LEU A 42 -5.34 6.91 -7.25
N ALA A 43 -5.97 6.29 -6.23
CA ALA A 43 -7.35 6.63 -5.87
C ALA A 43 -7.48 8.14 -5.69
N LYS A 44 -8.43 8.74 -6.40
CA LYS A 44 -8.67 10.18 -6.31
C LYS A 44 -9.73 10.52 -5.25
N ASP A 45 -10.43 9.50 -4.74
CA ASP A 45 -11.46 9.69 -3.73
C ASP A 45 -11.11 8.92 -2.47
N THR A 46 -11.64 9.39 -1.33
CA THR A 46 -11.40 8.74 -0.06
C THR A 46 -11.92 7.30 -0.12
N THR A 47 -13.11 7.14 -0.71
CA THR A 47 -13.73 5.83 -0.86
C THR A 47 -12.85 4.92 -1.71
N GLU A 48 -12.34 5.45 -2.84
CA GLU A 48 -11.49 4.68 -3.74
C GLU A 48 -10.24 4.23 -3.01
N ALA A 49 -9.62 5.17 -2.29
CA ALA A 49 -8.41 4.87 -1.53
C ALA A 49 -8.71 3.83 -0.45
N PHE A 50 -9.87 3.98 0.20
CA PHE A 50 -10.27 3.07 1.27
C PHE A 50 -10.34 1.62 0.78
N GLU A 51 -11.00 1.42 -0.37
CA GLU A 51 -11.14 0.09 -0.96
C GLU A 51 -9.76 -0.49 -1.29
N LYS A 52 -8.88 0.38 -1.79
CA LYS A 52 -7.52 -0.01 -2.15
C LYS A 52 -6.70 -0.33 -0.91
N MET A 53 -6.93 0.43 0.18
CA MET A 53 -6.24 0.21 1.45
C MET A 53 -6.59 -1.17 2.01
N VAL A 54 -7.88 -1.53 1.91
CA VAL A 54 -8.29 -2.85 2.40
C VAL A 54 -7.81 -3.93 1.44
N SER A 55 -7.67 -3.57 0.15
CA SER A 55 -7.18 -4.52 -0.84
C SER A 55 -5.74 -4.89 -0.51
N LEU A 56 -4.94 -3.88 -0.15
CA LEU A 56 -3.54 -4.11 0.21
C LEU A 56 -3.49 -5.05 1.41
N LEU A 57 -4.33 -4.76 2.40
CA LEU A 57 -4.43 -5.57 3.61
C LEU A 57 -4.98 -6.96 3.28
N SER A 58 -5.81 -7.06 2.26
CA SER A 58 -6.38 -8.35 1.88
C SER A 58 -5.25 -9.31 1.56
N VAL A 59 -4.23 -8.80 0.84
CA VAL A 59 -3.06 -9.63 0.49
C VAL A 59 -2.22 -9.89 1.75
N LEU A 60 -2.07 -8.86 2.57
CA LEU A 60 -1.26 -8.92 3.80
C LEU A 60 -1.81 -9.93 4.80
N LEU A 61 -3.09 -9.78 5.10
CA LEU A 61 -3.78 -10.64 6.05
C LEU A 61 -3.78 -12.07 5.56
N SER A 62 -4.08 -12.22 4.28
CA SER A 62 -4.11 -13.54 3.66
C SER A 62 -2.72 -14.16 3.67
N MET A 63 -1.71 -13.33 3.37
CA MET A 63 -0.33 -13.78 3.30
C MET A 63 0.20 -14.28 4.66
N GLN A 64 0.02 -13.49 5.73
CA GLN A 64 0.52 -13.90 7.05
C GLN A 64 -0.13 -13.13 8.20
N GLY A 65 -0.52 -11.88 7.96
CA GLY A 65 -1.17 -11.07 9.01
C GLY A 65 -0.19 -10.12 9.73
N ALA A 66 0.86 -9.69 9.03
CA ALA A 66 1.83 -8.75 9.64
C ALA A 66 1.12 -7.45 10.02
N VAL A 67 1.54 -6.85 11.15
CA VAL A 67 0.89 -5.61 11.63
C VAL A 67 1.76 -4.38 11.36
N ASP A 68 1.19 -3.43 10.59
CA ASP A 68 1.86 -2.17 10.24
C ASP A 68 1.01 -1.39 9.21
N ILE A 69 0.27 -2.13 8.36
CA ILE A 69 -0.58 -1.53 7.35
C ILE A 69 -1.61 -0.58 7.97
N ASN A 70 -2.00 -0.85 9.23
CA ASN A 70 -2.97 0.02 9.90
C ASN A 70 -2.41 1.44 10.00
N LYS A 71 -1.12 1.52 10.32
CA LYS A 71 -0.42 2.80 10.42
C LYS A 71 -0.41 3.50 9.06
N LEU A 72 -0.16 2.72 8.01
CA LEU A 72 -0.10 3.25 6.66
C LEU A 72 -1.48 3.77 6.23
N CYS A 73 -2.49 2.95 6.49
CA CYS A 73 -3.86 3.28 6.12
C CYS A 73 -4.38 4.50 6.88
N GLU A 74 -4.19 4.50 8.21
CA GLU A 74 -4.67 5.60 9.04
C GLU A 74 -3.89 6.88 8.79
N GLU A 75 -2.60 6.74 8.44
CA GLU A 75 -1.77 7.91 8.17
C GLU A 75 -2.02 8.39 6.74
N MET A 76 -2.28 7.43 5.85
CA MET A 76 -2.57 7.74 4.45
C MET A 76 -3.84 8.57 4.37
N LEU A 77 -4.87 8.10 5.09
CA LEU A 77 -6.14 8.79 5.11
C LEU A 77 -5.97 10.18 5.73
N ASP A 78 -5.16 10.24 6.79
CA ASP A 78 -4.89 11.50 7.47
C ASP A 78 -4.19 12.49 6.54
N ASN A 79 -3.21 12.00 5.77
CA ASN A 79 -2.45 12.85 4.85
C ASN A 79 -3.29 13.26 3.65
N ARG A 80 -3.95 12.27 3.04
CA ARG A 80 -4.78 12.52 1.87
C ARG A 80 -5.97 13.42 2.22
N ALA A 81 -6.53 13.21 3.41
CA ALA A 81 -7.68 14.01 3.86
C ALA A 81 -7.30 15.48 3.99
N THR A 82 -8.23 16.35 3.61
CA THR A 82 -8.01 17.79 3.69
C THR A 82 -9.34 18.53 3.92
N LEU A 83 -9.25 19.70 4.56
CA LEU A 83 -10.42 20.50 4.84
C LEU A 83 -11.11 20.95 3.55
N GLN A 84 -10.30 21.31 2.55
CA GLN A 84 -10.82 21.75 1.26
C GLN A 84 -11.66 20.65 0.63
N GLY A 1 20.23 18.57 -7.00
CA GLY A 1 19.86 19.21 -8.28
C GLY A 1 18.34 19.19 -8.45
N SER A 2 17.89 19.40 -9.68
CA SER A 2 16.45 19.41 -9.97
C SER A 2 15.84 18.04 -9.68
N LYS A 3 16.56 16.97 -10.03
CA LYS A 3 16.09 15.62 -9.80
C LYS A 3 15.97 15.35 -8.30
N MET A 4 14.81 14.83 -7.89
CA MET A 4 14.56 14.51 -6.49
C MET A 4 13.45 13.45 -6.36
N SER A 5 13.39 12.82 -5.18
CA SER A 5 12.39 11.78 -4.92
C SER A 5 12.44 10.69 -5.99
N ASP A 6 13.66 10.35 -6.42
CA ASP A 6 13.85 9.32 -7.43
C ASP A 6 13.99 7.94 -6.78
N VAL A 7 12.94 7.13 -6.89
CA VAL A 7 12.95 5.79 -6.31
C VAL A 7 12.30 4.78 -7.28
N LYS A 8 12.91 3.60 -7.38
CA LYS A 8 12.40 2.55 -8.28
C LYS A 8 10.99 2.13 -7.84
N CYS A 9 10.80 1.97 -6.53
CA CYS A 9 9.51 1.57 -5.99
C CYS A 9 8.78 2.77 -5.39
N THR A 10 7.51 2.92 -5.75
CA THR A 10 6.71 4.04 -5.26
C THR A 10 6.61 4.00 -3.73
N SER A 11 6.28 2.83 -3.19
CA SER A 11 6.15 2.67 -1.74
C SER A 11 7.25 1.76 -1.19
N VAL A 12 8.00 2.27 -0.21
CA VAL A 12 9.08 1.50 0.41
C VAL A 12 8.59 0.80 1.67
N VAL A 13 7.70 1.46 2.41
CA VAL A 13 7.15 0.88 3.63
C VAL A 13 6.23 -0.29 3.25
N LEU A 14 5.40 -0.09 2.21
CA LEU A 14 4.51 -1.15 1.77
C LEU A 14 5.32 -2.34 1.27
N LEU A 15 6.26 -2.06 0.38
CA LEU A 15 7.09 -3.11 -0.19
C LEU A 15 7.86 -3.82 0.91
N SER A 16 8.36 -3.02 1.87
CA SER A 16 9.11 -3.56 2.98
C SER A 16 8.25 -4.48 3.85
N VAL A 17 6.95 -4.15 4.01
CA VAL A 17 6.07 -4.98 4.85
C VAL A 17 5.76 -6.32 4.19
N LEU A 18 5.67 -6.36 2.85
CA LEU A 18 5.39 -7.64 2.17
C LEU A 18 6.65 -8.52 2.25
N GLN A 19 7.82 -7.88 2.28
CA GLN A 19 9.08 -8.58 2.42
C GLN A 19 9.08 -9.31 3.76
N GLN A 20 8.53 -8.63 4.77
CA GLN A 20 8.40 -9.20 6.10
C GLN A 20 7.50 -10.44 6.03
N LEU A 21 6.46 -10.37 5.17
CA LEU A 21 5.54 -11.49 5.00
C LEU A 21 6.26 -12.67 4.31
N ARG A 22 7.36 -12.37 3.61
CA ARG A 22 8.17 -13.37 2.90
C ARG A 22 7.50 -13.82 1.60
N VAL A 23 6.86 -12.88 0.89
CA VAL A 23 6.22 -13.19 -0.39
C VAL A 23 7.24 -12.96 -1.51
N GLU A 24 7.08 -13.69 -2.62
CA GLU A 24 7.99 -13.58 -3.76
C GLU A 24 7.56 -12.41 -4.64
N SER A 25 8.53 -11.76 -5.27
CA SER A 25 8.25 -10.62 -6.12
C SER A 25 7.24 -10.99 -7.21
N SER A 26 7.37 -12.19 -7.76
CA SER A 26 6.47 -12.64 -8.81
C SER A 26 5.24 -13.39 -8.26
N SER A 27 5.17 -13.56 -6.92
CA SER A 27 4.03 -14.26 -6.32
C SER A 27 2.72 -13.54 -6.61
N LYS A 28 1.66 -14.31 -6.79
CA LYS A 28 0.36 -13.73 -7.06
C LYS A 28 -0.06 -12.85 -5.88
N LEU A 29 0.15 -13.35 -4.66
CA LEU A 29 -0.20 -12.60 -3.45
C LEU A 29 0.59 -11.30 -3.38
N TRP A 30 1.86 -11.36 -3.76
CA TRP A 30 2.72 -10.18 -3.79
C TRP A 30 2.09 -9.17 -4.75
N ALA A 31 1.64 -9.67 -5.89
CA ALA A 31 0.98 -8.86 -6.91
C ALA A 31 -0.32 -8.28 -6.34
N GLN A 32 -1.03 -9.08 -5.53
CA GLN A 32 -2.29 -8.62 -4.95
C GLN A 32 -2.06 -7.42 -4.04
N CYS A 33 -1.02 -7.50 -3.20
CA CYS A 33 -0.71 -6.41 -2.27
C CYS A 33 -0.35 -5.15 -3.03
N VAL A 34 0.50 -5.31 -4.04
CA VAL A 34 0.94 -4.19 -4.88
C VAL A 34 -0.26 -3.61 -5.65
N GLN A 35 -1.09 -4.50 -6.21
CA GLN A 35 -2.25 -4.07 -6.99
C GLN A 35 -3.25 -3.31 -6.12
N LEU A 36 -3.47 -3.79 -4.90
CA LEU A 36 -4.41 -3.13 -3.99
C LEU A 36 -3.86 -1.73 -3.65
N HIS A 37 -2.53 -1.61 -3.53
CA HIS A 37 -1.89 -0.32 -3.28
C HIS A 37 -2.24 0.60 -4.44
N ASN A 38 -2.08 0.07 -5.65
CA ASN A 38 -2.39 0.82 -6.86
C ASN A 38 -3.87 1.19 -6.87
N ASP A 39 -4.72 0.26 -6.39
CA ASP A 39 -6.15 0.51 -6.36
C ASP A 39 -6.45 1.69 -5.44
N ILE A 40 -5.75 1.74 -4.30
CA ILE A 40 -5.93 2.85 -3.35
C ILE A 40 -5.61 4.16 -4.07
N LEU A 41 -4.53 4.15 -4.84
CA LEU A 41 -4.13 5.32 -5.62
C LEU A 41 -5.23 5.68 -6.61
N LEU A 42 -5.90 4.64 -7.17
CA LEU A 42 -6.99 4.86 -8.13
C LEU A 42 -8.21 5.46 -7.46
N ALA A 43 -8.49 5.03 -6.21
CA ALA A 43 -9.64 5.52 -5.47
C ALA A 43 -9.68 7.05 -5.48
N LYS A 44 -10.69 7.60 -6.16
CA LYS A 44 -10.85 9.05 -6.25
C LYS A 44 -11.43 9.65 -4.96
N ASP A 45 -12.09 8.81 -4.16
CA ASP A 45 -12.69 9.25 -2.90
C ASP A 45 -12.09 8.50 -1.72
N THR A 46 -12.05 9.17 -0.58
CA THR A 46 -11.51 8.57 0.65
C THR A 46 -12.24 7.26 0.96
N THR A 47 -13.54 7.21 0.66
CA THR A 47 -14.35 6.02 0.91
C THR A 47 -13.83 4.86 0.04
N GLU A 48 -13.59 5.14 -1.24
CA GLU A 48 -13.09 4.12 -2.16
C GLU A 48 -11.70 3.66 -1.73
N ALA A 49 -10.87 4.63 -1.35
CA ALA A 49 -9.52 4.34 -0.90
C ALA A 49 -9.56 3.50 0.36
N PHE A 50 -10.48 3.82 1.26
CA PHE A 50 -10.61 3.11 2.54
C PHE A 50 -10.86 1.61 2.30
N GLU A 51 -11.81 1.30 1.42
CA GLU A 51 -12.12 -0.11 1.11
C GLU A 51 -10.91 -0.82 0.51
N LYS A 52 -10.18 -0.09 -0.33
CA LYS A 52 -8.99 -0.61 -0.99
C LYS A 52 -7.86 -0.80 0.03
N MET A 53 -7.76 0.13 0.99
CA MET A 53 -6.75 0.06 2.04
C MET A 53 -6.96 -1.17 2.90
N VAL A 54 -8.22 -1.45 3.24
CA VAL A 54 -8.52 -2.64 4.05
C VAL A 54 -8.31 -3.90 3.23
N SER A 55 -8.54 -3.81 1.90
CA SER A 55 -8.33 -4.95 1.02
C SER A 55 -6.84 -5.28 1.00
N LEU A 56 -6.03 -4.22 0.87
CA LEU A 56 -4.57 -4.37 0.82
C LEU A 56 -4.09 -5.01 2.11
N LEU A 57 -4.55 -4.47 3.24
CA LEU A 57 -4.20 -5.00 4.55
C LEU A 57 -4.76 -6.39 4.72
N SER A 58 -5.92 -6.65 4.15
CA SER A 58 -6.55 -7.96 4.26
C SER A 58 -5.59 -9.02 3.70
N VAL A 59 -4.91 -8.68 2.59
CA VAL A 59 -3.96 -9.61 1.98
C VAL A 59 -2.70 -9.76 2.86
N LEU A 60 -2.19 -8.64 3.35
CA LEU A 60 -0.96 -8.63 4.17
C LEU A 60 -1.17 -9.32 5.54
N LEU A 61 -2.27 -8.96 6.20
CA LEU A 61 -2.60 -9.51 7.51
C LEU A 61 -2.84 -11.01 7.40
N SER A 62 -3.60 -11.38 6.39
CA SER A 62 -3.93 -12.78 6.13
C SER A 62 -2.66 -13.57 5.83
N MET A 63 -1.76 -12.94 5.07
CA MET A 63 -0.51 -13.59 4.67
C MET A 63 0.36 -14.01 5.87
N GLN A 64 0.60 -13.09 6.82
CA GLN A 64 1.41 -13.44 8.00
C GLN A 64 1.14 -12.51 9.19
N GLY A 65 0.78 -11.25 8.90
CA GLY A 65 0.48 -10.30 9.98
C GLY A 65 1.59 -9.26 10.18
N ALA A 66 2.36 -8.98 9.11
CA ALA A 66 3.43 -7.99 9.19
C ALA A 66 2.84 -6.61 9.51
N VAL A 67 3.56 -5.82 10.31
CA VAL A 67 3.06 -4.49 10.72
C VAL A 67 3.85 -3.37 10.02
N ASP A 68 3.12 -2.52 9.30
CA ASP A 68 3.70 -1.37 8.57
C ASP A 68 2.64 -0.77 7.63
N ILE A 69 1.75 -1.61 7.12
CA ILE A 69 0.69 -1.16 6.22
C ILE A 69 -0.14 -0.05 6.88
N ASN A 70 -0.21 -0.06 8.22
CA ASN A 70 -0.97 0.95 8.95
C ASN A 70 -0.36 2.33 8.68
N LYS A 71 0.98 2.38 8.62
CA LYS A 71 1.69 3.63 8.34
C LYS A 71 1.36 4.14 6.96
N LEU A 72 1.30 3.20 6.00
CA LEU A 72 1.00 3.53 4.61
C LEU A 72 -0.44 4.03 4.49
N CYS A 73 -1.35 3.29 5.11
CA CYS A 73 -2.77 3.61 5.07
C CYS A 73 -3.08 4.94 5.76
N GLU A 74 -2.55 5.11 6.98
CA GLU A 74 -2.80 6.34 7.75
C GLU A 74 -2.15 7.55 7.08
N GLU A 75 -1.01 7.33 6.44
CA GLU A 75 -0.32 8.44 5.76
C GLU A 75 -1.02 8.73 4.42
N MET A 76 -1.48 7.65 3.78
CA MET A 76 -2.19 7.75 2.53
C MET A 76 -3.47 8.54 2.74
N LEU A 77 -4.18 8.19 3.81
CA LEU A 77 -5.41 8.88 4.16
C LEU A 77 -5.12 10.33 4.52
N ASP A 78 -4.01 10.54 5.23
CA ASP A 78 -3.60 11.89 5.62
C ASP A 78 -3.34 12.71 4.37
N ASN A 79 -2.69 12.09 3.39
CA ASN A 79 -2.38 12.75 2.12
C ASN A 79 -3.68 13.09 1.40
N ARG A 80 -4.65 12.17 1.45
CA ARG A 80 -5.94 12.39 0.81
C ARG A 80 -6.69 13.53 1.50
N ALA A 81 -6.58 13.60 2.83
CA ALA A 81 -7.25 14.63 3.61
C ALA A 81 -6.73 16.02 3.23
N THR A 82 -7.63 16.99 3.15
CA THR A 82 -7.27 18.36 2.80
C THR A 82 -7.91 19.35 3.77
N LEU A 83 -7.35 20.56 3.82
CA LEU A 83 -7.86 21.59 4.72
C LEU A 83 -9.29 21.98 4.34
N GLN A 84 -9.56 22.05 3.03
CA GLN A 84 -10.88 22.40 2.53
C GLN A 84 -11.79 21.18 2.51
N GLY A 1 18.34 0.36 -16.88
CA GLY A 1 18.62 1.82 -17.03
C GLY A 1 17.69 2.61 -16.12
N SER A 2 16.84 3.45 -16.73
CA SER A 2 15.90 4.26 -15.97
C SER A 2 14.90 3.38 -15.22
N LYS A 3 14.59 3.78 -13.99
CA LYS A 3 13.65 3.02 -13.16
C LYS A 3 12.27 2.98 -13.80
N MET A 4 11.86 4.12 -14.38
CA MET A 4 10.56 4.22 -15.04
C MET A 4 9.43 3.81 -14.08
N SER A 5 9.60 4.16 -12.80
CA SER A 5 8.61 3.83 -11.78
C SER A 5 7.29 4.55 -12.06
N ASP A 6 6.18 3.84 -11.85
CA ASP A 6 4.85 4.41 -12.08
C ASP A 6 4.63 5.62 -11.18
N VAL A 7 5.03 5.50 -9.91
CA VAL A 7 4.88 6.58 -8.95
C VAL A 7 6.26 7.02 -8.44
N LYS A 8 6.54 8.31 -8.58
CA LYS A 8 7.83 8.86 -8.14
C LYS A 8 8.06 8.68 -6.64
N CYS A 9 6.96 8.60 -5.87
CA CYS A 9 7.05 8.42 -4.43
C CYS A 9 6.89 6.95 -4.05
N THR A 10 7.62 6.54 -3.01
CA THR A 10 7.55 5.16 -2.53
C THR A 10 7.29 5.14 -1.03
N SER A 11 6.74 4.02 -0.55
CA SER A 11 6.43 3.87 0.88
C SER A 11 7.38 2.86 1.53
N VAL A 12 8.01 3.29 2.63
CA VAL A 12 8.93 2.42 3.37
C VAL A 12 8.18 1.51 4.34
N VAL A 13 7.06 2.00 4.88
CA VAL A 13 6.27 1.23 5.81
C VAL A 13 5.62 0.06 5.08
N LEU A 14 5.01 0.35 3.93
CA LEU A 14 4.37 -0.70 3.15
C LEU A 14 5.40 -1.70 2.66
N LEU A 15 6.49 -1.20 2.10
CA LEU A 15 7.55 -2.08 1.60
C LEU A 15 8.10 -2.92 2.75
N SER A 16 8.23 -2.29 3.91
CA SER A 16 8.71 -2.96 5.12
C SER A 16 7.69 -4.02 5.57
N VAL A 17 6.43 -3.67 5.43
CA VAL A 17 5.33 -4.54 5.82
C VAL A 17 5.39 -5.88 5.05
N LEU A 18 5.60 -5.86 3.74
CA LEU A 18 5.68 -7.12 2.98
C LEU A 18 7.01 -7.83 3.26
N GLN A 19 8.04 -7.07 3.63
CA GLN A 19 9.33 -7.65 3.99
C GLN A 19 9.11 -8.55 5.21
N GLN A 20 8.26 -8.08 6.12
CA GLN A 20 7.90 -8.84 7.30
C GLN A 20 7.17 -10.11 6.87
N LEU A 21 6.34 -9.99 5.81
CA LEU A 21 5.60 -11.14 5.29
C LEU A 21 6.55 -12.16 4.65
N ARG A 22 7.77 -11.71 4.30
CA ARG A 22 8.80 -12.57 3.68
C ARG A 22 8.50 -12.85 2.20
N VAL A 23 7.96 -11.84 1.49
CA VAL A 23 7.69 -12.00 0.05
C VAL A 23 8.89 -11.50 -0.74
N GLU A 24 9.09 -12.06 -1.94
CA GLU A 24 10.22 -11.66 -2.79
C GLU A 24 9.84 -10.45 -3.59
N SER A 25 10.84 -9.65 -3.96
CA SER A 25 10.60 -8.44 -4.74
C SER A 25 9.91 -8.78 -6.05
N SER A 26 10.30 -9.90 -6.66
CA SER A 26 9.70 -10.32 -7.93
C SER A 26 8.45 -11.20 -7.74
N SER A 27 8.10 -11.54 -6.49
CA SER A 27 6.92 -12.37 -6.22
C SER A 27 5.67 -11.67 -6.73
N LYS A 28 4.70 -12.47 -7.21
CA LYS A 28 3.45 -11.90 -7.72
C LYS A 28 2.69 -11.18 -6.62
N LEU A 29 2.61 -11.83 -5.44
CA LEU A 29 1.92 -11.27 -4.28
C LEU A 29 2.58 -9.95 -3.86
N TRP A 30 3.92 -9.92 -3.94
CA TRP A 30 4.69 -8.72 -3.61
C TRP A 30 4.20 -7.59 -4.51
N ALA A 31 4.04 -7.91 -5.79
CA ALA A 31 3.54 -6.98 -6.78
C ALA A 31 2.11 -6.57 -6.46
N GLN A 32 1.33 -7.51 -5.95
CA GLN A 32 -0.08 -7.23 -5.63
C GLN A 32 -0.20 -6.17 -4.53
N CYS A 33 0.62 -6.31 -3.48
CA CYS A 33 0.60 -5.35 -2.37
C CYS A 33 1.00 -3.96 -2.85
N VAL A 34 2.07 -3.91 -3.62
CA VAL A 34 2.57 -2.65 -4.16
C VAL A 34 1.54 -2.06 -5.14
N GLN A 35 0.96 -2.94 -5.95
CA GLN A 35 -0.03 -2.54 -6.95
C GLN A 35 -1.28 -1.95 -6.28
N LEU A 36 -1.75 -2.60 -5.21
CA LEU A 36 -2.93 -2.10 -4.48
C LEU A 36 -2.59 -0.75 -3.85
N HIS A 37 -1.33 -0.59 -3.40
CA HIS A 37 -0.87 0.67 -2.84
C HIS A 37 -1.05 1.76 -3.90
N ASN A 38 -0.69 1.42 -5.14
CA ASN A 38 -0.82 2.35 -6.23
C ASN A 38 -2.30 2.69 -6.42
N ASP A 39 -3.19 1.70 -6.25
CA ASP A 39 -4.61 1.95 -6.42
C ASP A 39 -5.09 2.97 -5.39
N ILE A 40 -4.64 2.85 -4.14
CA ILE A 40 -5.04 3.79 -3.09
C ILE A 40 -4.64 5.20 -3.54
N LEU A 41 -3.44 5.31 -4.09
CA LEU A 41 -2.94 6.59 -4.59
C LEU A 41 -3.86 7.09 -5.71
N LEU A 42 -4.38 6.16 -6.53
CA LEU A 42 -5.28 6.51 -7.63
C LEU A 42 -6.64 6.99 -7.09
N ALA A 43 -7.10 6.38 -6.00
CA ALA A 43 -8.38 6.74 -5.40
C ALA A 43 -8.46 8.26 -5.17
N LYS A 44 -9.54 8.86 -5.69
CA LYS A 44 -9.74 10.30 -5.56
C LYS A 44 -10.68 10.65 -4.40
N ASP A 45 -11.10 9.63 -3.62
CA ASP A 45 -12.01 9.85 -2.50
C ASP A 45 -11.66 8.92 -1.35
N THR A 46 -12.16 9.26 -0.15
CA THR A 46 -11.91 8.47 1.03
C THR A 46 -12.50 7.07 0.87
N THR A 47 -13.72 7.01 0.31
CA THR A 47 -14.41 5.74 0.09
C THR A 47 -13.61 4.85 -0.87
N GLU A 48 -13.18 5.43 -2.00
CA GLU A 48 -12.41 4.67 -3.00
C GLU A 48 -11.10 4.18 -2.40
N ALA A 49 -10.40 5.09 -1.72
CA ALA A 49 -9.13 4.76 -1.08
C ALA A 49 -9.33 3.68 -0.02
N PHE A 50 -10.42 3.80 0.74
CA PHE A 50 -10.72 2.86 1.82
C PHE A 50 -10.83 1.42 1.29
N GLU A 51 -11.58 1.24 0.20
CA GLU A 51 -11.75 -0.08 -0.41
C GLU A 51 -10.40 -0.63 -0.88
N LYS A 52 -9.58 0.27 -1.42
CA LYS A 52 -8.26 -0.09 -1.93
C LYS A 52 -7.32 -0.43 -0.76
N MET A 53 -7.46 0.31 0.35
CA MET A 53 -6.65 0.06 1.55
C MET A 53 -6.95 -1.32 2.12
N VAL A 54 -8.23 -1.70 2.14
CA VAL A 54 -8.60 -3.01 2.65
C VAL A 54 -8.19 -4.09 1.66
N SER A 55 -8.21 -3.76 0.36
CA SER A 55 -7.77 -4.71 -0.66
C SER A 55 -6.27 -4.98 -0.48
N LEU A 56 -5.53 -3.91 -0.22
CA LEU A 56 -4.09 -3.99 0.00
C LEU A 56 -3.81 -4.85 1.22
N LEU A 57 -4.55 -4.57 2.29
CA LEU A 57 -4.43 -5.31 3.55
C LEU A 57 -4.91 -6.75 3.37
N SER A 58 -5.88 -6.95 2.48
CA SER A 58 -6.40 -8.29 2.25
C SER A 58 -5.26 -9.20 1.78
N VAL A 59 -4.38 -8.67 0.92
CA VAL A 59 -3.24 -9.44 0.44
C VAL A 59 -2.21 -9.65 1.57
N LEU A 60 -1.91 -8.57 2.31
CA LEU A 60 -0.91 -8.61 3.39
C LEU A 60 -1.33 -9.53 4.54
N LEU A 61 -2.56 -9.37 4.99
CA LEU A 61 -3.12 -10.15 6.10
C LEU A 61 -3.16 -11.63 5.73
N SER A 62 -3.65 -11.89 4.52
CA SER A 62 -3.74 -13.25 4.01
C SER A 62 -2.36 -13.88 3.91
N MET A 63 -1.38 -13.07 3.48
CA MET A 63 -0.02 -13.54 3.29
C MET A 63 0.60 -14.08 4.60
N GLN A 64 0.53 -13.30 5.69
CA GLN A 64 1.11 -13.76 6.97
C GLN A 64 0.50 -13.04 8.17
N GLY A 65 0.09 -11.79 7.98
CA GLY A 65 -0.52 -11.01 9.08
C GLY A 65 0.44 -9.98 9.68
N ALA A 66 1.41 -9.50 8.89
CA ALA A 66 2.35 -8.50 9.38
C ALA A 66 1.61 -7.24 9.79
N VAL A 67 2.08 -6.59 10.87
CA VAL A 67 1.41 -5.39 11.39
C VAL A 67 2.26 -4.13 11.16
N ASP A 68 1.65 -3.16 10.44
CA ASP A 68 2.28 -1.86 10.13
C ASP A 68 1.48 -1.16 9.00
N ILE A 69 0.80 -1.96 8.17
CA ILE A 69 -0.04 -1.41 7.10
C ILE A 69 -1.06 -0.43 7.68
N ASN A 70 -1.39 -0.61 8.97
CA ASN A 70 -2.33 0.29 9.63
C ASN A 70 -1.76 1.70 9.65
N LYS A 71 -0.45 1.81 9.85
CA LYS A 71 0.23 3.12 9.86
C LYS A 71 0.10 3.77 8.48
N LEU A 72 0.27 2.95 7.45
CA LEU A 72 0.17 3.43 6.07
C LEU A 72 -1.25 3.87 5.77
N CYS A 73 -2.20 3.04 6.14
CA CYS A 73 -3.61 3.30 5.90
C CYS A 73 -4.11 4.53 6.67
N GLU A 74 -3.79 4.58 7.97
CA GLU A 74 -4.23 5.70 8.81
C GLU A 74 -3.52 7.00 8.45
N GLU A 75 -2.27 6.89 7.99
CA GLU A 75 -1.51 8.08 7.59
C GLU A 75 -1.93 8.50 6.19
N MET A 76 -2.27 7.51 5.36
CA MET A 76 -2.73 7.77 4.01
C MET A 76 -4.03 8.54 4.07
N LEU A 77 -4.95 8.06 4.92
CA LEU A 77 -6.24 8.71 5.10
C LEU A 77 -6.04 10.10 5.67
N ASP A 78 -5.10 10.22 6.60
CA ASP A 78 -4.78 11.51 7.21
C ASP A 78 -4.29 12.46 6.13
N ASN A 79 -3.47 11.93 5.22
CA ASN A 79 -2.94 12.71 4.11
C ASN A 79 -4.08 13.16 3.19
N ARG A 80 -5.04 12.25 2.97
CA ARG A 80 -6.20 12.57 2.13
C ARG A 80 -7.03 13.67 2.77
N ALA A 81 -7.17 13.61 4.10
CA ALA A 81 -7.94 14.61 4.83
C ALA A 81 -7.32 16.00 4.68
N THR A 82 -8.18 17.00 4.52
CA THR A 82 -7.73 18.38 4.36
C THR A 82 -8.52 19.31 5.26
N LEU A 83 -7.96 20.50 5.54
CA LEU A 83 -8.61 21.49 6.39
C LEU A 83 -8.87 22.77 5.59
N GLN A 84 -10.05 23.36 5.82
CA GLN A 84 -10.43 24.60 5.13
C GLN A 84 -9.95 25.81 5.93
N GLY A 1 -5.61 16.88 -8.06
CA GLY A 1 -4.83 15.91 -8.89
C GLY A 1 -3.38 15.89 -8.42
N SER A 2 -2.55 16.75 -9.02
CA SER A 2 -1.14 16.83 -8.65
C SER A 2 -0.97 17.44 -7.26
N LYS A 3 0.20 17.21 -6.66
CA LYS A 3 0.49 17.74 -5.32
C LYS A 3 1.82 18.48 -5.33
N MET A 4 1.91 19.52 -4.51
CA MET A 4 3.13 20.32 -4.41
C MET A 4 4.29 19.47 -3.90
N SER A 5 4.01 18.60 -2.92
CA SER A 5 5.03 17.72 -2.36
C SER A 5 5.43 16.65 -3.36
N ASP A 6 6.60 16.05 -3.13
CA ASP A 6 7.11 15.00 -4.02
C ASP A 6 6.85 13.62 -3.42
N VAL A 7 6.37 12.69 -4.25
CA VAL A 7 6.08 11.34 -3.81
C VAL A 7 6.69 10.31 -4.78
N LYS A 8 6.87 9.08 -4.29
CA LYS A 8 7.44 8.01 -5.10
C LYS A 8 6.49 6.83 -5.16
N CYS A 9 6.35 6.24 -6.35
CA CYS A 9 5.46 5.09 -6.54
C CYS A 9 5.93 3.90 -5.71
N THR A 10 7.25 3.69 -5.67
CA THR A 10 7.82 2.58 -4.91
C THR A 10 7.74 2.86 -3.41
N SER A 11 7.19 1.90 -2.67
CA SER A 11 7.05 2.04 -1.22
C SER A 11 7.98 1.06 -0.49
N VAL A 12 8.75 1.58 0.45
CA VAL A 12 9.69 0.76 1.23
C VAL A 12 8.98 0.10 2.41
N VAL A 13 8.00 0.80 2.99
CA VAL A 13 7.25 0.28 4.12
C VAL A 13 6.42 -0.91 3.66
N LEU A 14 5.71 -0.74 2.56
CA LEU A 14 4.88 -1.82 2.02
C LEU A 14 5.75 -3.00 1.60
N LEU A 15 6.81 -2.72 0.86
CA LEU A 15 7.69 -3.78 0.39
C LEU A 15 8.29 -4.49 1.61
N SER A 16 8.63 -3.70 2.62
CA SER A 16 9.18 -4.24 3.87
C SER A 16 8.14 -5.08 4.59
N VAL A 17 6.90 -4.62 4.52
CA VAL A 17 5.77 -5.28 5.15
C VAL A 17 5.61 -6.73 4.63
N LEU A 18 5.67 -6.93 3.31
CA LEU A 18 5.53 -8.31 2.78
C LEU A 18 6.81 -9.11 3.03
N GLN A 19 7.94 -8.41 3.16
CA GLN A 19 9.20 -9.08 3.48
C GLN A 19 9.05 -9.76 4.83
N GLN A 20 8.37 -9.06 5.75
CA GLN A 20 8.07 -9.59 7.07
C GLN A 20 7.18 -10.83 6.91
N LEU A 21 6.26 -10.77 5.94
CA LEU A 21 5.36 -11.90 5.66
C LEU A 21 6.15 -13.10 5.08
N ARG A 22 7.37 -12.81 4.57
CA ARG A 22 8.24 -13.83 3.99
C ARG A 22 7.72 -14.35 2.64
N VAL A 23 7.16 -13.44 1.83
CA VAL A 23 6.67 -13.81 0.48
C VAL A 23 7.81 -13.63 -0.52
N GLU A 24 7.78 -14.41 -1.60
CA GLU A 24 8.80 -14.33 -2.64
C GLU A 24 8.48 -13.19 -3.59
N SER A 25 9.52 -12.55 -4.12
CA SER A 25 9.33 -11.43 -5.04
C SER A 25 8.52 -11.87 -6.27
N SER A 26 8.61 -13.16 -6.61
CA SER A 26 7.88 -13.68 -7.77
C SER A 26 6.55 -14.36 -7.39
N SER A 27 6.29 -14.51 -6.09
CA SER A 27 5.05 -15.14 -5.63
C SER A 27 3.84 -14.32 -6.07
N LYS A 28 2.72 -15.01 -6.34
CA LYS A 28 1.51 -14.31 -6.77
C LYS A 28 0.99 -13.39 -5.68
N LEU A 29 0.99 -13.87 -4.44
CA LEU A 29 0.53 -13.08 -3.29
C LEU A 29 1.37 -11.82 -3.15
N TRP A 30 2.68 -11.95 -3.39
CA TRP A 30 3.60 -10.82 -3.34
C TRP A 30 3.13 -9.78 -4.35
N ALA A 31 2.77 -10.27 -5.54
CA ALA A 31 2.25 -9.43 -6.61
C ALA A 31 0.93 -8.81 -6.21
N GLN A 32 0.10 -9.57 -5.47
CA GLN A 32 -1.21 -9.08 -5.06
C GLN A 32 -1.09 -7.85 -4.16
N CYS A 33 -0.17 -7.92 -3.19
CA CYS A 33 0.04 -6.81 -2.26
C CYS A 33 0.53 -5.58 -3.01
N VAL A 34 1.49 -5.80 -3.90
CA VAL A 34 2.06 -4.72 -4.70
C VAL A 34 0.99 -4.13 -5.62
N GLN A 35 0.20 -5.01 -6.25
CA GLN A 35 -0.85 -4.58 -7.16
C GLN A 35 -1.91 -3.76 -6.44
N LEU A 36 -2.29 -4.20 -5.24
CA LEU A 36 -3.30 -3.47 -4.46
C LEU A 36 -2.74 -2.11 -4.09
N HIS A 37 -1.41 -2.04 -3.81
CA HIS A 37 -0.76 -0.76 -3.52
C HIS A 37 -0.94 0.15 -4.72
N ASN A 38 -0.68 -0.41 -5.90
CA ASN A 38 -0.84 0.32 -7.15
C ASN A 38 -2.29 0.73 -7.32
N ASP A 39 -3.22 -0.15 -6.92
CA ASP A 39 -4.64 0.14 -7.04
C ASP A 39 -5.00 1.36 -6.21
N ILE A 40 -4.42 1.43 -5.00
CA ILE A 40 -4.68 2.57 -4.10
C ILE A 40 -4.25 3.84 -4.83
N LEU A 41 -3.09 3.78 -5.47
CA LEU A 41 -2.57 4.90 -6.23
C LEU A 41 -3.54 5.25 -7.37
N LEU A 42 -4.17 4.21 -7.96
CA LEU A 42 -5.13 4.41 -9.05
C LEU A 42 -6.40 5.07 -8.53
N ALA A 43 -6.82 4.72 -7.31
CA ALA A 43 -8.03 5.28 -6.72
C ALA A 43 -7.97 6.81 -6.76
N LYS A 44 -9.00 7.42 -7.33
CA LYS A 44 -9.07 8.88 -7.43
C LYS A 44 -9.88 9.49 -6.28
N ASP A 45 -10.56 8.63 -5.51
CA ASP A 45 -11.37 9.08 -4.38
C ASP A 45 -10.85 8.47 -3.08
N THR A 46 -11.11 9.16 -1.97
CA THR A 46 -10.67 8.67 -0.67
C THR A 46 -11.34 7.32 -0.39
N THR A 47 -12.63 7.23 -0.71
CA THR A 47 -13.39 5.99 -0.51
C THR A 47 -12.81 4.87 -1.36
N GLU A 48 -12.51 5.16 -2.63
CA GLU A 48 -11.96 4.15 -3.54
C GLU A 48 -10.60 3.66 -3.03
N ALA A 49 -9.76 4.61 -2.62
CA ALA A 49 -8.44 4.28 -2.09
C ALA A 49 -8.59 3.47 -0.81
N PHE A 50 -9.54 3.86 0.03
CA PHE A 50 -9.79 3.17 1.31
C PHE A 50 -10.09 1.69 1.08
N GLU A 51 -10.99 1.40 0.14
CA GLU A 51 -11.36 0.02 -0.18
C GLU A 51 -10.13 -0.76 -0.65
N LYS A 52 -9.29 -0.09 -1.43
CA LYS A 52 -8.07 -0.69 -1.97
C LYS A 52 -7.05 -0.90 -0.84
N MET A 53 -7.02 0.04 0.11
CA MET A 53 -6.11 -0.06 1.27
C MET A 53 -6.46 -1.27 2.11
N VAL A 54 -7.77 -1.49 2.32
CA VAL A 54 -8.20 -2.64 3.11
C VAL A 54 -8.00 -3.92 2.32
N SER A 55 -8.14 -3.83 0.99
CA SER A 55 -7.93 -4.99 0.12
C SER A 55 -6.45 -5.40 0.22
N LEU A 56 -5.58 -4.39 0.20
CA LEU A 56 -4.13 -4.59 0.29
C LEU A 56 -3.80 -5.26 1.62
N LEU A 57 -4.37 -4.72 2.69
CA LEU A 57 -4.19 -5.26 4.04
C LEU A 57 -4.82 -6.63 4.16
N SER A 58 -5.90 -6.86 3.42
CA SER A 58 -6.59 -8.15 3.47
C SER A 58 -5.60 -9.25 3.10
N VAL A 59 -4.79 -8.98 2.06
CA VAL A 59 -3.79 -9.96 1.62
C VAL A 59 -2.66 -10.10 2.65
N LEU A 60 -2.17 -8.96 3.15
CA LEU A 60 -1.07 -8.93 4.11
C LEU A 60 -1.41 -9.59 5.45
N LEU A 61 -2.57 -9.22 5.98
CA LEU A 61 -3.05 -9.74 7.26
C LEU A 61 -3.29 -11.23 7.16
N SER A 62 -3.94 -11.63 6.07
CA SER A 62 -4.24 -13.03 5.82
C SER A 62 -2.95 -13.83 5.66
N MET A 63 -1.97 -13.22 4.99
CA MET A 63 -0.69 -13.88 4.74
C MET A 63 0.04 -14.29 6.02
N GLN A 64 0.19 -13.35 6.97
CA GLN A 64 0.89 -13.68 8.23
C GLN A 64 0.52 -12.72 9.36
N GLY A 65 0.21 -11.47 9.02
CA GLY A 65 -0.18 -10.48 10.03
C GLY A 65 0.92 -9.47 10.33
N ALA A 66 1.80 -9.21 9.36
CA ALA A 66 2.89 -8.24 9.56
C ALA A 66 2.29 -6.87 9.85
N VAL A 67 2.95 -6.10 10.73
CA VAL A 67 2.43 -4.77 11.12
C VAL A 67 3.35 -3.65 10.61
N ASP A 68 2.77 -2.76 9.81
CA ASP A 68 3.46 -1.58 9.23
C ASP A 68 2.61 -0.98 8.09
N ILE A 69 1.77 -1.82 7.47
CA ILE A 69 0.87 -1.36 6.39
C ILE A 69 0.03 -0.19 6.89
N ASN A 70 -0.19 -0.11 8.21
CA ASN A 70 -0.96 0.98 8.80
C ASN A 70 -0.26 2.30 8.52
N LYS A 71 1.09 2.28 8.58
CA LYS A 71 1.89 3.49 8.31
C LYS A 71 1.69 3.92 6.87
N LEU A 72 1.66 2.94 5.96
CA LEU A 72 1.47 3.20 4.54
C LEU A 72 0.06 3.76 4.28
N CYS A 73 -0.92 3.10 4.85
CA CYS A 73 -2.31 3.48 4.68
C CYS A 73 -2.61 4.84 5.28
N GLU A 74 -2.16 5.06 6.53
CA GLU A 74 -2.42 6.32 7.22
C GLU A 74 -1.67 7.48 6.56
N GLU A 75 -0.48 7.19 6.00
CA GLU A 75 0.30 8.22 5.33
C GLU A 75 -0.28 8.48 3.94
N MET A 76 -0.74 7.40 3.31
CA MET A 76 -1.35 7.46 2.00
C MET A 76 -2.59 8.32 2.08
N LEU A 77 -3.40 8.04 3.10
CA LEU A 77 -4.63 8.80 3.34
C LEU A 77 -4.30 10.24 3.68
N ASP A 78 -3.24 10.43 4.46
CA ASP A 78 -2.80 11.76 4.85
C ASP A 78 -2.43 12.55 3.60
N ASN A 79 -1.70 11.90 2.70
CA ASN A 79 -1.29 12.52 1.44
C ASN A 79 -2.52 12.88 0.60
N ARG A 80 -3.49 11.97 0.60
CA ARG A 80 -4.73 12.18 -0.15
C ARG A 80 -5.52 13.36 0.44
N ALA A 81 -5.51 13.46 1.77
CA ALA A 81 -6.21 14.55 2.46
C ALA A 81 -5.62 15.90 2.09
N THR A 82 -6.50 16.89 1.93
CA THR A 82 -6.08 18.25 1.58
C THR A 82 -5.58 18.98 2.83
N LEU A 83 -4.87 20.10 2.60
CA LEU A 83 -4.34 20.90 3.69
C LEU A 83 -5.01 22.28 3.72
N GLN A 84 -5.34 22.74 4.92
CA GLN A 84 -5.98 24.05 5.10
C GLN A 84 -5.01 25.04 5.75
N GLY A 1 5.29 14.76 -18.13
CA GLY A 1 4.39 14.78 -16.94
C GLY A 1 5.14 15.36 -15.75
N SER A 2 5.95 14.52 -15.09
CA SER A 2 6.73 14.95 -13.93
C SER A 2 8.04 14.18 -13.86
N LYS A 3 9.09 14.87 -13.40
CA LYS A 3 10.41 14.26 -13.27
C LYS A 3 11.20 14.91 -12.13
N MET A 4 12.22 14.19 -11.64
CA MET A 4 13.05 14.69 -10.55
C MET A 4 12.20 15.11 -9.34
N SER A 5 11.11 14.37 -9.12
CA SER A 5 10.20 14.64 -8.01
C SER A 5 10.84 14.28 -6.68
N ASP A 6 10.30 14.83 -5.59
CA ASP A 6 10.83 14.56 -4.26
C ASP A 6 10.15 13.35 -3.60
N VAL A 7 9.30 12.64 -4.35
CA VAL A 7 8.60 11.47 -3.84
C VAL A 7 8.74 10.29 -4.80
N LYS A 8 8.53 9.07 -4.28
CA LYS A 8 8.61 7.86 -5.09
C LYS A 8 7.32 7.06 -4.99
N CYS A 9 6.87 6.53 -6.13
CA CYS A 9 5.65 5.73 -6.16
C CYS A 9 5.80 4.47 -5.31
N THR A 10 6.98 3.85 -5.40
CA THR A 10 7.26 2.63 -4.64
C THR A 10 7.27 2.94 -3.15
N SER A 11 6.57 2.12 -2.37
CA SER A 11 6.50 2.31 -0.92
C SER A 11 7.42 1.33 -0.21
N VAL A 12 8.40 1.89 0.53
CA VAL A 12 9.38 1.07 1.26
C VAL A 12 8.69 0.42 2.47
N VAL A 13 7.81 1.18 3.13
CA VAL A 13 7.11 0.66 4.29
C VAL A 13 6.24 -0.51 3.88
N LEU A 14 5.47 -0.33 2.80
CA LEU A 14 4.61 -1.39 2.31
C LEU A 14 5.44 -2.60 1.86
N LEU A 15 6.44 -2.33 1.02
CA LEU A 15 7.30 -3.40 0.51
C LEU A 15 7.94 -4.12 1.69
N SER A 16 8.36 -3.32 2.68
CA SER A 16 8.98 -3.85 3.89
C SER A 16 8.02 -4.78 4.63
N VAL A 17 6.73 -4.40 4.72
CA VAL A 17 5.77 -5.22 5.46
C VAL A 17 5.52 -6.58 4.79
N LEU A 18 5.58 -6.63 3.44
CA LEU A 18 5.38 -7.92 2.75
C LEU A 18 6.62 -8.80 2.93
N GLN A 19 7.79 -8.14 3.06
CA GLN A 19 9.03 -8.85 3.30
C GLN A 19 8.92 -9.59 4.63
N GLN A 20 8.27 -8.93 5.60
CA GLN A 20 8.02 -9.52 6.91
C GLN A 20 7.14 -10.76 6.73
N LEU A 21 6.19 -10.68 5.78
CA LEU A 21 5.29 -11.81 5.51
C LEU A 21 6.07 -12.97 4.87
N ARG A 22 7.25 -12.66 4.30
CA ARG A 22 8.12 -13.66 3.66
C ARG A 22 7.58 -14.11 2.29
N VAL A 23 6.99 -13.16 1.55
CA VAL A 23 6.48 -13.48 0.20
C VAL A 23 7.59 -13.20 -0.82
N GLU A 24 7.55 -13.92 -1.95
CA GLU A 24 8.57 -13.76 -2.99
C GLU A 24 8.18 -12.61 -3.90
N SER A 25 9.19 -11.94 -4.45
CA SER A 25 8.94 -10.81 -5.35
C SER A 25 8.10 -11.21 -6.56
N SER A 26 8.10 -12.50 -6.88
CA SER A 26 7.33 -13.00 -8.03
C SER A 26 6.04 -13.71 -7.61
N SER A 27 5.88 -14.01 -6.30
CA SER A 27 4.67 -14.68 -5.82
C SER A 27 3.43 -13.88 -6.19
N LYS A 28 2.33 -14.59 -6.44
CA LYS A 28 1.08 -13.93 -6.81
C LYS A 28 0.60 -13.01 -5.70
N LEU A 29 0.64 -13.51 -4.47
CA LEU A 29 0.21 -12.74 -3.30
C LEU A 29 1.04 -11.46 -3.16
N TRP A 30 2.34 -11.58 -3.46
CA TRP A 30 3.24 -10.41 -3.41
C TRP A 30 2.70 -9.36 -4.38
N ALA A 31 2.32 -9.83 -5.57
CA ALA A 31 1.75 -8.98 -6.60
C ALA A 31 0.42 -8.40 -6.13
N GLN A 32 -0.35 -9.19 -5.39
CA GLN A 32 -1.66 -8.74 -4.91
C GLN A 32 -1.53 -7.55 -3.98
N CYS A 33 -0.57 -7.62 -3.05
CA CYS A 33 -0.34 -6.53 -2.10
C CYS A 33 0.10 -5.27 -2.82
N VAL A 34 1.03 -5.44 -3.75
CA VAL A 34 1.57 -4.32 -4.54
C VAL A 34 0.45 -3.72 -5.41
N GLN A 35 -0.34 -4.59 -6.05
CA GLN A 35 -1.43 -4.13 -6.91
C GLN A 35 -2.48 -3.36 -6.13
N LEU A 36 -2.82 -3.85 -4.93
CA LEU A 36 -3.82 -3.18 -4.11
C LEU A 36 -3.29 -1.79 -3.70
N HIS A 37 -1.97 -1.70 -3.46
CA HIS A 37 -1.34 -0.43 -3.14
C HIS A 37 -1.57 0.53 -4.31
N ASN A 38 -1.32 0.02 -5.51
CA ASN A 38 -1.53 0.80 -6.71
C ASN A 38 -3.00 1.17 -6.85
N ASP A 39 -3.89 0.24 -6.48
CA ASP A 39 -5.32 0.50 -6.56
C ASP A 39 -5.70 1.67 -5.66
N ILE A 40 -5.12 1.71 -4.47
CA ILE A 40 -5.39 2.81 -3.52
C ILE A 40 -5.01 4.12 -4.20
N LEU A 41 -3.86 4.13 -4.87
CA LEU A 41 -3.39 5.30 -5.59
C LEU A 41 -4.39 5.65 -6.69
N LEU A 42 -4.99 4.63 -7.32
CA LEU A 42 -5.97 4.84 -8.38
C LEU A 42 -7.26 5.44 -7.83
N ALA A 43 -7.66 5.01 -6.62
CA ALA A 43 -8.88 5.50 -5.99
C ALA A 43 -8.89 7.02 -5.97
N LYS A 44 -9.96 7.61 -6.52
CA LYS A 44 -10.10 9.07 -6.55
C LYS A 44 -10.96 9.57 -5.38
N ASP A 45 -11.60 8.65 -4.65
CA ASP A 45 -12.44 9.01 -3.51
C ASP A 45 -11.90 8.39 -2.23
N THR A 46 -12.20 9.02 -1.10
CA THR A 46 -11.75 8.51 0.19
C THR A 46 -12.32 7.11 0.41
N THR A 47 -13.60 6.93 0.08
CA THR A 47 -14.27 5.65 0.22
C THR A 47 -13.59 4.60 -0.67
N GLU A 48 -13.31 4.96 -1.92
CA GLU A 48 -12.68 4.03 -2.86
C GLU A 48 -11.30 3.61 -2.37
N ALA A 49 -10.52 4.61 -1.92
CA ALA A 49 -9.18 4.34 -1.40
C ALA A 49 -9.27 3.48 -0.15
N PHE A 50 -10.25 3.80 0.72
CA PHE A 50 -10.44 3.08 1.97
C PHE A 50 -10.69 1.58 1.69
N GLU A 51 -11.59 1.29 0.75
CA GLU A 51 -11.91 -0.10 0.39
C GLU A 51 -10.65 -0.82 -0.12
N LYS A 52 -9.86 -0.09 -0.89
CA LYS A 52 -8.62 -0.63 -1.46
C LYS A 52 -7.59 -0.83 -0.36
N MET A 53 -7.56 0.09 0.62
CA MET A 53 -6.64 0.00 1.74
C MET A 53 -6.93 -1.23 2.57
N VAL A 54 -8.22 -1.50 2.80
CA VAL A 54 -8.59 -2.69 3.58
C VAL A 54 -8.36 -3.94 2.75
N SER A 55 -8.50 -3.83 1.42
CA SER A 55 -8.25 -4.96 0.53
C SER A 55 -6.76 -5.32 0.59
N LEU A 56 -5.92 -4.28 0.58
CA LEU A 56 -4.47 -4.45 0.63
C LEU A 56 -4.08 -5.13 1.94
N LEU A 57 -4.62 -4.60 3.03
CA LEU A 57 -4.38 -5.13 4.37
C LEU A 57 -4.96 -6.52 4.50
N SER A 58 -6.08 -6.77 3.81
CA SER A 58 -6.72 -8.07 3.86
C SER A 58 -5.73 -9.14 3.42
N VAL A 59 -4.96 -8.83 2.37
CA VAL A 59 -3.96 -9.79 1.86
C VAL A 59 -2.79 -9.92 2.86
N LEU A 60 -2.30 -8.77 3.35
CA LEU A 60 -1.14 -8.75 4.27
C LEU A 60 -1.44 -9.44 5.62
N LEU A 61 -2.59 -9.09 6.20
CA LEU A 61 -3.00 -9.64 7.48
C LEU A 61 -3.25 -11.13 7.37
N SER A 62 -3.96 -11.50 6.32
CA SER A 62 -4.28 -12.90 6.05
C SER A 62 -3.01 -13.70 5.80
N MET A 63 -2.06 -13.08 5.10
CA MET A 63 -0.80 -13.73 4.76
C MET A 63 -0.01 -14.19 5.99
N GLN A 64 0.20 -13.28 6.97
CA GLN A 64 0.94 -13.66 8.18
C GLN A 64 0.64 -12.74 9.36
N GLY A 65 0.32 -11.47 9.07
CA GLY A 65 -0.02 -10.51 10.14
C GLY A 65 1.09 -9.48 10.36
N ALA A 66 1.88 -9.20 9.32
CA ALA A 66 2.96 -8.22 9.43
C ALA A 66 2.38 -6.84 9.75
N VAL A 67 3.07 -6.06 10.58
CA VAL A 67 2.58 -4.73 10.98
C VAL A 67 3.42 -3.61 10.34
N ASP A 68 2.73 -2.74 9.60
CA ASP A 68 3.37 -1.59 8.93
C ASP A 68 2.36 -0.94 7.94
N ILE A 69 1.46 -1.77 7.40
CA ILE A 69 0.46 -1.29 6.45
C ILE A 69 -0.40 -0.18 7.08
N ASN A 70 -0.55 -0.20 8.41
CA ASN A 70 -1.32 0.83 9.10
C ASN A 70 -0.69 2.20 8.86
N LYS A 71 0.64 2.24 8.91
CA LYS A 71 1.39 3.47 8.69
C LYS A 71 1.16 3.99 7.29
N LEU A 72 1.16 3.05 6.33
CA LEU A 72 0.95 3.38 4.92
C LEU A 72 -0.47 3.88 4.69
N CYS A 73 -1.43 3.16 5.26
CA CYS A 73 -2.84 3.50 5.11
C CYS A 73 -3.18 4.85 5.77
N GLU A 74 -2.73 5.04 7.01
CA GLU A 74 -3.02 6.26 7.75
C GLU A 74 -2.28 7.45 7.16
N GLU A 75 -1.08 7.20 6.61
CA GLU A 75 -0.30 8.28 6.01
C GLU A 75 -0.81 8.56 4.60
N MET A 76 -1.30 7.51 3.94
CA MET A 76 -1.86 7.62 2.60
C MET A 76 -3.09 8.52 2.66
N LEU A 77 -3.95 8.25 3.63
CA LEU A 77 -5.17 9.05 3.81
C LEU A 77 -4.80 10.49 4.14
N ASP A 78 -3.77 10.65 4.97
CA ASP A 78 -3.30 11.97 5.35
C ASP A 78 -2.81 12.73 4.12
N ASN A 79 -2.00 12.05 3.31
CA ASN A 79 -1.45 12.65 2.09
C ASN A 79 -2.55 13.00 1.10
N ARG A 80 -3.52 12.09 0.97
CA ARG A 80 -4.65 12.30 0.06
C ARG A 80 -5.50 13.47 0.54
N ALA A 81 -5.67 13.58 1.85
CA ALA A 81 -6.48 14.66 2.45
C ALA A 81 -5.85 16.01 2.17
N THR A 82 -6.69 17.00 1.87
CA THR A 82 -6.23 18.36 1.58
C THR A 82 -6.68 19.37 2.66
N LEU A 83 -7.13 18.86 3.81
CA LEU A 83 -7.59 19.71 4.90
C LEU A 83 -6.45 20.61 5.39
N GLN A 84 -5.25 20.04 5.48
CA GLN A 84 -4.08 20.79 5.94
C GLN A 84 -2.84 20.36 5.15
#